data_1I3U
# 
_entry.id   1I3U 
# 
_audit_conform.dict_name       mmcif_pdbx.dic 
_audit_conform.dict_version    5.389 
_audit_conform.dict_location   http://mmcif.pdb.org/dictionaries/ascii/mmcif_pdbx.dic 
# 
loop_
_database_2.database_id 
_database_2.database_code 
_database_2.pdbx_database_accession 
_database_2.pdbx_DOI 
PDB   1I3U         pdb_00001i3u 10.2210/pdb1i3u/pdb 
RCSB  RCSB012869   ?            ?                   
WWPDB D_1000012869 ?            ?                   
# 
loop_
_pdbx_audit_revision_history.ordinal 
_pdbx_audit_revision_history.data_content_type 
_pdbx_audit_revision_history.major_revision 
_pdbx_audit_revision_history.minor_revision 
_pdbx_audit_revision_history.revision_date 
1 'Structure model' 1 0 2001-08-08 
2 'Structure model' 1 1 2008-04-27 
3 'Structure model' 1 2 2011-07-13 
4 'Structure model' 1 3 2024-04-03 
# 
_pdbx_audit_revision_details.ordinal             1 
_pdbx_audit_revision_details.revision_ordinal    1 
_pdbx_audit_revision_details.data_content_type   'Structure model' 
_pdbx_audit_revision_details.provider            repository 
_pdbx_audit_revision_details.type                'Initial release' 
_pdbx_audit_revision_details.description         ? 
_pdbx_audit_revision_details.details             ? 
# 
loop_
_pdbx_audit_revision_group.ordinal 
_pdbx_audit_revision_group.revision_ordinal 
_pdbx_audit_revision_group.data_content_type 
_pdbx_audit_revision_group.group 
1 2 'Structure model' 'Version format compliance' 
2 3 'Structure model' 'Version format compliance' 
3 4 'Structure model' 'Data collection'           
4 4 'Structure model' 'Database references'       
5 4 'Structure model' 'Derived calculations'      
6 4 'Structure model' 'Refinement description'    
# 
loop_
_pdbx_audit_revision_category.ordinal 
_pdbx_audit_revision_category.revision_ordinal 
_pdbx_audit_revision_category.data_content_type 
_pdbx_audit_revision_category.category 
1 4 'Structure model' chem_comp_atom                
2 4 'Structure model' chem_comp_bond                
3 4 'Structure model' database_2                    
4 4 'Structure model' pdbx_initial_refinement_model 
5 4 'Structure model' struct_conn                   
6 4 'Structure model' struct_site                   
# 
loop_
_pdbx_audit_revision_item.ordinal 
_pdbx_audit_revision_item.revision_ordinal 
_pdbx_audit_revision_item.data_content_type 
_pdbx_audit_revision_item.item 
1 4 'Structure model' '_database_2.pdbx_DOI'                
2 4 'Structure model' '_database_2.pdbx_database_accession' 
3 4 'Structure model' '_struct_conn.pdbx_leaving_atom_flag' 
4 4 'Structure model' '_struct_site.pdbx_auth_asym_id'      
5 4 'Structure model' '_struct_site.pdbx_auth_comp_id'      
6 4 'Structure model' '_struct_site.pdbx_auth_seq_id'       
# 
_pdbx_database_status.status_code                     REL 
_pdbx_database_status.entry_id                        1I3U 
_pdbx_database_status.recvd_initial_deposition_date   2001-02-16 
_pdbx_database_status.deposit_site                    RCSB 
_pdbx_database_status.process_site                    RCSB 
_pdbx_database_status.status_code_sf                  REL 
_pdbx_database_status.SG_entry                        . 
_pdbx_database_status.pdb_format_compatible           Y 
_pdbx_database_status.status_code_mr                  ? 
_pdbx_database_status.status_code_cs                  ? 
_pdbx_database_status.status_code_nmr_data            ? 
_pdbx_database_status.methods_development_category    ? 
# 
_pdbx_database_related.db_name        PDB 
_pdbx_database_related.db_id          1I3V 
_pdbx_database_related.details        
;Three-dimensional Structure of 
a Lama VHH domain unliganded
;
_pdbx_database_related.content_type   unspecified 
# 
loop_
_audit_author.name 
_audit_author.pdbx_ordinal 
'Spinelli, S.'  1 
'Tegoni, M.'    2 
'Frenken, L.'   3 
'van Vliet, C.' 4 
'Cambillau, C.' 5 
# 
_citation.id                        primary 
_citation.title                     'Lateral recognition of a dye hapten by a llama VHH domain.' 
_citation.journal_abbrev            J.Mol.Biol. 
_citation.journal_volume            311 
_citation.page_first                123 
_citation.page_last                 129 
_citation.year                      2001 
_citation.journal_id_ASTM           JMOBAK 
_citation.country                   UK 
_citation.journal_id_ISSN           0022-2836 
_citation.journal_id_CSD            0070 
_citation.book_publisher            ? 
_citation.pdbx_database_id_PubMed   11469862 
_citation.pdbx_database_id_DOI      10.1006/jmbi.2001.4856 
# 
loop_
_citation_author.citation_id 
_citation_author.name 
_citation_author.ordinal 
_citation_author.identifier_ORCID 
primary 'Spinelli, S.'  1 ? 
primary 'Tegoni, M.'    2 ? 
primary 'Frenken, L.'   3 ? 
primary 'van Vliet, C.' 4 ? 
primary 'Cambillau, C.' 5 ? 
# 
loop_
_entity.id 
_entity.type 
_entity.src_method 
_entity.pdbx_description 
_entity.formula_weight 
_entity.pdbx_number_of_molecules 
_entity.pdbx_ec 
_entity.pdbx_mutation 
_entity.pdbx_fragment 
_entity.details 
1 polymer     man 'ANTIBODY VHH LAMA DOMAIN'                                                                                 
13842.268 1   ? ? ? ? 
2 non-polymer syn 'SULFATE ION'                                                                                              
96.063    1   ? ? ? ? 
3 non-polymer syn '5-(4,6-DIAMINO-[1,3,5]TRIAZIN-2-YLAMINO)-4-HYDROXY-3-(2-SULFO-PHENYLAZO)-NAPHTHALENE-2,7-DISULFONIC ACID' 
612.573   1   ? ? ? ? 
4 water       nat water                                                                                                      
18.015    164 ? ? ? ? 
# 
_entity_poly.entity_id                      1 
_entity_poly.type                           'polypeptide(L)' 
_entity_poly.nstd_linkage                   no 
_entity_poly.nstd_monomer                   yes 
_entity_poly.pdbx_seq_one_letter_code       
;(CGN)VQLQESGGGLVQAGDSLKLSCEASGDSIGTYVIGWFRQAPGKERIYLATIGRNLVGPSDFYTRYADSVKGRFAVS
RDNAKNTVNLQMNSLKPEDTAVYYCAAKTTTWGGNDPNNWNYWGQGTQVTV
;
_entity_poly.pdbx_seq_one_letter_code_can   
;XVQLQESGGGLVQAGDSLKLSCEASGDSIGTYVIGWFRQAPGKERIYLATIGRNLVGPSDFYTRYADSVKGRFAVSRDNA
KNTVNLQMNSLKPEDTAVYYCAAKTTTWGGNDPNNWNYWGQGTQVTV
;
_entity_poly.pdbx_strand_id                 A 
_entity_poly.pdbx_target_identifier         ? 
# 
loop_
_pdbx_entity_nonpoly.entity_id 
_pdbx_entity_nonpoly.name 
_pdbx_entity_nonpoly.comp_id 
2 'SULFATE ION'                                                                                              SO4 
3 '5-(4,6-DIAMINO-[1,3,5]TRIAZIN-2-YLAMINO)-4-HYDROXY-3-(2-SULFO-PHENYLAZO)-NAPHTHALENE-2,7-DISULFONIC ACID' RR1 
4 water                                                                                                      HOH 
# 
loop_
_entity_poly_seq.entity_id 
_entity_poly_seq.num 
_entity_poly_seq.mon_id 
_entity_poly_seq.hetero 
1 1   CGN n 
1 2   VAL n 
1 3   GLN n 
1 4   LEU n 
1 5   GLN n 
1 6   GLU n 
1 7   SER n 
1 8   GLY n 
1 9   GLY n 
1 10  GLY n 
1 11  LEU n 
1 12  VAL n 
1 13  GLN n 
1 14  ALA n 
1 15  GLY n 
1 16  ASP n 
1 17  SER n 
1 18  LEU n 
1 19  LYS n 
1 20  LEU n 
1 21  SER n 
1 22  CYS n 
1 23  GLU n 
1 24  ALA n 
1 25  SER n 
1 26  GLY n 
1 27  ASP n 
1 28  SER n 
1 29  ILE n 
1 30  GLY n 
1 31  THR n 
1 32  TYR n 
1 33  VAL n 
1 34  ILE n 
1 35  GLY n 
1 36  TRP n 
1 37  PHE n 
1 38  ARG n 
1 39  GLN n 
1 40  ALA n 
1 41  PRO n 
1 42  GLY n 
1 43  LYS n 
1 44  GLU n 
1 45  ARG n 
1 46  ILE n 
1 47  TYR n 
1 48  LEU n 
1 49  ALA n 
1 50  THR n 
1 51  ILE n 
1 52  GLY n 
1 53  ARG n 
1 54  ASN n 
1 55  LEU n 
1 56  VAL n 
1 57  GLY n 
1 58  PRO n 
1 59  SER n 
1 60  ASP n 
1 61  PHE n 
1 62  TYR n 
1 63  THR n 
1 64  ARG n 
1 65  TYR n 
1 66  ALA n 
1 67  ASP n 
1 68  SER n 
1 69  VAL n 
1 70  LYS n 
1 71  GLY n 
1 72  ARG n 
1 73  PHE n 
1 74  ALA n 
1 75  VAL n 
1 76  SER n 
1 77  ARG n 
1 78  ASP n 
1 79  ASN n 
1 80  ALA n 
1 81  LYS n 
1 82  ASN n 
1 83  THR n 
1 84  VAL n 
1 85  ASN n 
1 86  LEU n 
1 87  GLN n 
1 88  MET n 
1 89  ASN n 
1 90  SER n 
1 91  LEU n 
1 92  LYS n 
1 93  PRO n 
1 94  GLU n 
1 95  ASP n 
1 96  THR n 
1 97  ALA n 
1 98  VAL n 
1 99  TYR n 
1 100 TYR n 
1 101 CYS n 
1 102 ALA n 
1 103 ALA n 
1 104 LYS n 
1 105 THR n 
1 106 THR n 
1 107 THR n 
1 108 TRP n 
1 109 GLY n 
1 110 GLY n 
1 111 ASN n 
1 112 ASP n 
1 113 PRO n 
1 114 ASN n 
1 115 ASN n 
1 116 TRP n 
1 117 ASN n 
1 118 TYR n 
1 119 TRP n 
1 120 GLY n 
1 121 GLN n 
1 122 GLY n 
1 123 THR n 
1 124 GLN n 
1 125 VAL n 
1 126 THR n 
1 127 VAL n 
# 
_entity_src_gen.entity_id                          1 
_entity_src_gen.pdbx_src_id                        1 
_entity_src_gen.pdbx_alt_source_flag               sample 
_entity_src_gen.pdbx_seq_type                      ? 
_entity_src_gen.pdbx_beg_seq_num                   ? 
_entity_src_gen.pdbx_end_seq_num                   ? 
_entity_src_gen.gene_src_common_name               llama 
_entity_src_gen.gene_src_genus                     Lama 
_entity_src_gen.pdbx_gene_src_gene                 ? 
_entity_src_gen.gene_src_species                   ? 
_entity_src_gen.gene_src_strain                    ? 
_entity_src_gen.gene_src_tissue                    ? 
_entity_src_gen.gene_src_tissue_fraction           ? 
_entity_src_gen.gene_src_details                   ? 
_entity_src_gen.pdbx_gene_src_fragment             ? 
_entity_src_gen.pdbx_gene_src_scientific_name      'Lama glama' 
_entity_src_gen.pdbx_gene_src_ncbi_taxonomy_id     9844 
_entity_src_gen.pdbx_gene_src_variant              ? 
_entity_src_gen.pdbx_gene_src_cell_line            ? 
_entity_src_gen.pdbx_gene_src_atcc                 ? 
_entity_src_gen.pdbx_gene_src_organ                ? 
_entity_src_gen.pdbx_gene_src_organelle            ? 
_entity_src_gen.pdbx_gene_src_cell                 ? 
_entity_src_gen.pdbx_gene_src_cellular_location    ? 
_entity_src_gen.host_org_common_name               ? 
_entity_src_gen.pdbx_host_org_scientific_name      'Escherichia coli' 
_entity_src_gen.pdbx_host_org_ncbi_taxonomy_id     562 
_entity_src_gen.host_org_genus                     Escherichia 
_entity_src_gen.pdbx_host_org_gene                 ? 
_entity_src_gen.pdbx_host_org_organ                ? 
_entity_src_gen.host_org_species                   ? 
_entity_src_gen.pdbx_host_org_tissue               ? 
_entity_src_gen.pdbx_host_org_tissue_fraction      ? 
_entity_src_gen.pdbx_host_org_strain               ? 
_entity_src_gen.pdbx_host_org_variant              ? 
_entity_src_gen.pdbx_host_org_cell_line            ? 
_entity_src_gen.pdbx_host_org_atcc                 ? 
_entity_src_gen.pdbx_host_org_culture_collection   ? 
_entity_src_gen.pdbx_host_org_cell                 ? 
_entity_src_gen.pdbx_host_org_organelle            ? 
_entity_src_gen.pdbx_host_org_cellular_location    ? 
_entity_src_gen.pdbx_host_org_vector_type          ? 
_entity_src_gen.pdbx_host_org_vector               ? 
_entity_src_gen.host_org_details                   ? 
_entity_src_gen.expression_system_id               ? 
_entity_src_gen.plasmid_name                       ? 
_entity_src_gen.plasmid_details                    ? 
_entity_src_gen.pdbx_description                   ? 
# 
loop_
_chem_comp.id 
_chem_comp.type 
_chem_comp.mon_nstd_flag 
_chem_comp.name 
_chem_comp.pdbx_synonyms 
_chem_comp.formula 
_chem_comp.formula_weight 
ALA 'L-peptide linking' y ALANINE ?                    'C3 H7 N O2'        89.093  
ARG 'L-peptide linking' y ARGININE ?                    'C6 H15 N4 O2 1'    175.209 
ASN 'L-peptide linking' y ASPARAGINE ?                    'C4 H8 N2 O3'       132.118 
ASP 'L-peptide linking' y 'ASPARTIC ACID' ?                    'C4 H7 N O4'        133.103 
CGN non-polymer         . 5-OXO-PYRROLIDINE-2-CARBALDEHYDE ?                    'C5 H7 N O2'        113.115 
CYS 'L-peptide linking' y CYSTEINE ?                    'C3 H7 N O2 S'      121.158 
GLN 'L-peptide linking' y GLUTAMINE ?                    'C5 H10 N2 O3'      146.144 
GLU 'L-peptide linking' y 'GLUTAMIC ACID' ?                    'C5 H9 N O4'        147.129 
GLY 'peptide linking'   y GLYCINE ?                    'C2 H5 N O2'        75.067  
HOH non-polymer         . WATER ?                    'H2 O'              18.015  
ILE 'L-peptide linking' y ISOLEUCINE ?                    'C6 H13 N O2'       131.173 
LEU 'L-peptide linking' y LEUCINE ?                    'C6 H13 N O2'       131.173 
LYS 'L-peptide linking' y LYSINE ?                    'C6 H15 N2 O2 1'    147.195 
MET 'L-peptide linking' y METHIONINE ?                    'C5 H11 N O2 S'     149.211 
PHE 'L-peptide linking' y PHENYLALANINE ?                    'C9 H11 N O2'       165.189 
PRO 'L-peptide linking' y PROLINE ?                    'C5 H9 N O2'        115.130 
RR1 non-polymer         . 
'5-(4,6-DIAMINO-[1,3,5]TRIAZIN-2-YLAMINO)-4-HYDROXY-3-(2-SULFO-PHENYLAZO)-NAPHTHALENE-2,7-DISULFONIC ACID' 'REACTIVE RED 1 DYE' 
'C19 H16 N8 O10 S3' 612.573 
SER 'L-peptide linking' y SERINE ?                    'C3 H7 N O3'        105.093 
SO4 non-polymer         . 'SULFATE ION' ?                    'O4 S -2'           96.063  
THR 'L-peptide linking' y THREONINE ?                    'C4 H9 N O3'        119.119 
TRP 'L-peptide linking' y TRYPTOPHAN ?                    'C11 H12 N2 O2'     204.225 
TYR 'L-peptide linking' y TYROSINE ?                    'C9 H11 N O3'       181.189 
VAL 'L-peptide linking' y VALINE ?                    'C5 H11 N O2'       117.146 
# 
loop_
_pdbx_poly_seq_scheme.asym_id 
_pdbx_poly_seq_scheme.entity_id 
_pdbx_poly_seq_scheme.seq_id 
_pdbx_poly_seq_scheme.mon_id 
_pdbx_poly_seq_scheme.ndb_seq_num 
_pdbx_poly_seq_scheme.pdb_seq_num 
_pdbx_poly_seq_scheme.auth_seq_num 
_pdbx_poly_seq_scheme.pdb_mon_id 
_pdbx_poly_seq_scheme.auth_mon_id 
_pdbx_poly_seq_scheme.pdb_strand_id 
_pdbx_poly_seq_scheme.pdb_ins_code 
_pdbx_poly_seq_scheme.hetero 
A 1 1   CGN 1   1   1   CGN PGL A . n 
A 1 2   VAL 2   2   2   VAL VAL A . n 
A 1 3   GLN 3   3   3   GLN GLN A . n 
A 1 4   LEU 4   4   4   LEU LEU A . n 
A 1 5   GLN 5   5   5   GLN GLN A . n 
A 1 6   GLU 6   6   6   GLU GLU A . n 
A 1 7   SER 7   7   7   SER SER A . n 
A 1 8   GLY 8   8   8   GLY GLY A . n 
A 1 9   GLY 9   9   9   GLY GLY A . n 
A 1 10  GLY 10  10  10  GLY GLY A . n 
A 1 11  LEU 11  11  11  LEU LEU A . n 
A 1 12  VAL 12  12  12  VAL VAL A . n 
A 1 13  GLN 13  13  13  GLN GLN A . n 
A 1 14  ALA 14  14  14  ALA ALA A . n 
A 1 15  GLY 15  15  15  GLY GLY A . n 
A 1 16  ASP 16  16  16  ASP ASP A . n 
A 1 17  SER 17  17  17  SER SER A . n 
A 1 18  LEU 18  18  18  LEU LEU A . n 
A 1 19  LYS 19  19  19  LYS LYS A . n 
A 1 20  LEU 20  20  20  LEU LEU A . n 
A 1 21  SER 21  21  21  SER SER A . n 
A 1 22  CYS 22  22  22  CYS CYS A . n 
A 1 23  GLU 23  23  23  GLU GLU A . n 
A 1 24  ALA 24  24  24  ALA ALA A . n 
A 1 25  SER 25  25  25  SER SER A . n 
A 1 26  GLY 26  26  26  GLY GLY A . n 
A 1 27  ASP 27  27  27  ASP ASP A . n 
A 1 28  SER 28  28  28  SER SER A . n 
A 1 29  ILE 29  29  29  ILE ILE A . n 
A 1 30  GLY 30  30  30  GLY GLY A . n 
A 1 31  THR 31  31  31  THR THR A . n 
A 1 32  TYR 32  32  32  TYR TYR A . n 
A 1 33  VAL 33  33  33  VAL VAL A . n 
A 1 34  ILE 34  34  34  ILE ILE A . n 
A 1 35  GLY 35  35  35  GLY GLY A . n 
A 1 36  TRP 36  36  36  TRP TRP A . n 
A 1 37  PHE 37  37  37  PHE PHE A . n 
A 1 38  ARG 38  38  38  ARG ARG A . n 
A 1 39  GLN 39  39  39  GLN GLN A . n 
A 1 40  ALA 40  40  40  ALA ALA A . n 
A 1 41  PRO 41  41  41  PRO PRO A . n 
A 1 42  GLY 42  42  42  GLY GLY A . n 
A 1 43  LYS 43  43  43  LYS LYS A . n 
A 1 44  GLU 44  44  44  GLU GLU A . n 
A 1 45  ARG 45  45  45  ARG ARG A . n 
A 1 46  ILE 46  46  46  ILE ILE A . n 
A 1 47  TYR 47  47  47  TYR TYR A . n 
A 1 48  LEU 48  48  48  LEU LEU A . n 
A 1 49  ALA 49  49  49  ALA ALA A . n 
A 1 50  THR 50  50  50  THR THR A . n 
A 1 51  ILE 51  51  51  ILE ILE A . n 
A 1 52  GLY 52  52  52  GLY GLY A . n 
A 1 53  ARG 53  53  53  ARG ARG A . n 
A 1 54  ASN 54  54  54  ASN ASN A . n 
A 1 55  LEU 55  55  55  LEU LEU A . n 
A 1 56  VAL 56  56  56  VAL VAL A . n 
A 1 57  GLY 57  57  57  GLY GLY A . n 
A 1 58  PRO 58  58  58  PRO PRO A . n 
A 1 59  SER 59  59  59  SER SER A . n 
A 1 60  ASP 60  60  60  ASP ASP A . n 
A 1 61  PHE 61  61  61  PHE PHE A . n 
A 1 62  TYR 62  62  62  TYR TYR A . n 
A 1 63  THR 63  63  63  THR THR A . n 
A 1 64  ARG 64  64  64  ARG ARG A . n 
A 1 65  TYR 65  65  65  TYR TYR A . n 
A 1 66  ALA 66  66  66  ALA ALA A . n 
A 1 67  ASP 67  67  67  ASP ASP A . n 
A 1 68  SER 68  68  68  SER SER A . n 
A 1 69  VAL 69  69  69  VAL VAL A . n 
A 1 70  LYS 70  70  70  LYS LYS A . n 
A 1 71  GLY 71  71  71  GLY GLY A . n 
A 1 72  ARG 72  72  72  ARG ARG A . n 
A 1 73  PHE 73  73  73  PHE PHE A . n 
A 1 74  ALA 74  74  74  ALA ALA A . n 
A 1 75  VAL 75  75  75  VAL VAL A . n 
A 1 76  SER 76  76  76  SER SER A . n 
A 1 77  ARG 77  77  77  ARG ARG A . n 
A 1 78  ASP 78  78  78  ASP ASP A . n 
A 1 79  ASN 79  79  79  ASN ASN A . n 
A 1 80  ALA 80  80  80  ALA ALA A . n 
A 1 81  LYS 81  81  81  LYS LYS A . n 
A 1 82  ASN 82  82  82  ASN ASN A . n 
A 1 83  THR 83  83  83  THR THR A . n 
A 1 84  VAL 84  84  84  VAL VAL A . n 
A 1 85  ASN 85  85  85  ASN ASN A . n 
A 1 86  LEU 86  86  86  LEU LEU A . n 
A 1 87  GLN 87  87  87  GLN GLN A . n 
A 1 88  MET 88  88  88  MET MET A . n 
A 1 89  ASN 89  89  89  ASN ASN A . n 
A 1 90  SER 90  90  90  SER SER A . n 
A 1 91  LEU 91  91  91  LEU LEU A . n 
A 1 92  LYS 92  92  92  LYS LYS A . n 
A 1 93  PRO 93  93  93  PRO PRO A . n 
A 1 94  GLU 94  94  94  GLU GLU A . n 
A 1 95  ASP 95  95  95  ASP ASP A . n 
A 1 96  THR 96  96  96  THR THR A . n 
A 1 97  ALA 97  97  97  ALA ALA A . n 
A 1 98  VAL 98  98  98  VAL VAL A . n 
A 1 99  TYR 99  99  99  TYR TYR A . n 
A 1 100 TYR 100 100 100 TYR TYR A . n 
A 1 101 CYS 101 101 101 CYS CYS A . n 
A 1 102 ALA 102 102 102 ALA ALA A . n 
A 1 103 ALA 103 103 103 ALA ALA A . n 
A 1 104 LYS 104 104 104 LYS LYS A . n 
A 1 105 THR 105 105 105 THR THR A . n 
A 1 106 THR 106 106 106 THR THR A . n 
A 1 107 THR 107 107 107 THR THR A . n 
A 1 108 TRP 108 108 108 TRP TRP A . n 
A 1 109 GLY 109 109 109 GLY GLY A . n 
A 1 110 GLY 110 110 110 GLY GLY A . n 
A 1 111 ASN 111 111 111 ASN ASN A . n 
A 1 112 ASP 112 112 112 ASP ASP A . n 
A 1 113 PRO 113 113 113 PRO PRO A . n 
A 1 114 ASN 114 114 114 ASN ASN A . n 
A 1 115 ASN 115 115 115 ASN ASN A . n 
A 1 116 TRP 116 116 116 TRP TRP A . n 
A 1 117 ASN 117 117 117 ASN ASN A . n 
A 1 118 TYR 118 118 118 TYR TYR A . n 
A 1 119 TRP 119 119 119 TRP TRP A . n 
A 1 120 GLY 120 120 120 GLY GLY A . n 
A 1 121 GLN 121 121 121 GLN GLN A . n 
A 1 122 GLY 122 122 122 GLY GLY A . n 
A 1 123 THR 123 123 123 THR THR A . n 
A 1 124 GLN 124 124 124 GLN GLN A . n 
A 1 125 VAL 125 125 125 VAL VAL A . n 
A 1 126 THR 126 126 126 THR THR A . n 
A 1 127 VAL 127 127 127 VAL VAL A . n 
# 
loop_
_pdbx_nonpoly_scheme.asym_id 
_pdbx_nonpoly_scheme.entity_id 
_pdbx_nonpoly_scheme.mon_id 
_pdbx_nonpoly_scheme.ndb_seq_num 
_pdbx_nonpoly_scheme.pdb_seq_num 
_pdbx_nonpoly_scheme.auth_seq_num 
_pdbx_nonpoly_scheme.pdb_mon_id 
_pdbx_nonpoly_scheme.auth_mon_id 
_pdbx_nonpoly_scheme.pdb_strand_id 
_pdbx_nonpoly_scheme.pdb_ins_code 
B 2 SO4 1   402 1   SO4 SO4 A . 
C 3 RR1 1   401 1   RR1 RR1 A . 
D 4 HOH 1   201 201 HOH WAT A . 
D 4 HOH 2   202 202 HOH WAT A . 
D 4 HOH 3   203 203 HOH WAT A . 
D 4 HOH 4   204 204 HOH WAT A . 
D 4 HOH 5   205 205 HOH WAT A . 
D 4 HOH 6   206 206 HOH WAT A . 
D 4 HOH 7   207 207 HOH WAT A . 
D 4 HOH 8   208 208 HOH WAT A . 
D 4 HOH 9   209 209 HOH WAT A . 
D 4 HOH 10  210 210 HOH WAT A . 
D 4 HOH 11  211 211 HOH WAT A . 
D 4 HOH 12  212 212 HOH WAT A . 
D 4 HOH 13  213 213 HOH WAT A . 
D 4 HOH 14  214 214 HOH WAT A . 
D 4 HOH 15  215 215 HOH WAT A . 
D 4 HOH 16  216 216 HOH WAT A . 
D 4 HOH 17  217 217 HOH WAT A . 
D 4 HOH 18  218 218 HOH WAT A . 
D 4 HOH 19  219 219 HOH WAT A . 
D 4 HOH 20  220 220 HOH WAT A . 
D 4 HOH 21  221 221 HOH WAT A . 
D 4 HOH 22  222 222 HOH WAT A . 
D 4 HOH 23  223 223 HOH WAT A . 
D 4 HOH 24  224 224 HOH WAT A . 
D 4 HOH 25  225 225 HOH WAT A . 
D 4 HOH 26  226 226 HOH WAT A . 
D 4 HOH 27  227 227 HOH WAT A . 
D 4 HOH 28  228 228 HOH WAT A . 
D 4 HOH 29  229 229 HOH WAT A . 
D 4 HOH 30  230 230 HOH WAT A . 
D 4 HOH 31  231 231 HOH WAT A . 
D 4 HOH 32  232 232 HOH WAT A . 
D 4 HOH 33  233 233 HOH WAT A . 
D 4 HOH 34  234 234 HOH WAT A . 
D 4 HOH 35  235 235 HOH WAT A . 
D 4 HOH 36  236 236 HOH WAT A . 
D 4 HOH 37  237 237 HOH WAT A . 
D 4 HOH 38  238 238 HOH WAT A . 
D 4 HOH 39  239 239 HOH WAT A . 
D 4 HOH 40  240 240 HOH WAT A . 
D 4 HOH 41  241 241 HOH WAT A . 
D 4 HOH 42  242 242 HOH WAT A . 
D 4 HOH 43  243 243 HOH WAT A . 
D 4 HOH 44  244 244 HOH WAT A . 
D 4 HOH 45  245 245 HOH WAT A . 
D 4 HOH 46  246 246 HOH WAT A . 
D 4 HOH 47  247 247 HOH WAT A . 
D 4 HOH 48  248 248 HOH WAT A . 
D 4 HOH 49  249 249 HOH WAT A . 
D 4 HOH 50  250 250 HOH WAT A . 
D 4 HOH 51  251 251 HOH WAT A . 
D 4 HOH 52  252 252 HOH WAT A . 
D 4 HOH 53  253 253 HOH WAT A . 
D 4 HOH 54  254 254 HOH WAT A . 
D 4 HOH 55  255 255 HOH WAT A . 
D 4 HOH 56  256 256 HOH WAT A . 
D 4 HOH 57  257 257 HOH WAT A . 
D 4 HOH 58  258 258 HOH WAT A . 
D 4 HOH 59  259 259 HOH WAT A . 
D 4 HOH 60  260 260 HOH WAT A . 
D 4 HOH 61  261 261 HOH WAT A . 
D 4 HOH 62  262 262 HOH WAT A . 
D 4 HOH 63  263 263 HOH WAT A . 
D 4 HOH 64  264 264 HOH WAT A . 
D 4 HOH 65  265 265 HOH WAT A . 
D 4 HOH 66  266 266 HOH WAT A . 
D 4 HOH 67  267 267 HOH WAT A . 
D 4 HOH 68  268 268 HOH WAT A . 
D 4 HOH 69  269 269 HOH WAT A . 
D 4 HOH 70  270 270 HOH WAT A . 
D 4 HOH 71  271 271 HOH WAT A . 
D 4 HOH 72  272 272 HOH WAT A . 
D 4 HOH 73  273 273 HOH WAT A . 
D 4 HOH 74  274 274 HOH WAT A . 
D 4 HOH 75  275 275 HOH WAT A . 
D 4 HOH 76  276 276 HOH WAT A . 
D 4 HOH 77  277 277 HOH WAT A . 
D 4 HOH 78  278 278 HOH WAT A . 
D 4 HOH 79  279 279 HOH WAT A . 
D 4 HOH 80  280 280 HOH WAT A . 
D 4 HOH 81  281 281 HOH WAT A . 
D 4 HOH 82  282 282 HOH WAT A . 
D 4 HOH 83  283 283 HOH WAT A . 
D 4 HOH 84  284 284 HOH WAT A . 
D 4 HOH 85  285 285 HOH WAT A . 
D 4 HOH 86  286 286 HOH WAT A . 
D 4 HOH 87  287 287 HOH WAT A . 
D 4 HOH 88  288 288 HOH WAT A . 
D 4 HOH 89  289 289 HOH WAT A . 
D 4 HOH 90  290 290 HOH WAT A . 
D 4 HOH 91  291 291 HOH WAT A . 
D 4 HOH 92  292 292 HOH WAT A . 
D 4 HOH 93  293 293 HOH WAT A . 
D 4 HOH 94  294 294 HOH WAT A . 
D 4 HOH 95  295 295 HOH WAT A . 
D 4 HOH 96  296 296 HOH WAT A . 
D 4 HOH 97  297 297 HOH WAT A . 
D 4 HOH 98  298 298 HOH WAT A . 
D 4 HOH 99  299 299 HOH WAT A . 
D 4 HOH 100 300 300 HOH WAT A . 
D 4 HOH 101 301 301 HOH WAT A . 
D 4 HOH 102 302 302 HOH WAT A . 
D 4 HOH 103 303 303 HOH WAT A . 
D 4 HOH 104 304 304 HOH WAT A . 
D 4 HOH 105 305 305 HOH WAT A . 
D 4 HOH 106 306 306 HOH WAT A . 
D 4 HOH 107 307 307 HOH WAT A . 
D 4 HOH 108 308 308 HOH WAT A . 
D 4 HOH 109 309 309 HOH WAT A . 
D 4 HOH 110 310 310 HOH WAT A . 
D 4 HOH 111 311 311 HOH WAT A . 
D 4 HOH 112 312 312 HOH WAT A . 
D 4 HOH 113 313 313 HOH WAT A . 
D 4 HOH 114 314 314 HOH WAT A . 
D 4 HOH 115 315 315 HOH WAT A . 
D 4 HOH 116 316 316 HOH WAT A . 
D 4 HOH 117 317 317 HOH WAT A . 
D 4 HOH 118 318 318 HOH WAT A . 
D 4 HOH 119 319 319 HOH WAT A . 
D 4 HOH 120 320 320 HOH WAT A . 
D 4 HOH 121 321 321 HOH WAT A . 
D 4 HOH 122 322 322 HOH WAT A . 
D 4 HOH 123 323 323 HOH WAT A . 
D 4 HOH 124 324 324 HOH WAT A . 
D 4 HOH 125 325 325 HOH WAT A . 
D 4 HOH 126 326 326 HOH WAT A . 
D 4 HOH 127 327 327 HOH WAT A . 
D 4 HOH 128 328 328 HOH WAT A . 
D 4 HOH 129 329 329 HOH WAT A . 
D 4 HOH 130 330 330 HOH WAT A . 
D 4 HOH 131 331 331 HOH WAT A . 
D 4 HOH 132 332 332 HOH WAT A . 
D 4 HOH 133 333 333 HOH WAT A . 
D 4 HOH 134 334 334 HOH WAT A . 
D 4 HOH 135 335 335 HOH WAT A . 
D 4 HOH 136 336 336 HOH WAT A . 
D 4 HOH 137 337 337 HOH WAT A . 
D 4 HOH 138 338 338 HOH WAT A . 
D 4 HOH 139 339 339 HOH WAT A . 
D 4 HOH 140 340 340 HOH WAT A . 
D 4 HOH 141 341 341 HOH WAT A . 
D 4 HOH 142 342 342 HOH WAT A . 
D 4 HOH 143 343 343 HOH WAT A . 
D 4 HOH 144 344 344 HOH WAT A . 
D 4 HOH 145 345 345 HOH WAT A . 
D 4 HOH 146 346 346 HOH WAT A . 
D 4 HOH 147 347 347 HOH WAT A . 
D 4 HOH 148 348 348 HOH WAT A . 
D 4 HOH 149 349 349 HOH WAT A . 
D 4 HOH 150 350 350 HOH WAT A . 
D 4 HOH 151 351 351 HOH WAT A . 
D 4 HOH 152 352 352 HOH WAT A . 
D 4 HOH 153 353 353 HOH WAT A . 
D 4 HOH 154 354 354 HOH WAT A . 
D 4 HOH 155 355 355 HOH WAT A . 
D 4 HOH 156 356 356 HOH WAT A . 
D 4 HOH 157 357 357 HOH WAT A . 
D 4 HOH 158 358 358 HOH WAT A . 
D 4 HOH 159 359 359 HOH WAT A . 
D 4 HOH 160 360 360 HOH WAT A . 
D 4 HOH 161 361 361 HOH WAT A . 
D 4 HOH 162 362 362 HOH WAT A . 
D 4 HOH 163 363 363 HOH WAT A . 
D 4 HOH 164 364 364 HOH WAT A . 
# 
loop_
_software.name 
_software.classification 
_software.version 
_software.citation_id 
_software.pdbx_ordinal 
DENZO 'data reduction' .         ? 1 
SCALA 'data scaling'   .         ? 2 
AMoRE phasing          .         ? 3 
CNS   refinement       1.0       ? 4 
CCP4  'data scaling'   '(SCALA)' ? 5 
# 
_cell.entry_id           1I3U 
_cell.length_a           77.435 
_cell.length_b           77.435 
_cell.length_c           175.019 
_cell.angle_alpha        90.00 
_cell.angle_beta         90.00 
_cell.angle_gamma        120.00 
_cell.Z_PDB              18 
_cell.pdbx_unique_axis   ? 
# 
_symmetry.entry_id                         1I3U 
_symmetry.space_group_name_H-M             'H 3 2' 
_symmetry.pdbx_full_space_group_name_H-M   ? 
_symmetry.cell_setting                     ? 
_symmetry.Int_Tables_number                155 
# 
_exptl.entry_id          1I3U 
_exptl.method            'X-RAY DIFFRACTION' 
_exptl.crystals_number   1 
# 
_exptl_crystal.id                    1 
_exptl_crystal.density_meas          ? 
_exptl_crystal.density_Matthews      3.65 
_exptl_crystal.density_percent_sol   66.27 
_exptl_crystal.description           ? 
# 
_exptl_crystal_grow.crystal_id      1 
_exptl_crystal_grow.method          'VAPOR DIFFUSION, HANGING DROP' 
_exptl_crystal_grow.temp            290 
_exptl_crystal_grow.temp_details    ? 
_exptl_crystal_grow.pH              5.5 
_exptl_crystal_grow.pdbx_details    'MME 5000, sodium acetate, pH 5.5, VAPOR DIFFUSION, HANGING DROP, temperature 290K' 
_exptl_crystal_grow.pdbx_pH_range   ? 
# 
_diffrn.id                     1 
_diffrn.ambient_temp           100.0 
_diffrn.ambient_temp_details   ? 
_diffrn.crystal_id             1 
# 
_diffrn_detector.diffrn_id              1 
_diffrn_detector.detector               'IMAGE PLATE' 
_diffrn_detector.type                   MARRESEARCH 
_diffrn_detector.pdbx_collection_date   ? 
_diffrn_detector.details                ? 
# 
_diffrn_radiation.diffrn_id                        1 
_diffrn_radiation.wavelength_id                    1 
_diffrn_radiation.pdbx_monochromatic_or_laue_m_l   M 
_diffrn_radiation.monochromator                    ? 
_diffrn_radiation.pdbx_diffrn_protocol             'SINGLE WAVELENGTH' 
_diffrn_radiation.pdbx_scattering_type             x-ray 
# 
_diffrn_radiation_wavelength.id           1 
_diffrn_radiation_wavelength.wavelength   0.988 
_diffrn_radiation_wavelength.wt           1.0 
# 
_diffrn_source.diffrn_id                   1 
_diffrn_source.source                      SYNCHROTRON 
_diffrn_source.type                        'ESRF BEAMLINE ID2' 
_diffrn_source.pdbx_synchrotron_site       ESRF 
_diffrn_source.pdbx_synchrotron_beamline   ID2 
_diffrn_source.pdbx_wavelength             ? 
_diffrn_source.pdbx_wavelength_list        0.988 
# 
_reflns.entry_id                     1I3U 
_reflns.observed_criterion_sigma_I   0 
_reflns.observed_criterion_sigma_F   0 
_reflns.d_resolution_low             30 
_reflns.d_resolution_high            1.95 
_reflns.number_obs                   15022 
_reflns.number_all                   189080 
_reflns.percent_possible_obs         99.7 
_reflns.pdbx_Rmerge_I_obs            ? 
_reflns.pdbx_Rsym_value              0.057 
_reflns.pdbx_netI_over_sigmaI        4.7 
_reflns.B_iso_Wilson_estimate        20.7 
_reflns.pdbx_redundancy              2.7 
_reflns.R_free_details               ? 
_reflns.limit_h_max                  ? 
_reflns.limit_h_min                  ? 
_reflns.limit_k_max                  ? 
_reflns.limit_k_min                  ? 
_reflns.limit_l_max                  ? 
_reflns.limit_l_min                  ? 
_reflns.observed_criterion_F_max     ? 
_reflns.observed_criterion_F_min     ? 
_reflns.pdbx_diffrn_id               1 
_reflns.pdbx_ordinal                 1 
# 
_reflns_shell.d_res_high             1.95 
_reflns_shell.d_res_low              2.00 
_reflns_shell.percent_possible_all   99.7 
_reflns_shell.Rmerge_I_obs           ? 
_reflns_shell.pdbx_Rsym_value        0.144 
_reflns_shell.meanI_over_sigI_obs    4.7 
_reflns_shell.pdbx_redundancy        2.7 
_reflns_shell.percent_possible_obs   ? 
_reflns_shell.number_unique_all      1088 
_reflns_shell.pdbx_diffrn_id         ? 
_reflns_shell.pdbx_ordinal           1 
# 
_refine.entry_id                                 1I3U 
_refine.ls_number_reflns_obs                     15003 
_refine.ls_number_reflns_all                     0 
_refine.pdbx_ls_sigma_I                          0 
_refine.pdbx_ls_sigma_F                          0 
_refine.pdbx_data_cutoff_high_absF               2310814.65 
_refine.pdbx_data_cutoff_low_absF                0.00 
_refine.ls_d_res_low                             18.50 
_refine.ls_d_res_high                            1.95 
_refine.ls_percent_reflns_obs                    99.3 
_refine.ls_R_factor_obs                          0.232 
_refine.ls_R_factor_all                          ? 
_refine.ls_R_factor_R_work                       0.232 
_refine.ls_R_factor_R_free                       0.266 
_refine.ls_R_factor_R_free_error                 0.008 
_refine.ls_R_factor_R_free_error_details         ? 
_refine.ls_percent_reflns_R_free                 8.0 
_refine.ls_number_reflns_R_free                  1194 
_refine.ls_number_parameters                     ? 
_refine.ls_number_restraints                     ? 
_refine.occupancy_min                            ? 
_refine.occupancy_max                            ? 
_refine.B_iso_mean                               32.2 
_refine.aniso_B[1][1]                            5.94 
_refine.aniso_B[2][2]                            5.94 
_refine.aniso_B[3][3]                            -11.87 
_refine.aniso_B[1][2]                            5.75 
_refine.aniso_B[1][3]                            0.00 
_refine.aniso_B[2][3]                            0.00 
_refine.solvent_model_details                    'FLAT MODEL' 
_refine.solvent_model_param_ksol                 0.364 
_refine.solvent_model_param_bsol                 51.87 
_refine.pdbx_ls_cross_valid_method               THROUGHOUT 
_refine.details                                  ? 
_refine.pdbx_starting_model                      'VHH52 anti-R1 unliganded' 
_refine.pdbx_method_to_determine_struct          'MOLECULAR REPLACEMENT' 
_refine.pdbx_isotropic_thermal_model             RESTRAINED 
_refine.pdbx_stereochemistry_target_values       ? 
_refine.pdbx_stereochem_target_val_spec_case     ? 
_refine.pdbx_R_Free_selection_details            RANDOM 
_refine.pdbx_overall_ESU_R_Free                  ? 
_refine.overall_SU_B                             ? 
_refine.ls_redundancy_reflns_obs                 ? 
_refine.B_iso_min                                ? 
_refine.B_iso_max                                ? 
_refine.correlation_coeff_Fo_to_Fc               ? 
_refine.correlation_coeff_Fo_to_Fc_free          ? 
_refine.overall_SU_R_Cruickshank_DPI             ? 
_refine.overall_SU_R_free                        ? 
_refine.overall_SU_ML                            ? 
_refine.pdbx_overall_ESU_R                       ? 
_refine.pdbx_data_cutoff_high_rms_absF           ? 
_refine.pdbx_refine_id                           'X-RAY DIFFRACTION' 
_refine.pdbx_diffrn_id                           1 
_refine.pdbx_TLS_residual_ADP_flag               ? 
_refine.pdbx_solvent_vdw_probe_radii             ? 
_refine.pdbx_solvent_ion_probe_radii             ? 
_refine.pdbx_solvent_shrinkage_radii             ? 
_refine.pdbx_overall_phase_error                 ? 
_refine.pdbx_overall_SU_R_free_Cruickshank_DPI   ? 
_refine.pdbx_overall_SU_R_Blow_DPI               ? 
_refine.pdbx_overall_SU_R_free_Blow_DPI          ? 
# 
_refine_analyze.entry_id                        1I3U 
_refine_analyze.Luzzati_coordinate_error_obs    0.27 
_refine_analyze.Luzzati_sigma_a_obs             0.23 
_refine_analyze.Luzzati_d_res_low_obs           5.00 
_refine_analyze.Luzzati_coordinate_error_free   0.32 
_refine_analyze.Luzzati_sigma_a_free            0.27 
_refine_analyze.Luzzati_d_res_low_free          ? 
_refine_analyze.number_disordered_residues      ? 
_refine_analyze.occupancy_sum_hydrogen          ? 
_refine_analyze.occupancy_sum_non_hydrogen      ? 
_refine_analyze.pdbx_Luzzati_d_res_high_obs     ? 
_refine_analyze.pdbx_refine_id                  'X-RAY DIFFRACTION' 
# 
_refine_hist.pdbx_refine_id                   'X-RAY DIFFRACTION' 
_refine_hist.cycle_id                         LAST 
_refine_hist.pdbx_number_atoms_protein        977 
_refine_hist.pdbx_number_atoms_nucleic_acid   0 
_refine_hist.pdbx_number_atoms_ligand         45 
_refine_hist.number_atoms_solvent             164 
_refine_hist.number_atoms_total               1186 
_refine_hist.d_res_high                       1.95 
_refine_hist.d_res_low                        18.50 
# 
loop_
_refine_ls_restr.type 
_refine_ls_restr.dev_ideal 
_refine_ls_restr.dev_ideal_target 
_refine_ls_restr.weight 
_refine_ls_restr.number 
_refine_ls_restr.pdbx_refine_id 
_refine_ls_restr.pdbx_restraint_function 
c_bond_d           0.007 ?    ? ? 'X-RAY DIFFRACTION' ? 
c_angle_deg        1.5   ?    ? ? 'X-RAY DIFFRACTION' ? 
c_dihedral_angle_d 24.6  ?    ? ? 'X-RAY DIFFRACTION' ? 
c_improper_angle_d 0.71  ?    ? ? 'X-RAY DIFFRACTION' ? 
c_mcbond_it        1.24  1.50 ? ? 'X-RAY DIFFRACTION' ? 
c_mcangle_it       2.11  2.00 ? ? 'X-RAY DIFFRACTION' ? 
c_scbond_it        1.67  2.00 ? ? 'X-RAY DIFFRACTION' ? 
c_scangle_it       2.38  2.50 ? ? 'X-RAY DIFFRACTION' ? 
# 
_refine_ls_shell.pdbx_total_number_of_bins_used   6 
_refine_ls_shell.d_res_high                       1.90 
_refine_ls_shell.d_res_low                        2.02 
_refine_ls_shell.number_reflns_R_work             1319 
_refine_ls_shell.R_factor_R_work                  0.29 
_refine_ls_shell.percent_reflns_obs               54.4 
_refine_ls_shell.R_factor_R_free                  0.305 
_refine_ls_shell.R_factor_R_free_error            0.026 
_refine_ls_shell.percent_reflns_R_free            9.2 
_refine_ls_shell.number_reflns_R_free             133 
_refine_ls_shell.number_reflns_obs                0 
_refine_ls_shell.redundancy_reflns_obs            ? 
_refine_ls_shell.number_reflns_all                ? 
_refine_ls_shell.pdbx_refine_id                   'X-RAY DIFFRACTION' 
_refine_ls_shell.R_factor_all                     ? 
# 
loop_
_pdbx_xplor_file.serial_no 
_pdbx_xplor_file.param_file 
_pdbx_xplor_file.topol_file 
_pdbx_xplor_file.pdbx_refine_id 
1 PROTEIN_REP.PARAM PROTEIN.TOP    'X-RAY DIFFRACTION' 
2 WATER_REP.PARAM   WATER.TOP      'X-RAY DIFFRACTION' 
3 RR1_240399.PARAM  RR1_240399.TOP 'X-RAY DIFFRACTION' 
4 SO4.PARAM         SO4.TOP        'X-RAY DIFFRACTION' 
# 
_struct.entry_id                  1I3U 
_struct.title                     'THREE-DIMENSIONAL STRUCTURE OF A LLAMA VHH DOMAIN COMPLEXED WITH THE DYE RR1' 
_struct.pdbx_model_details        ? 
_struct.pdbx_CASP_flag            ? 
_struct.pdbx_model_type_details   ? 
# 
_struct_keywords.entry_id        1I3U 
_struct_keywords.pdbx_keywords   'IMMUNE SYSTEM' 
_struct_keywords.text            'antibody, VHH fragment, Lama glama, IMMUNE SYSTEM' 
# 
loop_
_struct_asym.id 
_struct_asym.pdbx_blank_PDB_chainid_flag 
_struct_asym.pdbx_modified 
_struct_asym.entity_id 
_struct_asym.details 
A N N 1 ? 
B N N 2 ? 
C N N 3 ? 
D N N 4 ? 
# 
_struct_ref.id                         1 
_struct_ref.entity_id                  1 
_struct_ref.db_name                    PDB 
_struct_ref.db_code                    1I3U 
_struct_ref.pdbx_db_accession          1I3U 
_struct_ref.pdbx_db_isoform            ? 
_struct_ref.pdbx_seq_one_letter_code   ? 
_struct_ref.pdbx_align_begin           ? 
# 
_struct_ref_seq.align_id                      1 
_struct_ref_seq.ref_id                        1 
_struct_ref_seq.pdbx_PDB_id_code              1I3U 
_struct_ref_seq.pdbx_strand_id                A 
_struct_ref_seq.seq_align_beg                 1 
_struct_ref_seq.pdbx_seq_align_beg_ins_code   ? 
_struct_ref_seq.seq_align_end                 127 
_struct_ref_seq.pdbx_seq_align_end_ins_code   ? 
_struct_ref_seq.pdbx_db_accession             1I3U 
_struct_ref_seq.db_align_beg                  1 
_struct_ref_seq.pdbx_db_align_beg_ins_code    ? 
_struct_ref_seq.db_align_end                  127 
_struct_ref_seq.pdbx_db_align_end_ins_code    ? 
_struct_ref_seq.pdbx_auth_seq_align_beg       1 
_struct_ref_seq.pdbx_auth_seq_align_end       127 
# 
_pdbx_struct_assembly.id                   1 
_pdbx_struct_assembly.details              author_defined_assembly 
_pdbx_struct_assembly.method_details       ? 
_pdbx_struct_assembly.oligomeric_details   monomeric 
_pdbx_struct_assembly.oligomeric_count     1 
# 
_pdbx_struct_assembly_gen.assembly_id       1 
_pdbx_struct_assembly_gen.oper_expression   1 
_pdbx_struct_assembly_gen.asym_id_list      A,B,C,D 
# 
_pdbx_struct_oper_list.id                   1 
_pdbx_struct_oper_list.type                 'identity operation' 
_pdbx_struct_oper_list.name                 1_555 
_pdbx_struct_oper_list.symmetry_operation   x,y,z 
_pdbx_struct_oper_list.matrix[1][1]         1.0000000000 
_pdbx_struct_oper_list.matrix[1][2]         0.0000000000 
_pdbx_struct_oper_list.matrix[1][3]         0.0000000000 
_pdbx_struct_oper_list.vector[1]            0.0000000000 
_pdbx_struct_oper_list.matrix[2][1]         0.0000000000 
_pdbx_struct_oper_list.matrix[2][2]         1.0000000000 
_pdbx_struct_oper_list.matrix[2][3]         0.0000000000 
_pdbx_struct_oper_list.vector[2]            0.0000000000 
_pdbx_struct_oper_list.matrix[3][1]         0.0000000000 
_pdbx_struct_oper_list.matrix[3][2]         0.0000000000 
_pdbx_struct_oper_list.matrix[3][3]         1.0000000000 
_pdbx_struct_oper_list.vector[3]            0.0000000000 
# 
_struct_biol.id                    1 
_struct_biol.pdbx_parent_biol_id   ? 
_struct_biol.details               ? 
# 
loop_
_struct_conf.conf_type_id 
_struct_conf.id 
_struct_conf.pdbx_PDB_helix_id 
_struct_conf.beg_label_comp_id 
_struct_conf.beg_label_asym_id 
_struct_conf.beg_label_seq_id 
_struct_conf.pdbx_beg_PDB_ins_code 
_struct_conf.end_label_comp_id 
_struct_conf.end_label_asym_id 
_struct_conf.end_label_seq_id 
_struct_conf.pdbx_end_PDB_ins_code 
_struct_conf.beg_auth_comp_id 
_struct_conf.beg_auth_asym_id 
_struct_conf.beg_auth_seq_id 
_struct_conf.end_auth_comp_id 
_struct_conf.end_auth_asym_id 
_struct_conf.end_auth_seq_id 
_struct_conf.pdbx_PDB_helix_class 
_struct_conf.details 
_struct_conf.pdbx_PDB_helix_length 
HELX_P HELX_P1 1 SER A 28  ? TYR A 32  ? SER A 28  TYR A 32  5 ? 5 
HELX_P HELX_P2 2 ASN A 79  ? LYS A 81  ? ASN A 79  LYS A 81  5 ? 3 
HELX_P HELX_P3 3 LYS A 92  ? THR A 96  ? LYS A 92  THR A 96  5 ? 5 
HELX_P HELX_P4 4 ASP A 112 ? TRP A 116 ? ASP A 112 TRP A 116 5 ? 5 
# 
_struct_conf_type.id          HELX_P 
_struct_conf_type.criteria    ? 
_struct_conf_type.reference   ? 
# 
loop_
_struct_conn.id 
_struct_conn.conn_type_id 
_struct_conn.pdbx_leaving_atom_flag 
_struct_conn.pdbx_PDB_id 
_struct_conn.ptnr1_label_asym_id 
_struct_conn.ptnr1_label_comp_id 
_struct_conn.ptnr1_label_seq_id 
_struct_conn.ptnr1_label_atom_id 
_struct_conn.pdbx_ptnr1_label_alt_id 
_struct_conn.pdbx_ptnr1_PDB_ins_code 
_struct_conn.pdbx_ptnr1_standard_comp_id 
_struct_conn.ptnr1_symmetry 
_struct_conn.ptnr2_label_asym_id 
_struct_conn.ptnr2_label_comp_id 
_struct_conn.ptnr2_label_seq_id 
_struct_conn.ptnr2_label_atom_id 
_struct_conn.pdbx_ptnr2_label_alt_id 
_struct_conn.pdbx_ptnr2_PDB_ins_code 
_struct_conn.ptnr1_auth_asym_id 
_struct_conn.ptnr1_auth_comp_id 
_struct_conn.ptnr1_auth_seq_id 
_struct_conn.ptnr2_auth_asym_id 
_struct_conn.ptnr2_auth_comp_id 
_struct_conn.ptnr2_auth_seq_id 
_struct_conn.ptnr2_symmetry 
_struct_conn.pdbx_ptnr3_label_atom_id 
_struct_conn.pdbx_ptnr3_label_seq_id 
_struct_conn.pdbx_ptnr3_label_comp_id 
_struct_conn.pdbx_ptnr3_label_asym_id 
_struct_conn.pdbx_ptnr3_label_alt_id 
_struct_conn.pdbx_ptnr3_PDB_ins_code 
_struct_conn.details 
_struct_conn.pdbx_dist_value 
_struct_conn.pdbx_value_order 
_struct_conn.pdbx_role 
disulf1 disulf ?   ? A CYS 22 SG ? ? ? 1_555 A CYS 101 SG ? ? A CYS 22 A CYS 101 1_555 ? ? ? ? ? ? ? 2.032 ? ? 
covale1 covale one ? A CGN 1  C  ? ? ? 1_555 A VAL 2   N  ? ? A CGN 1  A VAL 2   1_555 ? ? ? ? ? ? ? 1.324 ? ? 
# 
loop_
_struct_conn_type.id 
_struct_conn_type.criteria 
_struct_conn_type.reference 
disulf ? ? 
covale ? ? 
# 
loop_
_struct_sheet.id 
_struct_sheet.type 
_struct_sheet.number_strands 
_struct_sheet.details 
A ? 4 ? 
B ? 5 ? 
C ? 6 ? 
# 
loop_
_struct_sheet_order.sheet_id 
_struct_sheet_order.range_id_1 
_struct_sheet_order.range_id_2 
_struct_sheet_order.offset 
_struct_sheet_order.sense 
A 1 2 ? anti-parallel 
A 2 3 ? anti-parallel 
A 3 4 ? anti-parallel 
B 1 2 ? anti-parallel 
B 2 3 ? anti-parallel 
B 3 4 ? anti-parallel 
B 4 5 ? anti-parallel 
C 1 2 ? anti-parallel 
C 2 3 ? anti-parallel 
C 3 4 ? anti-parallel 
C 4 5 ? anti-parallel 
C 5 6 ? parallel      
# 
loop_
_struct_sheet_range.sheet_id 
_struct_sheet_range.id 
_struct_sheet_range.beg_label_comp_id 
_struct_sheet_range.beg_label_asym_id 
_struct_sheet_range.beg_label_seq_id 
_struct_sheet_range.pdbx_beg_PDB_ins_code 
_struct_sheet_range.end_label_comp_id 
_struct_sheet_range.end_label_asym_id 
_struct_sheet_range.end_label_seq_id 
_struct_sheet_range.pdbx_end_PDB_ins_code 
_struct_sheet_range.beg_auth_comp_id 
_struct_sheet_range.beg_auth_asym_id 
_struct_sheet_range.beg_auth_seq_id 
_struct_sheet_range.end_auth_comp_id 
_struct_sheet_range.end_auth_asym_id 
_struct_sheet_range.end_auth_seq_id 
A 1 GLN A 3   ? SER A 7   ? GLN A 3   SER A 7   
A 2 LEU A 18  ? SER A 25  ? LEU A 18  SER A 25  
A 3 THR A 83  ? MET A 88  ? THR A 83  MET A 88  
A 4 PHE A 73  ? ASP A 78  ? PHE A 73  ASP A 78  
B 1 PHE A 61  ? TYR A 65  ? PHE A 61  TYR A 65  
B 2 ILE A 46  ? LEU A 55  ? ILE A 46  LEU A 55  
B 3 VAL A 33  ? GLN A 39  ? VAL A 33  GLN A 39  
B 4 ALA A 97  ? LYS A 104 ? ALA A 97  LYS A 104 
B 5 TYR A 118 ? TRP A 119 ? TYR A 118 TRP A 119 
C 1 PHE A 61  ? TYR A 65  ? PHE A 61  TYR A 65  
C 2 ILE A 46  ? LEU A 55  ? ILE A 46  LEU A 55  
C 3 VAL A 33  ? GLN A 39  ? VAL A 33  GLN A 39  
C 4 ALA A 97  ? LYS A 104 ? ALA A 97  LYS A 104 
C 5 THR A 123 ? THR A 126 ? THR A 123 THR A 126 
C 6 GLY A 10  ? LEU A 11  ? GLY A 10  LEU A 11  
# 
loop_
_pdbx_struct_sheet_hbond.sheet_id 
_pdbx_struct_sheet_hbond.range_id_1 
_pdbx_struct_sheet_hbond.range_id_2 
_pdbx_struct_sheet_hbond.range_1_label_atom_id 
_pdbx_struct_sheet_hbond.range_1_label_comp_id 
_pdbx_struct_sheet_hbond.range_1_label_asym_id 
_pdbx_struct_sheet_hbond.range_1_label_seq_id 
_pdbx_struct_sheet_hbond.range_1_PDB_ins_code 
_pdbx_struct_sheet_hbond.range_1_auth_atom_id 
_pdbx_struct_sheet_hbond.range_1_auth_comp_id 
_pdbx_struct_sheet_hbond.range_1_auth_asym_id 
_pdbx_struct_sheet_hbond.range_1_auth_seq_id 
_pdbx_struct_sheet_hbond.range_2_label_atom_id 
_pdbx_struct_sheet_hbond.range_2_label_comp_id 
_pdbx_struct_sheet_hbond.range_2_label_asym_id 
_pdbx_struct_sheet_hbond.range_2_label_seq_id 
_pdbx_struct_sheet_hbond.range_2_PDB_ins_code 
_pdbx_struct_sheet_hbond.range_2_auth_atom_id 
_pdbx_struct_sheet_hbond.range_2_auth_comp_id 
_pdbx_struct_sheet_hbond.range_2_auth_asym_id 
_pdbx_struct_sheet_hbond.range_2_auth_seq_id 
A 1 2 O SER A 7   ? O SER A 7   N SER A 21  ? N SER A 21  
A 2 3 N CYS A 22  ? N CYS A 22  O VAL A 84  ? O VAL A 84  
A 3 4 N GLN A 87  ? N GLN A 87  O ALA A 74  ? O ALA A 74  
B 1 2 O ARG A 64  ? O ARG A 64  N THR A 50  ? N THR A 50  
B 2 3 N ILE A 51  ? N ILE A 51  O ILE A 34  ? O ILE A 34  
B 3 4 N GLN A 39  ? N GLN A 39  O VAL A 98  ? O VAL A 98  
B 4 5 N ALA A 103 ? N ALA A 103 O TYR A 118 ? O TYR A 118 
C 1 2 O ARG A 64  ? O ARG A 64  N THR A 50  ? N THR A 50  
C 2 3 N ILE A 51  ? N ILE A 51  O ILE A 34  ? O ILE A 34  
C 3 4 N GLN A 39  ? N GLN A 39  O VAL A 98  ? O VAL A 98  
C 4 5 N TYR A 99  ? N TYR A 99  O THR A 123 ? O THR A 123 
C 5 6 O GLN A 124 ? O GLN A 124 N GLY A 10  ? N GLY A 10  
# 
loop_
_struct_site.id 
_struct_site.pdbx_evidence_code 
_struct_site.pdbx_auth_asym_id 
_struct_site.pdbx_auth_comp_id 
_struct_site.pdbx_auth_seq_id 
_struct_site.pdbx_auth_ins_code 
_struct_site.pdbx_num_residues 
_struct_site.details 
AC1 Software A SO4 402 ? 2  'BINDING SITE FOR RESIDUE SO4 A 402' 
AC2 Software A RR1 401 ? 17 'BINDING SITE FOR RESIDUE RR1 A 401' 
# 
loop_
_struct_site_gen.id 
_struct_site_gen.site_id 
_struct_site_gen.pdbx_num_res 
_struct_site_gen.label_comp_id 
_struct_site_gen.label_asym_id 
_struct_site_gen.label_seq_id 
_struct_site_gen.pdbx_auth_ins_code 
_struct_site_gen.auth_comp_id 
_struct_site_gen.auth_asym_id 
_struct_site_gen.auth_seq_id 
_struct_site_gen.label_atom_id 
_struct_site_gen.label_alt_id 
_struct_site_gen.symmetry 
_struct_site_gen.details 
1  AC1 2  GLN A 39  ? GLN A 39  . ? 1_555  ? 
2  AC1 2  ARG A 45  ? ARG A 45  . ? 1_555  ? 
3  AC2 17 THR A 50  ? THR A 50  . ? 1_555  ? 
4  AC2 17 GLY A 52  ? GLY A 52  . ? 1_555  ? 
5  AC2 17 ARG A 53  ? ARG A 53  . ? 1_555  ? 
6  AC2 17 ASN A 54  ? ASN A 54  . ? 1_555  ? 
7  AC2 17 LEU A 55  ? LEU A 55  . ? 1_555  ? 
8  AC2 17 LEU A 55  ? LEU A 55  . ? 16_545 ? 
9  AC2 17 GLY A 57  ? GLY A 57  . ? 16_545 ? 
10 AC2 17 PRO A 58  ? PRO A 58  . ? 16_545 ? 
11 AC2 17 TYR A 62  ? TYR A 62  . ? 1_555  ? 
12 AC2 17 ARG A 64  ? ARG A 64  . ? 1_555  ? 
13 AC2 17 LYS A 104 ? LYS A 104 . ? 1_555  ? 
14 AC2 17 THR A 107 ? THR A 107 . ? 1_555  ? 
15 AC2 17 TRP A 108 ? TRP A 108 . ? 1_555  ? 
16 AC2 17 GLY A 109 ? GLY A 109 . ? 1_555  ? 
17 AC2 17 GLY A 110 ? GLY A 110 . ? 1_555  ? 
18 AC2 17 HOH D .   ? HOH A 243 . ? 1_555  ? 
19 AC2 17 HOH D .   ? HOH A 267 . ? 1_555  ? 
# 
_pdbx_validate_symm_contact.id                1 
_pdbx_validate_symm_contact.PDB_model_num     1 
_pdbx_validate_symm_contact.auth_atom_id_1    O 
_pdbx_validate_symm_contact.auth_asym_id_1    A 
_pdbx_validate_symm_contact.auth_comp_id_1    HOH 
_pdbx_validate_symm_contact.auth_seq_id_1     340 
_pdbx_validate_symm_contact.PDB_ins_code_1    ? 
_pdbx_validate_symm_contact.label_alt_id_1    ? 
_pdbx_validate_symm_contact.site_symmetry_1   1_555 
_pdbx_validate_symm_contact.auth_atom_id_2    O 
_pdbx_validate_symm_contact.auth_asym_id_2    A 
_pdbx_validate_symm_contact.auth_comp_id_2    HOH 
_pdbx_validate_symm_contact.auth_seq_id_2     340 
_pdbx_validate_symm_contact.PDB_ins_code_2    ? 
_pdbx_validate_symm_contact.label_alt_id_2    ? 
_pdbx_validate_symm_contact.site_symmetry_2   2_655 
_pdbx_validate_symm_contact.dist              2.07 
# 
_pdbx_validate_torsion.id              1 
_pdbx_validate_torsion.PDB_model_num   1 
_pdbx_validate_torsion.auth_comp_id    ALA 
_pdbx_validate_torsion.auth_asym_id    A 
_pdbx_validate_torsion.auth_seq_id     97 
_pdbx_validate_torsion.PDB_ins_code    ? 
_pdbx_validate_torsion.label_alt_id    ? 
_pdbx_validate_torsion.phi             171.43 
_pdbx_validate_torsion.psi             168.98 
# 
_pdbx_database_remark.id     999 
_pdbx_database_remark.text   
;SEQUENCE
AN APPROPRIATE SEQUENCE DATABASE MATCH WAS NOT
AVAILABLE AT THE TIME OF PROCESSING.
;
# 
loop_
_chem_comp_atom.comp_id 
_chem_comp_atom.atom_id 
_chem_comp_atom.type_symbol 
_chem_comp_atom.pdbx_aromatic_flag 
_chem_comp_atom.pdbx_stereo_config 
_chem_comp_atom.pdbx_ordinal 
ALA N    N N N 1   
ALA CA   C N S 2   
ALA C    C N N 3   
ALA O    O N N 4   
ALA CB   C N N 5   
ALA OXT  O N N 6   
ALA H    H N N 7   
ALA H2   H N N 8   
ALA HA   H N N 9   
ALA HB1  H N N 10  
ALA HB2  H N N 11  
ALA HB3  H N N 12  
ALA HXT  H N N 13  
ARG N    N N N 14  
ARG CA   C N S 15  
ARG C    C N N 16  
ARG O    O N N 17  
ARG CB   C N N 18  
ARG CG   C N N 19  
ARG CD   C N N 20  
ARG NE   N N N 21  
ARG CZ   C N N 22  
ARG NH1  N N N 23  
ARG NH2  N N N 24  
ARG OXT  O N N 25  
ARG H    H N N 26  
ARG H2   H N N 27  
ARG HA   H N N 28  
ARG HB2  H N N 29  
ARG HB3  H N N 30  
ARG HG2  H N N 31  
ARG HG3  H N N 32  
ARG HD2  H N N 33  
ARG HD3  H N N 34  
ARG HE   H N N 35  
ARG HH11 H N N 36  
ARG HH12 H N N 37  
ARG HH21 H N N 38  
ARG HH22 H N N 39  
ARG HXT  H N N 40  
ASN N    N N N 41  
ASN CA   C N S 42  
ASN C    C N N 43  
ASN O    O N N 44  
ASN CB   C N N 45  
ASN CG   C N N 46  
ASN OD1  O N N 47  
ASN ND2  N N N 48  
ASN OXT  O N N 49  
ASN H    H N N 50  
ASN H2   H N N 51  
ASN HA   H N N 52  
ASN HB2  H N N 53  
ASN HB3  H N N 54  
ASN HD21 H N N 55  
ASN HD22 H N N 56  
ASN HXT  H N N 57  
ASP N    N N N 58  
ASP CA   C N S 59  
ASP C    C N N 60  
ASP O    O N N 61  
ASP CB   C N N 62  
ASP CG   C N N 63  
ASP OD1  O N N 64  
ASP OD2  O N N 65  
ASP OXT  O N N 66  
ASP H    H N N 67  
ASP H2   H N N 68  
ASP HA   H N N 69  
ASP HB2  H N N 70  
ASP HB3  H N N 71  
ASP HD2  H N N 72  
ASP HXT  H N N 73  
CGN CB   C N N 74  
CGN CG   C N N 75  
CGN CD   C N N 76  
CGN N    N N N 77  
CGN OE1  O N N 78  
CGN C    C N N 79  
CGN CA   C N S 80  
CGN O    O N N 81  
CGN HB1  H N N 82  
CGN HB2  H N N 83  
CGN HG1  H N N 84  
CGN HG2  H N N 85  
CGN HN   H N N 86  
CGN H    H N N 87  
CGN HA   H N N 88  
CYS N    N N N 89  
CYS CA   C N R 90  
CYS C    C N N 91  
CYS O    O N N 92  
CYS CB   C N N 93  
CYS SG   S N N 94  
CYS OXT  O N N 95  
CYS H    H N N 96  
CYS H2   H N N 97  
CYS HA   H N N 98  
CYS HB2  H N N 99  
CYS HB3  H N N 100 
CYS HG   H N N 101 
CYS HXT  H N N 102 
GLN N    N N N 103 
GLN CA   C N S 104 
GLN C    C N N 105 
GLN O    O N N 106 
GLN CB   C N N 107 
GLN CG   C N N 108 
GLN CD   C N N 109 
GLN OE1  O N N 110 
GLN NE2  N N N 111 
GLN OXT  O N N 112 
GLN H    H N N 113 
GLN H2   H N N 114 
GLN HA   H N N 115 
GLN HB2  H N N 116 
GLN HB3  H N N 117 
GLN HG2  H N N 118 
GLN HG3  H N N 119 
GLN HE21 H N N 120 
GLN HE22 H N N 121 
GLN HXT  H N N 122 
GLU N    N N N 123 
GLU CA   C N S 124 
GLU C    C N N 125 
GLU O    O N N 126 
GLU CB   C N N 127 
GLU CG   C N N 128 
GLU CD   C N N 129 
GLU OE1  O N N 130 
GLU OE2  O N N 131 
GLU OXT  O N N 132 
GLU H    H N N 133 
GLU H2   H N N 134 
GLU HA   H N N 135 
GLU HB2  H N N 136 
GLU HB3  H N N 137 
GLU HG2  H N N 138 
GLU HG3  H N N 139 
GLU HE2  H N N 140 
GLU HXT  H N N 141 
GLY N    N N N 142 
GLY CA   C N N 143 
GLY C    C N N 144 
GLY O    O N N 145 
GLY OXT  O N N 146 
GLY H    H N N 147 
GLY H2   H N N 148 
GLY HA2  H N N 149 
GLY HA3  H N N 150 
GLY HXT  H N N 151 
HOH O    O N N 152 
HOH H1   H N N 153 
HOH H2   H N N 154 
ILE N    N N N 155 
ILE CA   C N S 156 
ILE C    C N N 157 
ILE O    O N N 158 
ILE CB   C N S 159 
ILE CG1  C N N 160 
ILE CG2  C N N 161 
ILE CD1  C N N 162 
ILE OXT  O N N 163 
ILE H    H N N 164 
ILE H2   H N N 165 
ILE HA   H N N 166 
ILE HB   H N N 167 
ILE HG12 H N N 168 
ILE HG13 H N N 169 
ILE HG21 H N N 170 
ILE HG22 H N N 171 
ILE HG23 H N N 172 
ILE HD11 H N N 173 
ILE HD12 H N N 174 
ILE HD13 H N N 175 
ILE HXT  H N N 176 
LEU N    N N N 177 
LEU CA   C N S 178 
LEU C    C N N 179 
LEU O    O N N 180 
LEU CB   C N N 181 
LEU CG   C N N 182 
LEU CD1  C N N 183 
LEU CD2  C N N 184 
LEU OXT  O N N 185 
LEU H    H N N 186 
LEU H2   H N N 187 
LEU HA   H N N 188 
LEU HB2  H N N 189 
LEU HB3  H N N 190 
LEU HG   H N N 191 
LEU HD11 H N N 192 
LEU HD12 H N N 193 
LEU HD13 H N N 194 
LEU HD21 H N N 195 
LEU HD22 H N N 196 
LEU HD23 H N N 197 
LEU HXT  H N N 198 
LYS N    N N N 199 
LYS CA   C N S 200 
LYS C    C N N 201 
LYS O    O N N 202 
LYS CB   C N N 203 
LYS CG   C N N 204 
LYS CD   C N N 205 
LYS CE   C N N 206 
LYS NZ   N N N 207 
LYS OXT  O N N 208 
LYS H    H N N 209 
LYS H2   H N N 210 
LYS HA   H N N 211 
LYS HB2  H N N 212 
LYS HB3  H N N 213 
LYS HG2  H N N 214 
LYS HG3  H N N 215 
LYS HD2  H N N 216 
LYS HD3  H N N 217 
LYS HE2  H N N 218 
LYS HE3  H N N 219 
LYS HZ1  H N N 220 
LYS HZ2  H N N 221 
LYS HZ3  H N N 222 
LYS HXT  H N N 223 
MET N    N N N 224 
MET CA   C N S 225 
MET C    C N N 226 
MET O    O N N 227 
MET CB   C N N 228 
MET CG   C N N 229 
MET SD   S N N 230 
MET CE   C N N 231 
MET OXT  O N N 232 
MET H    H N N 233 
MET H2   H N N 234 
MET HA   H N N 235 
MET HB2  H N N 236 
MET HB3  H N N 237 
MET HG2  H N N 238 
MET HG3  H N N 239 
MET HE1  H N N 240 
MET HE2  H N N 241 
MET HE3  H N N 242 
MET HXT  H N N 243 
PHE N    N N N 244 
PHE CA   C N S 245 
PHE C    C N N 246 
PHE O    O N N 247 
PHE CB   C N N 248 
PHE CG   C Y N 249 
PHE CD1  C Y N 250 
PHE CD2  C Y N 251 
PHE CE1  C Y N 252 
PHE CE2  C Y N 253 
PHE CZ   C Y N 254 
PHE OXT  O N N 255 
PHE H    H N N 256 
PHE H2   H N N 257 
PHE HA   H N N 258 
PHE HB2  H N N 259 
PHE HB3  H N N 260 
PHE HD1  H N N 261 
PHE HD2  H N N 262 
PHE HE1  H N N 263 
PHE HE2  H N N 264 
PHE HZ   H N N 265 
PHE HXT  H N N 266 
PRO N    N N N 267 
PRO CA   C N S 268 
PRO C    C N N 269 
PRO O    O N N 270 
PRO CB   C N N 271 
PRO CG   C N N 272 
PRO CD   C N N 273 
PRO OXT  O N N 274 
PRO H    H N N 275 
PRO HA   H N N 276 
PRO HB2  H N N 277 
PRO HB3  H N N 278 
PRO HG2  H N N 279 
PRO HG3  H N N 280 
PRO HD2  H N N 281 
PRO HD3  H N N 282 
PRO HXT  H N N 283 
RR1 O89  O N N 284 
RR1 O90  O N N 285 
RR1 O92  O N N 286 
RR1 S85  S N N 287 
RR1 C10  C Y N 288 
RR1 C11  C Y N 289 
RR1 C12  C Y N 290 
RR1 C13  C Y N 291 
RR1 C14  C Y N 292 
RR1 C4   C Y N 293 
RR1 C5   C Y N 294 
RR1 C3   C Y N 295 
RR1 C9   C Y N 296 
RR1 C8   C Y N 297 
RR1 C7   C Y N 298 
RR1 C6   C Y N 299 
RR1 C15  C Y N 300 
RR1 C16  C Y N 301 
RR1 C17  C Y N 302 
RR1 C18  C Y N 303 
RR1 O28  O N N 304 
RR1 O37  O N N 305 
RR1 O38  O N N 306 
RR1 O41  O N N 307 
RR1 S36  S N N 308 
RR1 O39  O N N 309 
RR1 O40  O N N 310 
RR1 O42  O N N 311 
RR1 S35  S N N 312 
RR1 N1   N N N 313 
RR1 N2   N N N 314 
RR1 N19  N N N 315 
RR1 C20  C Y N 316 
RR1 N21  N Y N 317 
RR1 C22  C Y N 318 
RR1 N23  N Y N 319 
RR1 C24  C Y N 320 
RR1 N25  N Y N 321 
RR1 NL1  N N N 322 
RR1 NL2  N N N 323 
RR1 H89  H N N 324 
RR1 H11  H N N 325 
RR1 H12  H N N 326 
RR1 H13  H N N 327 
RR1 H14  H N N 328 
RR1 HC8  H N N 329 
RR1 H16  H N N 330 
RR1 H18  H N N 331 
RR1 H28  H N N 332 
RR1 H37  H N N 333 
RR1 H39  H N N 334 
RR1 H19  H N N 335 
RR1 HL11 H N N 336 
RR1 HL12 H N N 337 
RR1 HL21 H N N 338 
RR1 HL22 H N N 339 
SER N    N N N 340 
SER CA   C N S 341 
SER C    C N N 342 
SER O    O N N 343 
SER CB   C N N 344 
SER OG   O N N 345 
SER OXT  O N N 346 
SER H    H N N 347 
SER H2   H N N 348 
SER HA   H N N 349 
SER HB2  H N N 350 
SER HB3  H N N 351 
SER HG   H N N 352 
SER HXT  H N N 353 
SO4 S    S N N 354 
SO4 O1   O N N 355 
SO4 O2   O N N 356 
SO4 O3   O N N 357 
SO4 O4   O N N 358 
THR N    N N N 359 
THR CA   C N S 360 
THR C    C N N 361 
THR O    O N N 362 
THR CB   C N R 363 
THR OG1  O N N 364 
THR CG2  C N N 365 
THR OXT  O N N 366 
THR H    H N N 367 
THR H2   H N N 368 
THR HA   H N N 369 
THR HB   H N N 370 
THR HG1  H N N 371 
THR HG21 H N N 372 
THR HG22 H N N 373 
THR HG23 H N N 374 
THR HXT  H N N 375 
TRP N    N N N 376 
TRP CA   C N S 377 
TRP C    C N N 378 
TRP O    O N N 379 
TRP CB   C N N 380 
TRP CG   C Y N 381 
TRP CD1  C Y N 382 
TRP CD2  C Y N 383 
TRP NE1  N Y N 384 
TRP CE2  C Y N 385 
TRP CE3  C Y N 386 
TRP CZ2  C Y N 387 
TRP CZ3  C Y N 388 
TRP CH2  C Y N 389 
TRP OXT  O N N 390 
TRP H    H N N 391 
TRP H2   H N N 392 
TRP HA   H N N 393 
TRP HB2  H N N 394 
TRP HB3  H N N 395 
TRP HD1  H N N 396 
TRP HE1  H N N 397 
TRP HE3  H N N 398 
TRP HZ2  H N N 399 
TRP HZ3  H N N 400 
TRP HH2  H N N 401 
TRP HXT  H N N 402 
TYR N    N N N 403 
TYR CA   C N S 404 
TYR C    C N N 405 
TYR O    O N N 406 
TYR CB   C N N 407 
TYR CG   C Y N 408 
TYR CD1  C Y N 409 
TYR CD2  C Y N 410 
TYR CE1  C Y N 411 
TYR CE2  C Y N 412 
TYR CZ   C Y N 413 
TYR OH   O N N 414 
TYR OXT  O N N 415 
TYR H    H N N 416 
TYR H2   H N N 417 
TYR HA   H N N 418 
TYR HB2  H N N 419 
TYR HB3  H N N 420 
TYR HD1  H N N 421 
TYR HD2  H N N 422 
TYR HE1  H N N 423 
TYR HE2  H N N 424 
TYR HH   H N N 425 
TYR HXT  H N N 426 
VAL N    N N N 427 
VAL CA   C N S 428 
VAL C    C N N 429 
VAL O    O N N 430 
VAL CB   C N N 431 
VAL CG1  C N N 432 
VAL CG2  C N N 433 
VAL OXT  O N N 434 
VAL H    H N N 435 
VAL H2   H N N 436 
VAL HA   H N N 437 
VAL HB   H N N 438 
VAL HG11 H N N 439 
VAL HG12 H N N 440 
VAL HG13 H N N 441 
VAL HG21 H N N 442 
VAL HG22 H N N 443 
VAL HG23 H N N 444 
VAL HXT  H N N 445 
# 
loop_
_chem_comp_bond.comp_id 
_chem_comp_bond.atom_id_1 
_chem_comp_bond.atom_id_2 
_chem_comp_bond.value_order 
_chem_comp_bond.pdbx_aromatic_flag 
_chem_comp_bond.pdbx_stereo_config 
_chem_comp_bond.pdbx_ordinal 
ALA N   CA   sing N N 1   
ALA N   H    sing N N 2   
ALA N   H2   sing N N 3   
ALA CA  C    sing N N 4   
ALA CA  CB   sing N N 5   
ALA CA  HA   sing N N 6   
ALA C   O    doub N N 7   
ALA C   OXT  sing N N 8   
ALA CB  HB1  sing N N 9   
ALA CB  HB2  sing N N 10  
ALA CB  HB3  sing N N 11  
ALA OXT HXT  sing N N 12  
ARG N   CA   sing N N 13  
ARG N   H    sing N N 14  
ARG N   H2   sing N N 15  
ARG CA  C    sing N N 16  
ARG CA  CB   sing N N 17  
ARG CA  HA   sing N N 18  
ARG C   O    doub N N 19  
ARG C   OXT  sing N N 20  
ARG CB  CG   sing N N 21  
ARG CB  HB2  sing N N 22  
ARG CB  HB3  sing N N 23  
ARG CG  CD   sing N N 24  
ARG CG  HG2  sing N N 25  
ARG CG  HG3  sing N N 26  
ARG CD  NE   sing N N 27  
ARG CD  HD2  sing N N 28  
ARG CD  HD3  sing N N 29  
ARG NE  CZ   sing N N 30  
ARG NE  HE   sing N N 31  
ARG CZ  NH1  sing N N 32  
ARG CZ  NH2  doub N N 33  
ARG NH1 HH11 sing N N 34  
ARG NH1 HH12 sing N N 35  
ARG NH2 HH21 sing N N 36  
ARG NH2 HH22 sing N N 37  
ARG OXT HXT  sing N N 38  
ASN N   CA   sing N N 39  
ASN N   H    sing N N 40  
ASN N   H2   sing N N 41  
ASN CA  C    sing N N 42  
ASN CA  CB   sing N N 43  
ASN CA  HA   sing N N 44  
ASN C   O    doub N N 45  
ASN C   OXT  sing N N 46  
ASN CB  CG   sing N N 47  
ASN CB  HB2  sing N N 48  
ASN CB  HB3  sing N N 49  
ASN CG  OD1  doub N N 50  
ASN CG  ND2  sing N N 51  
ASN ND2 HD21 sing N N 52  
ASN ND2 HD22 sing N N 53  
ASN OXT HXT  sing N N 54  
ASP N   CA   sing N N 55  
ASP N   H    sing N N 56  
ASP N   H2   sing N N 57  
ASP CA  C    sing N N 58  
ASP CA  CB   sing N N 59  
ASP CA  HA   sing N N 60  
ASP C   O    doub N N 61  
ASP C   OXT  sing N N 62  
ASP CB  CG   sing N N 63  
ASP CB  HB2  sing N N 64  
ASP CB  HB3  sing N N 65  
ASP CG  OD1  doub N N 66  
ASP CG  OD2  sing N N 67  
ASP OD2 HD2  sing N N 68  
ASP OXT HXT  sing N N 69  
CGN CB  CG   sing N N 70  
CGN CB  CA   sing N N 71  
CGN CB  HB1  sing N N 72  
CGN CB  HB2  sing N N 73  
CGN CG  CD   sing N N 74  
CGN CG  HG1  sing N N 75  
CGN CG  HG2  sing N N 76  
CGN CD  N    sing N N 77  
CGN CD  OE1  doub N N 78  
CGN N   CA   sing N N 79  
CGN N   HN   sing N N 80  
CGN C   CA   sing N N 81  
CGN C   O    doub N N 82  
CGN C   H    sing N N 83  
CGN CA  HA   sing N N 84  
CYS N   CA   sing N N 85  
CYS N   H    sing N N 86  
CYS N   H2   sing N N 87  
CYS CA  C    sing N N 88  
CYS CA  CB   sing N N 89  
CYS CA  HA   sing N N 90  
CYS C   O    doub N N 91  
CYS C   OXT  sing N N 92  
CYS CB  SG   sing N N 93  
CYS CB  HB2  sing N N 94  
CYS CB  HB3  sing N N 95  
CYS SG  HG   sing N N 96  
CYS OXT HXT  sing N N 97  
GLN N   CA   sing N N 98  
GLN N   H    sing N N 99  
GLN N   H2   sing N N 100 
GLN CA  C    sing N N 101 
GLN CA  CB   sing N N 102 
GLN CA  HA   sing N N 103 
GLN C   O    doub N N 104 
GLN C   OXT  sing N N 105 
GLN CB  CG   sing N N 106 
GLN CB  HB2  sing N N 107 
GLN CB  HB3  sing N N 108 
GLN CG  CD   sing N N 109 
GLN CG  HG2  sing N N 110 
GLN CG  HG3  sing N N 111 
GLN CD  OE1  doub N N 112 
GLN CD  NE2  sing N N 113 
GLN NE2 HE21 sing N N 114 
GLN NE2 HE22 sing N N 115 
GLN OXT HXT  sing N N 116 
GLU N   CA   sing N N 117 
GLU N   H    sing N N 118 
GLU N   H2   sing N N 119 
GLU CA  C    sing N N 120 
GLU CA  CB   sing N N 121 
GLU CA  HA   sing N N 122 
GLU C   O    doub N N 123 
GLU C   OXT  sing N N 124 
GLU CB  CG   sing N N 125 
GLU CB  HB2  sing N N 126 
GLU CB  HB3  sing N N 127 
GLU CG  CD   sing N N 128 
GLU CG  HG2  sing N N 129 
GLU CG  HG3  sing N N 130 
GLU CD  OE1  doub N N 131 
GLU CD  OE2  sing N N 132 
GLU OE2 HE2  sing N N 133 
GLU OXT HXT  sing N N 134 
GLY N   CA   sing N N 135 
GLY N   H    sing N N 136 
GLY N   H2   sing N N 137 
GLY CA  C    sing N N 138 
GLY CA  HA2  sing N N 139 
GLY CA  HA3  sing N N 140 
GLY C   O    doub N N 141 
GLY C   OXT  sing N N 142 
GLY OXT HXT  sing N N 143 
HOH O   H1   sing N N 144 
HOH O   H2   sing N N 145 
ILE N   CA   sing N N 146 
ILE N   H    sing N N 147 
ILE N   H2   sing N N 148 
ILE CA  C    sing N N 149 
ILE CA  CB   sing N N 150 
ILE CA  HA   sing N N 151 
ILE C   O    doub N N 152 
ILE C   OXT  sing N N 153 
ILE CB  CG1  sing N N 154 
ILE CB  CG2  sing N N 155 
ILE CB  HB   sing N N 156 
ILE CG1 CD1  sing N N 157 
ILE CG1 HG12 sing N N 158 
ILE CG1 HG13 sing N N 159 
ILE CG2 HG21 sing N N 160 
ILE CG2 HG22 sing N N 161 
ILE CG2 HG23 sing N N 162 
ILE CD1 HD11 sing N N 163 
ILE CD1 HD12 sing N N 164 
ILE CD1 HD13 sing N N 165 
ILE OXT HXT  sing N N 166 
LEU N   CA   sing N N 167 
LEU N   H    sing N N 168 
LEU N   H2   sing N N 169 
LEU CA  C    sing N N 170 
LEU CA  CB   sing N N 171 
LEU CA  HA   sing N N 172 
LEU C   O    doub N N 173 
LEU C   OXT  sing N N 174 
LEU CB  CG   sing N N 175 
LEU CB  HB2  sing N N 176 
LEU CB  HB3  sing N N 177 
LEU CG  CD1  sing N N 178 
LEU CG  CD2  sing N N 179 
LEU CG  HG   sing N N 180 
LEU CD1 HD11 sing N N 181 
LEU CD1 HD12 sing N N 182 
LEU CD1 HD13 sing N N 183 
LEU CD2 HD21 sing N N 184 
LEU CD2 HD22 sing N N 185 
LEU CD2 HD23 sing N N 186 
LEU OXT HXT  sing N N 187 
LYS N   CA   sing N N 188 
LYS N   H    sing N N 189 
LYS N   H2   sing N N 190 
LYS CA  C    sing N N 191 
LYS CA  CB   sing N N 192 
LYS CA  HA   sing N N 193 
LYS C   O    doub N N 194 
LYS C   OXT  sing N N 195 
LYS CB  CG   sing N N 196 
LYS CB  HB2  sing N N 197 
LYS CB  HB3  sing N N 198 
LYS CG  CD   sing N N 199 
LYS CG  HG2  sing N N 200 
LYS CG  HG3  sing N N 201 
LYS CD  CE   sing N N 202 
LYS CD  HD2  sing N N 203 
LYS CD  HD3  sing N N 204 
LYS CE  NZ   sing N N 205 
LYS CE  HE2  sing N N 206 
LYS CE  HE3  sing N N 207 
LYS NZ  HZ1  sing N N 208 
LYS NZ  HZ2  sing N N 209 
LYS NZ  HZ3  sing N N 210 
LYS OXT HXT  sing N N 211 
MET N   CA   sing N N 212 
MET N   H    sing N N 213 
MET N   H2   sing N N 214 
MET CA  C    sing N N 215 
MET CA  CB   sing N N 216 
MET CA  HA   sing N N 217 
MET C   O    doub N N 218 
MET C   OXT  sing N N 219 
MET CB  CG   sing N N 220 
MET CB  HB2  sing N N 221 
MET CB  HB3  sing N N 222 
MET CG  SD   sing N N 223 
MET CG  HG2  sing N N 224 
MET CG  HG3  sing N N 225 
MET SD  CE   sing N N 226 
MET CE  HE1  sing N N 227 
MET CE  HE2  sing N N 228 
MET CE  HE3  sing N N 229 
MET OXT HXT  sing N N 230 
PHE N   CA   sing N N 231 
PHE N   H    sing N N 232 
PHE N   H2   sing N N 233 
PHE CA  C    sing N N 234 
PHE CA  CB   sing N N 235 
PHE CA  HA   sing N N 236 
PHE C   O    doub N N 237 
PHE C   OXT  sing N N 238 
PHE CB  CG   sing N N 239 
PHE CB  HB2  sing N N 240 
PHE CB  HB3  sing N N 241 
PHE CG  CD1  doub Y N 242 
PHE CG  CD2  sing Y N 243 
PHE CD1 CE1  sing Y N 244 
PHE CD1 HD1  sing N N 245 
PHE CD2 CE2  doub Y N 246 
PHE CD2 HD2  sing N N 247 
PHE CE1 CZ   doub Y N 248 
PHE CE1 HE1  sing N N 249 
PHE CE2 CZ   sing Y N 250 
PHE CE2 HE2  sing N N 251 
PHE CZ  HZ   sing N N 252 
PHE OXT HXT  sing N N 253 
PRO N   CA   sing N N 254 
PRO N   CD   sing N N 255 
PRO N   H    sing N N 256 
PRO CA  C    sing N N 257 
PRO CA  CB   sing N N 258 
PRO CA  HA   sing N N 259 
PRO C   O    doub N N 260 
PRO C   OXT  sing N N 261 
PRO CB  CG   sing N N 262 
PRO CB  HB2  sing N N 263 
PRO CB  HB3  sing N N 264 
PRO CG  CD   sing N N 265 
PRO CG  HG2  sing N N 266 
PRO CG  HG3  sing N N 267 
PRO CD  HD2  sing N N 268 
PRO CD  HD3  sing N N 269 
PRO OXT HXT  sing N N 270 
RR1 O89 S85  sing N N 271 
RR1 O89 H89  sing N N 272 
RR1 O90 S85  doub N N 273 
RR1 O92 S85  doub N N 274 
RR1 S85 C10  sing N N 275 
RR1 C10 C11  doub Y N 276 
RR1 C10 C4   sing Y N 277 
RR1 C11 C12  sing Y N 278 
RR1 C11 H11  sing N N 279 
RR1 C12 C13  doub Y N 280 
RR1 C12 H12  sing N N 281 
RR1 C13 C14  sing Y N 282 
RR1 C13 H13  sing N N 283 
RR1 C14 C4   doub Y N 284 
RR1 C14 H14  sing N N 285 
RR1 C4  N1   sing N N 286 
RR1 C5  C3   doub Y N 287 
RR1 C5  C6   sing Y N 288 
RR1 C5  O28  sing N N 289 
RR1 C3  C9   sing Y N 290 
RR1 C3  N2   sing N N 291 
RR1 C9  C8   doub Y N 292 
RR1 C9  S35  sing N N 293 
RR1 C8  C7   sing Y N 294 
RR1 C8  HC8  sing N N 295 
RR1 C7  C6   doub Y N 296 
RR1 C7  C18  sing Y N 297 
RR1 C6  C15  sing Y N 298 
RR1 C15 C16  doub Y N 299 
RR1 C15 N19  sing N N 300 
RR1 C16 C17  sing Y N 301 
RR1 C16 H16  sing N N 302 
RR1 C17 C18  doub Y N 303 
RR1 C17 S36  sing N N 304 
RR1 C18 H18  sing N N 305 
RR1 O28 H28  sing N N 306 
RR1 O37 S36  sing N N 307 
RR1 O37 H37  sing N N 308 
RR1 O38 S36  doub N N 309 
RR1 O41 S36  doub N N 310 
RR1 O39 S35  sing N N 311 
RR1 O39 H39  sing N N 312 
RR1 O40 S35  doub N N 313 
RR1 O42 S35  doub N N 314 
RR1 N1  N2   doub N E 315 
RR1 N19 C20  sing N N 316 
RR1 N19 H19  sing N N 317 
RR1 C20 N21  doub Y N 318 
RR1 C20 N25  sing Y N 319 
RR1 N21 C22  sing Y N 320 
RR1 C22 N23  doub Y N 321 
RR1 C22 NL2  sing N N 322 
RR1 N23 C24  sing Y N 323 
RR1 C24 N25  doub Y N 324 
RR1 C24 NL1  sing N N 325 
RR1 NL1 HL11 sing N N 326 
RR1 NL1 HL12 sing N N 327 
RR1 NL2 HL21 sing N N 328 
RR1 NL2 HL22 sing N N 329 
SER N   CA   sing N N 330 
SER N   H    sing N N 331 
SER N   H2   sing N N 332 
SER CA  C    sing N N 333 
SER CA  CB   sing N N 334 
SER CA  HA   sing N N 335 
SER C   O    doub N N 336 
SER C   OXT  sing N N 337 
SER CB  OG   sing N N 338 
SER CB  HB2  sing N N 339 
SER CB  HB3  sing N N 340 
SER OG  HG   sing N N 341 
SER OXT HXT  sing N N 342 
SO4 S   O1   doub N N 343 
SO4 S   O2   doub N N 344 
SO4 S   O3   sing N N 345 
SO4 S   O4   sing N N 346 
THR N   CA   sing N N 347 
THR N   H    sing N N 348 
THR N   H2   sing N N 349 
THR CA  C    sing N N 350 
THR CA  CB   sing N N 351 
THR CA  HA   sing N N 352 
THR C   O    doub N N 353 
THR C   OXT  sing N N 354 
THR CB  OG1  sing N N 355 
THR CB  CG2  sing N N 356 
THR CB  HB   sing N N 357 
THR OG1 HG1  sing N N 358 
THR CG2 HG21 sing N N 359 
THR CG2 HG22 sing N N 360 
THR CG2 HG23 sing N N 361 
THR OXT HXT  sing N N 362 
TRP N   CA   sing N N 363 
TRP N   H    sing N N 364 
TRP N   H2   sing N N 365 
TRP CA  C    sing N N 366 
TRP CA  CB   sing N N 367 
TRP CA  HA   sing N N 368 
TRP C   O    doub N N 369 
TRP C   OXT  sing N N 370 
TRP CB  CG   sing N N 371 
TRP CB  HB2  sing N N 372 
TRP CB  HB3  sing N N 373 
TRP CG  CD1  doub Y N 374 
TRP CG  CD2  sing Y N 375 
TRP CD1 NE1  sing Y N 376 
TRP CD1 HD1  sing N N 377 
TRP CD2 CE2  doub Y N 378 
TRP CD2 CE3  sing Y N 379 
TRP NE1 CE2  sing Y N 380 
TRP NE1 HE1  sing N N 381 
TRP CE2 CZ2  sing Y N 382 
TRP CE3 CZ3  doub Y N 383 
TRP CE3 HE3  sing N N 384 
TRP CZ2 CH2  doub Y N 385 
TRP CZ2 HZ2  sing N N 386 
TRP CZ3 CH2  sing Y N 387 
TRP CZ3 HZ3  sing N N 388 
TRP CH2 HH2  sing N N 389 
TRP OXT HXT  sing N N 390 
TYR N   CA   sing N N 391 
TYR N   H    sing N N 392 
TYR N   H2   sing N N 393 
TYR CA  C    sing N N 394 
TYR CA  CB   sing N N 395 
TYR CA  HA   sing N N 396 
TYR C   O    doub N N 397 
TYR C   OXT  sing N N 398 
TYR CB  CG   sing N N 399 
TYR CB  HB2  sing N N 400 
TYR CB  HB3  sing N N 401 
TYR CG  CD1  doub Y N 402 
TYR CG  CD2  sing Y N 403 
TYR CD1 CE1  sing Y N 404 
TYR CD1 HD1  sing N N 405 
TYR CD2 CE2  doub Y N 406 
TYR CD2 HD2  sing N N 407 
TYR CE1 CZ   doub Y N 408 
TYR CE1 HE1  sing N N 409 
TYR CE2 CZ   sing Y N 410 
TYR CE2 HE2  sing N N 411 
TYR CZ  OH   sing N N 412 
TYR OH  HH   sing N N 413 
TYR OXT HXT  sing N N 414 
VAL N   CA   sing N N 415 
VAL N   H    sing N N 416 
VAL N   H2   sing N N 417 
VAL CA  C    sing N N 418 
VAL CA  CB   sing N N 419 
VAL CA  HA   sing N N 420 
VAL C   O    doub N N 421 
VAL C   OXT  sing N N 422 
VAL CB  CG1  sing N N 423 
VAL CB  CG2  sing N N 424 
VAL CB  HB   sing N N 425 
VAL CG1 HG11 sing N N 426 
VAL CG1 HG12 sing N N 427 
VAL CG1 HG13 sing N N 428 
VAL CG2 HG21 sing N N 429 
VAL CG2 HG22 sing N N 430 
VAL CG2 HG23 sing N N 431 
VAL OXT HXT  sing N N 432 
# 
_pdbx_initial_refinement_model.accession_code   ? 
_pdbx_initial_refinement_model.id               1 
_pdbx_initial_refinement_model.entity_id_list   ? 
_pdbx_initial_refinement_model.type             'experimental model' 
_pdbx_initial_refinement_model.source_name      Other 
_pdbx_initial_refinement_model.details          'VHH52 anti-R1 unliganded' 
# 
_atom_sites.entry_id                    1I3U 
_atom_sites.fract_transf_matrix[1][1]   -0.00378748 
_atom_sites.fract_transf_matrix[1][2]   -0.01422988 
_atom_sites.fract_transf_matrix[1][3]   0.00235137 
_atom_sites.fract_transf_matrix[2][1]   -0.00553957 
_atom_sites.fract_transf_matrix[2][2]   -0.00415677 
_atom_sites.fract_transf_matrix[2][3]   0.01320614 
_atom_sites.fract_transf_matrix[3][1]   -0.00528596 
_atom_sites.fract_transf_matrix[3][2]   0.00109763 
_atom_sites.fract_transf_matrix[3][3]   -0.00187180 
_atom_sites.fract_transf_vector[1]      0.374115 
_atom_sites.fract_transf_vector[2]      0.149067 
_atom_sites.fract_transf_vector[3]      0.242306 
# 
loop_
_atom_type.symbol 
C 
N 
O 
S 
# 
loop_
_atom_site.group_PDB 
_atom_site.id 
_atom_site.type_symbol 
_atom_site.label_atom_id 
_atom_site.label_alt_id 
_atom_site.label_comp_id 
_atom_site.label_asym_id 
_atom_site.label_entity_id 
_atom_site.label_seq_id 
_atom_site.pdbx_PDB_ins_code 
_atom_site.Cartn_x 
_atom_site.Cartn_y 
_atom_site.Cartn_z 
_atom_site.occupancy 
_atom_site.B_iso_or_equiv 
_atom_site.pdbx_formal_charge 
_atom_site.auth_seq_id 
_atom_site.auth_comp_id 
_atom_site.auth_asym_id 
_atom_site.auth_atom_id 
_atom_site.pdbx_PDB_model_num 
HETATM 1    C CB  . CGN A 1 1   ? 4.256   -15.210 10.277  1.00 31.01 ? 1   CGN A CB  1 
HETATM 2    C CG  . CGN A 1 1   ? 3.838   -16.556 10.733  1.00 31.01 ? 1   CGN A CG  1 
HETATM 3    C CD  . CGN A 1 1   ? 2.694   -16.904 9.861   1.00 31.07 ? 1   CGN A CD  1 
HETATM 4    N N   . CGN A 1 1   ? 2.391   -15.930 8.989   1.00 30.91 ? 1   CGN A N   1 
HETATM 5    O OE1 . CGN A 1 1   ? 2.085   -17.971 9.920   1.00 31.72 ? 1   CGN A OE1 1 
HETATM 6    C C   . CGN A 1 1   ? 4.045   -14.460 7.862   1.00 30.31 ? 1   CGN A C   1 
HETATM 7    C CA  . CGN A 1 1   ? 3.299   -14.773 9.151   1.00 30.99 ? 1   CGN A CA  1 
HETATM 8    O O   . CGN A 1 1   ? 4.444   -15.358 7.120   1.00 30.35 ? 1   CGN A O   1 
ATOM   9    N N   . VAL A 1 2   ? 4.232   -13.177 7.594   1.00 29.08 ? 2   VAL A N   1 
ATOM   10   C CA  . VAL A 1 2   ? 4.931   -12.771 6.393   1.00 28.73 ? 2   VAL A CA  1 
ATOM   11   C C   . VAL A 1 2   ? 5.739   -11.513 6.677   1.00 28.86 ? 2   VAL A C   1 
ATOM   12   O O   . VAL A 1 2   ? 5.366   -10.704 7.530   1.00 28.42 ? 2   VAL A O   1 
ATOM   13   C CB  . VAL A 1 2   ? 3.926   -12.497 5.242   1.00 27.81 ? 2   VAL A CB  1 
ATOM   14   C CG1 . VAL A 1 2   ? 2.979   -11.370 5.638   1.00 27.54 ? 2   VAL A CG1 1 
ATOM   15   C CG2 . VAL A 1 2   ? 4.669   -12.153 3.962   1.00 26.20 ? 2   VAL A CG2 1 
ATOM   16   N N   . GLN A 1 3   ? 6.857   -11.363 5.979   1.00 27.87 ? 3   GLN A N   1 
ATOM   17   C CA  . GLN A 1 3   ? 7.685   -10.178 6.143   1.00 27.45 ? 3   GLN A CA  1 
ATOM   18   C C   . GLN A 1 3   ? 7.485   -9.330  4.898   1.00 25.89 ? 3   GLN A C   1 
ATOM   19   O O   . GLN A 1 3   ? 7.508   -9.845  3.780   1.00 24.51 ? 3   GLN A O   1 
ATOM   20   C CB  . GLN A 1 3   ? 9.153   -10.569 6.296   1.00 31.33 ? 3   GLN A CB  1 
ATOM   21   C CG  . GLN A 1 3   ? 9.410   -11.460 7.494   1.00 35.58 ? 3   GLN A CG  1 
ATOM   22   C CD  . GLN A 1 3   ? 10.884  -11.672 7.748   1.00 39.41 ? 3   GLN A CD  1 
ATOM   23   O OE1 . GLN A 1 3   ? 11.654  -11.937 6.821   1.00 41.17 ? 3   GLN A OE1 1 
ATOM   24   N NE2 . GLN A 1 3   ? 11.288  -11.567 9.013   1.00 41.58 ? 3   GLN A NE2 1 
ATOM   25   N N   . LEU A 1 4   ? 7.273   -8.033  5.092   1.00 24.33 ? 4   LEU A N   1 
ATOM   26   C CA  . LEU A 1 4   ? 7.036   -7.128  3.972   1.00 24.19 ? 4   LEU A CA  1 
ATOM   27   C C   . LEU A 1 4   ? 8.144   -6.088  3.842   1.00 24.67 ? 4   LEU A C   1 
ATOM   28   O O   . LEU A 1 4   ? 8.723   -5.660  4.838   1.00 23.84 ? 4   LEU A O   1 
ATOM   29   C CB  . LEU A 1 4   ? 5.689   -6.418  4.154   1.00 22.48 ? 4   LEU A CB  1 
ATOM   30   C CG  . LEU A 1 4   ? 4.466   -7.316  4.386   1.00 22.50 ? 4   LEU A CG  1 
ATOM   31   C CD1 . LEU A 1 4   ? 3.244   -6.465  4.709   1.00 22.52 ? 4   LEU A CD1 1 
ATOM   32   C CD2 . LEU A 1 4   ? 4.214   -8.172  3.152   1.00 22.81 ? 4   LEU A CD2 1 
ATOM   33   N N   . GLN A 1 5   ? 8.429   -5.690  2.607   1.00 25.89 ? 5   GLN A N   1 
ATOM   34   C CA  . GLN A 1 5   ? 9.449   -4.692  2.339   1.00 28.63 ? 5   GLN A CA  1 
ATOM   35   C C   . GLN A 1 5   ? 9.029   -3.773  1.198   1.00 28.08 ? 5   GLN A C   1 
ATOM   36   O O   . GLN A 1 5   ? 8.782   -4.222  0.079   1.00 26.07 ? 5   GLN A O   1 
ATOM   37   C CB  . GLN A 1 5   ? 10.780  -5.357  1.993   1.00 32.47 ? 5   GLN A CB  1 
ATOM   38   C CG  . GLN A 1 5   ? 11.901  -4.352  1.738   1.00 37.67 ? 5   GLN A CG  1 
ATOM   39   C CD  . GLN A 1 5   ? 12.157  -3.450  2.937   1.00 40.70 ? 5   GLN A CD  1 
ATOM   40   O OE1 . GLN A 1 5   ? 12.659  -3.898  3.971   1.00 44.02 ? 5   GLN A OE1 1 
ATOM   41   N NE2 . GLN A 1 5   ? 11.799  -2.174  2.807   1.00 42.62 ? 5   GLN A NE2 1 
ATOM   42   N N   . GLU A 1 6   ? 8.950   -2.480  1.493   1.00 28.02 ? 6   GLU A N   1 
ATOM   43   C CA  . GLU A 1 6   ? 8.564   -1.494  0.495   1.00 28.48 ? 6   GLU A CA  1 
ATOM   44   C C   . GLU A 1 6   ? 9.785   -1.002  -0.281  1.00 29.87 ? 6   GLU A C   1 
ATOM   45   O O   . GLU A 1 6   ? 10.901  -0.983  0.237   1.00 30.26 ? 6   GLU A O   1 
ATOM   46   C CB  . GLU A 1 6   ? 7.869   -0.301  1.163   1.00 27.34 ? 6   GLU A CB  1 
ATOM   47   C CG  . GLU A 1 6   ? 6.650   -0.664  2.003   1.00 26.81 ? 6   GLU A CG  1 
ATOM   48   C CD  . GLU A 1 6   ? 7.005   -1.023  3.436   1.00 25.69 ? 6   GLU A CD  1 
ATOM   49   O OE1 . GLU A 1 6   ? 8.162   -1.415  3.691   1.00 26.33 ? 6   GLU A OE1 1 
ATOM   50   O OE2 . GLU A 1 6   ? 6.120   -0.926  4.309   1.00 26.17 ? 6   GLU A OE2 1 
ATOM   51   N N   . SER A 1 7   ? 9.566   -0.617  -1.531  1.00 30.23 ? 7   SER A N   1 
ATOM   52   C CA  . SER A 1 7   ? 10.638  -0.105  -2.371  1.00 31.24 ? 7   SER A CA  1 
ATOM   53   C C   . SER A 1 7   ? 10.026  0.847   -3.387  1.00 32.09 ? 7   SER A C   1 
ATOM   54   O O   . SER A 1 7   ? 8.806   0.876   -3.557  1.00 31.09 ? 7   SER A O   1 
ATOM   55   C CB  . SER A 1 7   ? 11.356  -1.251  -3.093  1.00 31.28 ? 7   SER A CB  1 
ATOM   56   O OG  . SER A 1 7   ? 10.476  -1.934  -3.970  1.00 32.31 ? 7   SER A OG  1 
ATOM   57   N N   . GLY A 1 8   ? 10.868  1.633   -4.050  1.00 32.51 ? 8   GLY A N   1 
ATOM   58   C CA  . GLY A 1 8   ? 10.375  2.559   -5.050  1.00 34.16 ? 8   GLY A CA  1 
ATOM   59   C C   . GLY A 1 8   ? 10.164  3.977   -4.555  1.00 36.00 ? 8   GLY A C   1 
ATOM   60   O O   . GLY A 1 8   ? 9.706   4.830   -5.313  1.00 36.24 ? 8   GLY A O   1 
ATOM   61   N N   . GLY A 1 9   ? 10.494  4.235   -3.294  1.00 36.98 ? 9   GLY A N   1 
ATOM   62   C CA  . GLY A 1 9   ? 10.322  5.569   -2.748  1.00 40.71 ? 9   GLY A CA  1 
ATOM   63   C C   . GLY A 1 9   ? 11.496  6.483   -3.051  1.00 43.40 ? 9   GLY A C   1 
ATOM   64   O O   . GLY A 1 9   ? 12.321  6.180   -3.914  1.00 43.21 ? 9   GLY A O   1 
ATOM   65   N N   . GLY A 1 10  ? 11.574  7.606   -2.342  1.00 45.56 ? 10  GLY A N   1 
ATOM   66   C CA  . GLY A 1 10  ? 12.665  8.541   -2.556  1.00 48.07 ? 10  GLY A CA  1 
ATOM   67   C C   . GLY A 1 10  ? 12.226  9.908   -3.054  1.00 49.99 ? 10  GLY A C   1 
ATOM   68   O O   . GLY A 1 10  ? 11.034  10.219  -3.087  1.00 49.81 ? 10  GLY A O   1 
ATOM   69   N N   . LEU A 1 11  ? 13.200  10.731  -3.440  1.00 51.28 ? 11  LEU A N   1 
ATOM   70   C CA  . LEU A 1 11  ? 12.925  12.076  -3.940  1.00 52.51 ? 11  LEU A CA  1 
ATOM   71   C C   . LEU A 1 11  ? 12.140  12.047  -5.242  1.00 53.19 ? 11  LEU A C   1 
ATOM   72   O O   . LEU A 1 11  ? 12.500  11.338  -6.183  1.00 53.42 ? 11  LEU A O   1 
ATOM   73   C CB  . LEU A 1 11  ? 14.234  12.843  -4.158  1.00 52.81 ? 11  LEU A CB  1 
ATOM   74   C CG  . LEU A 1 11  ? 14.973  13.375  -2.929  1.00 52.57 ? 11  LEU A CG  1 
ATOM   75   C CD1 . LEU A 1 11  ? 16.269  14.046  -3.368  1.00 52.30 ? 11  LEU A CD1 1 
ATOM   76   C CD2 . LEU A 1 11  ? 14.087  14.367  -2.183  1.00 52.88 ? 11  LEU A CD2 1 
ATOM   77   N N   . VAL A 1 12  ? 11.066  12.827  -5.294  1.00 53.91 ? 12  VAL A N   1 
ATOM   78   C CA  . VAL A 1 12  ? 10.223  12.901  -6.480  1.00 54.78 ? 12  VAL A CA  1 
ATOM   79   C C   . VAL A 1 12  ? 9.799   14.346  -6.739  1.00 55.60 ? 12  VAL A C   1 
ATOM   80   O O   . VAL A 1 12  ? 9.661   15.139  -5.809  1.00 55.50 ? 12  VAL A O   1 
ATOM   81   C CB  . VAL A 1 12  ? 8.958   12.027  -6.316  1.00 54.86 ? 12  VAL A CB  1 
ATOM   82   C CG1 . VAL A 1 12  ? 8.120   12.529  -5.148  1.00 54.48 ? 12  VAL A CG1 1 
ATOM   83   C CG2 . VAL A 1 12  ? 8.151   12.031  -7.604  1.00 54.79 ? 12  VAL A CG2 1 
ATOM   84   N N   . GLN A 1 13  ? 9.603   14.680  -8.010  1.00 56.65 ? 13  GLN A N   1 
ATOM   85   C CA  . GLN A 1 13  ? 9.195   16.028  -8.396  1.00 58.10 ? 13  GLN A CA  1 
ATOM   86   C C   . GLN A 1 13  ? 7.678   16.132  -8.450  1.00 57.50 ? 13  GLN A C   1 
ATOM   87   O O   . GLN A 1 13  ? 7.008   15.262  -9.009  1.00 58.03 ? 13  GLN A O   1 
ATOM   88   C CB  . GLN A 1 13  ? 9.764   16.387  -9.771  1.00 59.67 ? 13  GLN A CB  1 
ATOM   89   C CG  . GLN A 1 13  ? 11.273  16.505  -9.828  1.00 61.65 ? 13  GLN A CG  1 
ATOM   90   C CD  . GLN A 1 13  ? 11.769  16.797  -11.231 1.00 63.42 ? 13  GLN A CD  1 
ATOM   91   O OE1 . GLN A 1 13  ? 11.593  15.989  -12.146 1.00 64.18 ? 13  GLN A OE1 1 
ATOM   92   N NE2 . GLN A 1 13  ? 12.386  17.958  -11.411 1.00 64.09 ? 13  GLN A NE2 1 
ATOM   93   N N   . ALA A 1 14  ? 7.141   17.202  -7.872  1.00 56.78 ? 14  ALA A N   1 
ATOM   94   C CA  . ALA A 1 14  ? 5.699   17.415  -7.865  1.00 55.87 ? 14  ALA A CA  1 
ATOM   95   C C   . ALA A 1 14  ? 5.157   17.298  -9.285  1.00 55.01 ? 14  ALA A C   1 
ATOM   96   O O   . ALA A 1 14  ? 5.821   17.693  -10.244 1.00 54.83 ? 14  ALA A O   1 
ATOM   97   C CB  . ALA A 1 14  ? 5.374   18.787  -7.288  1.00 55.60 ? 14  ALA A CB  1 
ATOM   98   N N   . GLY A 1 15  ? 3.955   16.745  -9.413  1.00 53.94 ? 15  GLY A N   1 
ATOM   99   C CA  . GLY A 1 15  ? 3.349   16.586  -10.720 1.00 52.57 ? 15  GLY A CA  1 
ATOM   100  C C   . GLY A 1 15  ? 3.640   15.234  -11.341 1.00 51.89 ? 15  GLY A C   1 
ATOM   101  O O   . GLY A 1 15  ? 2.859   14.738  -12.151 1.00 52.49 ? 15  GLY A O   1 
ATOM   102  N N   . ASP A 1 16  ? 4.764   14.633  -10.967 1.00 51.12 ? 16  ASP A N   1 
ATOM   103  C CA  . ASP A 1 16  ? 5.135   13.331  -11.505 1.00 51.11 ? 16  ASP A CA  1 
ATOM   104  C C   . ASP A 1 16  ? 4.534   12.186  -10.696 1.00 50.19 ? 16  ASP A C   1 
ATOM   105  O O   . ASP A 1 16  ? 4.012   12.388  -9.597  1.00 49.28 ? 16  ASP A O   1 
ATOM   106  C CB  . ASP A 1 16  ? 6.658   13.189  -11.551 1.00 51.85 ? 16  ASP A CB  1 
ATOM   107  C CG  . ASP A 1 16  ? 7.299   14.114  -12.568 1.00 52.99 ? 16  ASP A CG  1 
ATOM   108  O OD1 . ASP A 1 16  ? 6.885   14.081  -13.747 1.00 53.45 ? 16  ASP A OD1 1 
ATOM   109  O OD2 . ASP A 1 16  ? 8.217   14.871  -12.189 1.00 53.83 ? 16  ASP A OD2 1 
ATOM   110  N N   . SER A 1 17  ? 4.614   10.981  -11.253 1.00 49.28 ? 17  SER A N   1 
ATOM   111  C CA  . SER A 1 17  ? 4.080   9.793   -10.601 1.00 47.86 ? 17  SER A CA  1 
ATOM   112  C C   . SER A 1 17  ? 5.193   8.903   -10.050 1.00 47.27 ? 17  SER A C   1 
ATOM   113  O O   . SER A 1 17  ? 6.340   8.973   -10.494 1.00 47.37 ? 17  SER A O   1 
ATOM   114  C CB  . SER A 1 17  ? 3.230   8.991   -11.587 1.00 48.05 ? 17  SER A CB  1 
ATOM   115  O OG  . SER A 1 17  ? 4.028   8.474   -12.638 1.00 48.34 ? 17  SER A OG  1 
ATOM   116  N N   . LEU A 1 18  ? 4.842   8.064   -9.082  1.00 45.34 ? 18  LEU A N   1 
ATOM   117  C CA  . LEU A 1 18  ? 5.798   7.157   -8.462  1.00 43.23 ? 18  LEU A CA  1 
ATOM   118  C C   . LEU A 1 18  ? 5.127   5.805   -8.195  1.00 42.15 ? 18  LEU A C   1 
ATOM   119  O O   . LEU A 1 18  ? 3.986   5.750   -7.734  1.00 41.16 ? 18  LEU A O   1 
ATOM   120  C CB  . LEU A 1 18  ? 6.296   7.756   -7.148  1.00 43.99 ? 18  LEU A CB  1 
ATOM   121  C CG  . LEU A 1 18  ? 7.419   7.024   -6.418  1.00 44.52 ? 18  LEU A CG  1 
ATOM   122  C CD1 . LEU A 1 18  ? 8.694   7.108   -7.239  1.00 45.77 ? 18  LEU A CD1 1 
ATOM   123  C CD2 . LEU A 1 18  ? 7.630   7.650   -5.044  1.00 45.27 ? 18  LEU A CD2 1 
ATOM   124  N N   . LYS A 1 19  ? 5.835   4.721   -8.495  1.00 39.59 ? 19  LYS A N   1 
ATOM   125  C CA  . LYS A 1 19  ? 5.306   3.379   -8.281  1.00 37.34 ? 19  LYS A CA  1 
ATOM   126  C C   . LYS A 1 19  ? 5.984   2.705   -7.093  1.00 35.65 ? 19  LYS A C   1 
ATOM   127  O O   . LYS A 1 19  ? 7.183   2.420   -7.130  1.00 35.32 ? 19  LYS A O   1 
ATOM   128  C CB  . LYS A 1 19  ? 5.513   2.525   -9.532  1.00 37.61 ? 19  LYS A CB  1 
ATOM   129  C CG  . LYS A 1 19  ? 5.070   1.083   -9.372  1.00 39.75 ? 19  LYS A CG  1 
ATOM   130  C CD  . LYS A 1 19  ? 5.426   0.261   -10.598 1.00 41.82 ? 19  LYS A CD  1 
ATOM   131  C CE  . LYS A 1 19  ? 5.069   -1.204  -10.407 1.00 43.58 ? 19  LYS A CE  1 
ATOM   132  N NZ  . LYS A 1 19  ? 5.481   -2.039  -11.571 1.00 45.12 ? 19  LYS A NZ  1 
ATOM   133  N N   . LEU A 1 20  ? 5.217   2.452   -6.037  1.00 32.43 ? 20  LEU A N   1 
ATOM   134  C CA  . LEU A 1 20  ? 5.759   1.797   -4.853  1.00 30.01 ? 20  LEU A CA  1 
ATOM   135  C C   . LEU A 1 20  ? 5.473   0.301   -4.918  1.00 28.95 ? 20  LEU A C   1 
ATOM   136  O O   . LEU A 1 20  ? 4.436   -0.121  -5.436  1.00 26.43 ? 20  LEU A O   1 
ATOM   137  C CB  . LEU A 1 20  ? 5.138   2.375   -3.580  1.00 28.80 ? 20  LEU A CB  1 
ATOM   138  C CG  . LEU A 1 20  ? 5.285   3.872   -3.298  1.00 29.19 ? 20  LEU A CG  1 
ATOM   139  C CD1 . LEU A 1 20  ? 4.711   4.174   -1.917  1.00 27.77 ? 20  LEU A CD1 1 
ATOM   140  C CD2 . LEU A 1 20  ? 6.755   4.280   -3.361  1.00 28.18 ? 20  LEU A CD2 1 
ATOM   141  N N   . SER A 1 21  ? 6.400   -0.493  -4.389  1.00 28.65 ? 21  SER A N   1 
ATOM   142  C CA  . SER A 1 21  ? 6.258   -1.943  -4.371  1.00 28.39 ? 21  SER A CA  1 
ATOM   143  C C   . SER A 1 21  ? 6.389   -2.490  -2.962  1.00 27.37 ? 21  SER A C   1 
ATOM   144  O O   . SER A 1 21  ? 7.156   -1.978  -2.144  1.00 27.03 ? 21  SER A O   1 
ATOM   145  C CB  . SER A 1 21  ? 7.312   -2.604  -5.261  1.00 29.19 ? 21  SER A CB  1 
ATOM   146  O OG  . SER A 1 21  ? 7.110   -2.263  -6.617  1.00 34.04 ? 21  SER A OG  1 
ATOM   147  N N   . CYS A 1 22  ? 5.633   -3.547  -2.695  1.00 25.78 ? 22  CYS A N   1 
ATOM   148  C CA  . CYS A 1 22  ? 5.632   -4.208  -1.400  1.00 25.51 ? 22  CYS A CA  1 
ATOM   149  C C   . CYS A 1 22  ? 5.897   -5.680  -1.670  1.00 26.05 ? 22  CYS A C   1 
ATOM   150  O O   . CYS A 1 22  ? 5.040   -6.372  -2.219  1.00 25.22 ? 22  CYS A O   1 
ATOM   151  C CB  . CYS A 1 22  ? 4.261   -4.036  -0.756  1.00 25.08 ? 22  CYS A CB  1 
ATOM   152  S SG  . CYS A 1 22  ? 3.951   -4.858  0.839   1.00 25.18 ? 22  CYS A SG  1 
ATOM   153  N N   . GLU A 1 23  ? 7.086   -6.154  -1.309  1.00 26.64 ? 23  GLU A N   1 
ATOM   154  C CA  . GLU A 1 23  ? 7.430   -7.553  -1.535  1.00 27.89 ? 23  GLU A CA  1 
ATOM   155  C C   . GLU A 1 23  ? 7.336   -8.373  -0.254  1.00 26.06 ? 23  GLU A C   1 
ATOM   156  O O   . GLU A 1 23  ? 7.806   -7.950  0.801   1.00 27.00 ? 23  GLU A O   1 
ATOM   157  C CB  . GLU A 1 23  ? 8.843   -7.673  -2.106  1.00 30.39 ? 23  GLU A CB  1 
ATOM   158  C CG  . GLU A 1 23  ? 9.235   -9.109  -2.415  1.00 35.06 ? 23  GLU A CG  1 
ATOM   159  C CD  . GLU A 1 23  ? 10.663  -9.237  -2.901  1.00 37.86 ? 23  GLU A CD  1 
ATOM   160  O OE1 . GLU A 1 23  ? 11.007  -8.577  -3.904  1.00 37.59 ? 23  GLU A OE1 1 
ATOM   161  O OE2 . GLU A 1 23  ? 11.437  -9.996  -2.280  1.00 40.30 ? 23  GLU A OE2 1 
ATOM   162  N N   . ALA A 1 24  ? 6.733   -9.550  -0.361  1.00 25.13 ? 24  ALA A N   1 
ATOM   163  C CA  . ALA A 1 24  ? 6.567   -10.438 0.783   1.00 24.38 ? 24  ALA A CA  1 
ATOM   164  C C   . ALA A 1 24  ? 7.613   -11.554 0.793   1.00 23.49 ? 24  ALA A C   1 
ATOM   165  O O   . ALA A 1 24  ? 8.111   -11.964 -0.256  1.00 22.31 ? 24  ALA A O   1 
ATOM   166  C CB  . ALA A 1 24  ? 5.167   -11.046 0.765   1.00 25.24 ? 24  ALA A CB  1 
ATOM   167  N N   . SER A 1 25  ? 7.931   -12.030 1.992   1.00 23.52 ? 25  SER A N   1 
ATOM   168  C CA  . SER A 1 25  ? 8.893   -13.107 2.201   1.00 26.73 ? 25  SER A CA  1 
ATOM   169  C C   . SER A 1 25  ? 8.364   -14.010 3.313   1.00 26.81 ? 25  SER A C   1 
ATOM   170  O O   . SER A 1 25  ? 7.610   -13.556 4.179   1.00 28.59 ? 25  SER A O   1 
ATOM   171  C CB  . SER A 1 25  ? 10.255  -12.542 2.631   1.00 25.70 ? 25  SER A CB  1 
ATOM   172  O OG  . SER A 1 25  ? 10.850  -11.783 1.594   1.00 31.57 ? 25  SER A OG  1 
ATOM   173  N N   . GLY A 1 26  ? 8.752   -15.283 3.283   1.00 27.37 ? 26  GLY A N   1 
ATOM   174  C CA  . GLY A 1 26  ? 8.323   -16.218 4.313   1.00 26.79 ? 26  GLY A CA  1 
ATOM   175  C C   . GLY A 1 26  ? 6.990   -16.900 4.072   1.00 27.45 ? 26  GLY A C   1 
ATOM   176  O O   . GLY A 1 26  ? 6.712   -17.953 4.649   1.00 28.38 ? 26  GLY A O   1 
ATOM   177  N N   . ASP A 1 27  ? 6.158   -16.300 3.229   1.00 26.26 ? 27  ASP A N   1 
ATOM   178  C CA  . ASP A 1 27  ? 4.846   -16.853 2.914   1.00 26.82 ? 27  ASP A CA  1 
ATOM   179  C C   . ASP A 1 27  ? 4.362   -16.174 1.640   1.00 25.27 ? 27  ASP A C   1 
ATOM   180  O O   . ASP A 1 27  ? 4.969   -15.201 1.184   1.00 24.49 ? 27  ASP A O   1 
ATOM   181  C CB  . ASP A 1 27  ? 3.867   -16.588 4.064   1.00 27.87 ? 27  ASP A CB  1 
ATOM   182  C CG  . ASP A 1 27  ? 2.590   -17.413 3.958   1.00 28.06 ? 27  ASP A CG  1 
ATOM   183  O OD1 . ASP A 1 27  ? 2.523   -18.338 3.118   1.00 28.37 ? 27  ASP A OD1 1 
ATOM   184  O OD2 . ASP A 1 27  ? 1.648   -17.143 4.730   1.00 31.05 ? 27  ASP A OD2 1 
ATOM   185  N N   . SER A 1 28  ? 3.276   -16.685 1.074   1.00 23.12 ? 28  SER A N   1 
ATOM   186  C CA  . SER A 1 28  ? 2.718   -16.137 -0.159  1.00 23.46 ? 28  SER A CA  1 
ATOM   187  C C   . SER A 1 28  ? 1.914   -14.879 0.114   1.00 22.77 ? 28  SER A C   1 
ATOM   188  O O   . SER A 1 28  ? 1.053   -14.866 0.994   1.00 22.71 ? 28  SER A O   1 
ATOM   189  C CB  . SER A 1 28  ? 1.820   -17.178 -0.830  1.00 25.91 ? 28  SER A CB  1 
ATOM   190  O OG  . SER A 1 28  ? 2.539   -18.379 -1.056  1.00 30.81 ? 28  SER A OG  1 
ATOM   191  N N   . ILE A 1 29  ? 2.197   -13.820 -0.640  1.00 21.02 ? 29  ILE A N   1 
ATOM   192  C CA  . ILE A 1 29  ? 1.486   -12.561 -0.469  1.00 20.10 ? 29  ILE A CA  1 
ATOM   193  C C   . ILE A 1 29  ? 0.024   -12.768 -0.865  1.00 18.94 ? 29  ILE A C   1 
ATOM   194  O O   . ILE A 1 29  ? -0.846  -11.999 -0.472  1.00 17.70 ? 29  ILE A O   1 
ATOM   195  C CB  . ILE A 1 29  ? 2.118   -11.430 -1.340  1.00 21.06 ? 29  ILE A CB  1 
ATOM   196  C CG1 . ILE A 1 29  ? 1.658   -10.061 -0.844  1.00 22.20 ? 29  ILE A CG1 1 
ATOM   197  C CG2 . ILE A 1 29  ? 1.690   -11.579 -2.800  1.00 18.22 ? 29  ILE A CG2 1 
ATOM   198  C CD1 . ILE A 1 29  ? 1.951   -9.810  0.607   1.00 29.31 ? 29  ILE A CD1 1 
ATOM   199  N N   . GLY A 1 30  ? -0.238  -13.824 -1.632  1.00 17.69 ? 30  GLY A N   1 
ATOM   200  C CA  . GLY A 1 30  ? -1.596  -14.104 -2.070  1.00 17.55 ? 30  GLY A CA  1 
ATOM   201  C C   . GLY A 1 30  ? -2.546  -14.495 -0.946  1.00 16.76 ? 30  GLY A C   1 
ATOM   202  O O   . GLY A 1 30  ? -3.767  -14.419 -1.097  1.00 17.40 ? 30  GLY A O   1 
ATOM   203  N N   . THR A 1 31  ? -1.978  -14.899 0.185   1.00 15.63 ? 31  THR A N   1 
ATOM   204  C CA  . THR A 1 31  ? -2.756  -15.318 1.347   1.00 16.62 ? 31  THR A CA  1 
ATOM   205  C C   . THR A 1 31  ? -3.139  -14.139 2.254   1.00 16.38 ? 31  THR A C   1 
ATOM   206  O O   . THR A 1 31  ? -3.880  -14.305 3.229   1.00 17.11 ? 31  THR A O   1 
ATOM   207  C CB  . THR A 1 31  ? -1.941  -16.356 2.164   1.00 17.81 ? 31  THR A CB  1 
ATOM   208  O OG1 . THR A 1 31  ? -1.768  -17.537 1.377   1.00 18.30 ? 31  THR A OG1 1 
ATOM   209  C CG2 . THR A 1 31  ? -2.631  -16.712 3.478   1.00 18.87 ? 31  THR A CG2 1 
ATOM   210  N N   . TYR A 1 32  ? -2.650  -12.951 1.921   1.00 16.38 ? 32  TYR A N   1 
ATOM   211  C CA  . TYR A 1 32  ? -2.904  -11.769 2.740   1.00 17.36 ? 32  TYR A CA  1 
ATOM   212  C C   . TYR A 1 32  ? -3.563  -10.618 2.029   1.00 17.39 ? 32  TYR A C   1 
ATOM   213  O O   . TYR A 1 32  ? -3.283  -10.357 0.868   1.00 18.42 ? 32  TYR A O   1 
ATOM   214  C CB  . TYR A 1 32  ? -1.583  -11.251 3.321   1.00 17.97 ? 32  TYR A CB  1 
ATOM   215  C CG  . TYR A 1 32  ? -0.875  -12.268 4.163   1.00 19.55 ? 32  TYR A CG  1 
ATOM   216  C CD1 . TYR A 1 32  ? -1.210  -12.432 5.508   1.00 18.97 ? 32  TYR A CD1 1 
ATOM   217  C CD2 . TYR A 1 32  ? 0.071   -13.130 3.602   1.00 18.95 ? 32  TYR A CD2 1 
ATOM   218  C CE1 . TYR A 1 32  ? -0.632  -13.429 6.270   1.00 21.45 ? 32  TYR A CE1 1 
ATOM   219  C CE2 . TYR A 1 32  ? 0.657   -14.137 4.362   1.00 20.98 ? 32  TYR A CE2 1 
ATOM   220  C CZ  . TYR A 1 32  ? 0.295   -14.280 5.698   1.00 22.68 ? 32  TYR A CZ  1 
ATOM   221  O OH  . TYR A 1 32  ? 0.850   -15.278 6.472   1.00 24.22 ? 32  TYR A OH  1 
ATOM   222  N N   . VAL A 1 33  ? -4.451  -9.937  2.746   1.00 17.72 ? 33  VAL A N   1 
ATOM   223  C CA  . VAL A 1 33  ? -5.085  -8.741  2.231   1.00 16.36 ? 33  VAL A CA  1 
ATOM   224  C C   . VAL A 1 33  ? -3.921  -7.761  2.426   1.00 16.15 ? 33  VAL A C   1 
ATOM   225  O O   . VAL A 1 33  ? -3.257  -7.805  3.462   1.00 16.46 ? 33  VAL A O   1 
ATOM   226  C CB  . VAL A 1 33  ? -6.284  -8.318  3.126   1.00 14.99 ? 33  VAL A CB  1 
ATOM   227  C CG1 . VAL A 1 33  ? -6.817  -6.968  2.696   1.00 16.90 ? 33  VAL A CG1 1 
ATOM   228  C CG2 . VAL A 1 33  ? -7.397  -9.374  3.044   1.00 13.55 ? 33  VAL A CG2 1 
ATOM   229  N N   . ILE A 1 34  ? -3.640  -6.913  1.440   1.00 15.71 ? 34  ILE A N   1 
ATOM   230  C CA  . ILE A 1 34  ? -2.545  -5.956  1.585   1.00 15.54 ? 34  ILE A CA  1 
ATOM   231  C C   . ILE A 1 34  ? -3.075  -4.530  1.612   1.00 15.58 ? 34  ILE A C   1 
ATOM   232  O O   . ILE A 1 34  ? -3.923  -4.143  0.806   1.00 15.92 ? 34  ILE A O   1 
ATOM   233  C CB  . ILE A 1 34  ? -1.489  -6.065  0.447   1.00 16.79 ? 34  ILE A CB  1 
ATOM   234  C CG1 . ILE A 1 34  ? -0.723  -7.387  0.545   1.00 20.18 ? 34  ILE A CG1 1 
ATOM   235  C CG2 . ILE A 1 34  ? -0.445  -4.961  0.596   1.00 16.59 ? 34  ILE A CG2 1 
ATOM   236  C CD1 . ILE A 1 34  ? -1.497  -8.569  0.106   1.00 26.92 ? 34  ILE A CD1 1 
ATOM   237  N N   . GLY A 1 35  ? -2.568  -3.748  2.552   1.00 16.79 ? 35  GLY A N   1 
ATOM   238  C CA  . GLY A 1 35  ? -3.004  -2.373  2.662   1.00 17.90 ? 35  GLY A CA  1 
ATOM   239  C C   . GLY A 1 35  ? -1.825  -1.433  2.545   1.00 19.27 ? 35  GLY A C   1 
ATOM   240  O O   . GLY A 1 35  ? -0.678  -1.841  2.736   1.00 19.30 ? 35  GLY A O   1 
ATOM   241  N N   . TRP A 1 36  ? -2.115  -0.178  2.218   1.00 20.33 ? 36  TRP A N   1 
ATOM   242  C CA  . TRP A 1 36  ? -1.089  0.852   2.096   1.00 21.31 ? 36  TRP A CA  1 
ATOM   243  C C   . TRP A 1 36  ? -1.422  1.979   3.067   1.00 22.74 ? 36  TRP A C   1 
ATOM   244  O O   . TRP A 1 36  ? -2.587  2.354   3.216   1.00 21.99 ? 36  TRP A O   1 
ATOM   245  C CB  . TRP A 1 36  ? -1.037  1.399   0.670   1.00 20.61 ? 36  TRP A CB  1 
ATOM   246  C CG  . TRP A 1 36  ? -0.314  0.511   -0.300  1.00 21.65 ? 36  TRP A CG  1 
ATOM   247  C CD1 . TRP A 1 36  ? -0.873  -0.367  -1.188  1.00 23.19 ? 36  TRP A CD1 1 
ATOM   248  C CD2 . TRP A 1 36  ? 1.104   0.405   -0.470  1.00 22.65 ? 36  TRP A CD2 1 
ATOM   249  N NE1 . TRP A 1 36  ? 0.112   -1.011  -1.901  1.00 22.79 ? 36  TRP A NE1 1 
ATOM   250  C CE2 . TRP A 1 36  ? 1.335   -0.557  -1.480  1.00 23.08 ? 36  TRP A CE2 1 
ATOM   251  C CE3 . TRP A 1 36  ? 2.208   1.029   0.135   1.00 21.70 ? 36  TRP A CE3 1 
ATOM   252  C CZ2 . TRP A 1 36  ? 2.623   -0.911  -1.902  1.00 22.70 ? 36  TRP A CZ2 1 
ATOM   253  C CZ3 . TRP A 1 36  ? 3.493   0.674   -0.287  1.00 22.79 ? 36  TRP A CZ3 1 
ATOM   254  C CH2 . TRP A 1 36  ? 3.685   -0.286  -1.296  1.00 21.69 ? 36  TRP A CH2 1 
ATOM   255  N N   . PHE A 1 37  ? -0.398  2.501   3.734   1.00 24.03 ? 37  PHE A N   1 
ATOM   256  C CA  . PHE A 1 37  ? -0.559  3.592   4.688   1.00 24.11 ? 37  PHE A CA  1 
ATOM   257  C C   . PHE A 1 37  ? 0.565   4.600   4.484   1.00 25.46 ? 37  PHE A C   1 
ATOM   258  O O   . PHE A 1 37  ? 1.576   4.300   3.848   1.00 24.05 ? 37  PHE A O   1 
ATOM   259  C CB  . PHE A 1 37  ? -0.470  3.085   6.133   1.00 25.27 ? 37  PHE A CB  1 
ATOM   260  C CG  . PHE A 1 37  ? -1.664  2.303   6.592   1.00 25.74 ? 37  PHE A CG  1 
ATOM   261  C CD1 . PHE A 1 37  ? -1.903  1.020   6.111   1.00 26.21 ? 37  PHE A CD1 1 
ATOM   262  C CD2 . PHE A 1 37  ? -2.543  2.843   7.527   1.00 25.47 ? 37  PHE A CD2 1 
ATOM   263  C CE1 . PHE A 1 37  ? -2.999  0.283   6.558   1.00 25.07 ? 37  PHE A CE1 1 
ATOM   264  C CE2 . PHE A 1 37  ? -3.643  2.115   7.980   1.00 25.76 ? 37  PHE A CE2 1 
ATOM   265  C CZ  . PHE A 1 37  ? -3.868  0.831   7.493   1.00 24.45 ? 37  PHE A CZ  1 
ATOM   266  N N   . ARG A 1 38  ? 0.384   5.798   5.032   1.00 26.33 ? 38  ARG A N   1 
ATOM   267  C CA  . ARG A 1 38  ? 1.417   6.815   4.951   1.00 29.38 ? 38  ARG A CA  1 
ATOM   268  C C   . ARG A 1 38  ? 1.423   7.578   6.258   1.00 31.46 ? 38  ARG A C   1 
ATOM   269  O O   . ARG A 1 38  ? 0.382   7.750   6.896   1.00 32.76 ? 38  ARG A O   1 
ATOM   270  C CB  . ARG A 1 38  ? 1.211   7.745   3.749   1.00 28.54 ? 38  ARG A CB  1 
ATOM   271  C CG  . ARG A 1 38  ? 0.077   8.740   3.828   1.00 28.10 ? 38  ARG A CG  1 
ATOM   272  C CD  . ARG A 1 38  ? 0.045   9.506   2.517   1.00 29.69 ? 38  ARG A CD  1 
ATOM   273  N NE  . ARG A 1 38  ? -1.060  10.450  2.433   1.00 31.44 ? 38  ARG A NE  1 
ATOM   274  C CZ  . ARG A 1 38  ? -1.386  11.118  1.332   1.00 32.16 ? 38  ARG A CZ  1 
ATOM   275  N NH1 . ARG A 1 38  ? -0.687  10.948  0.219   1.00 32.00 ? 38  ARG A NH1 1 
ATOM   276  N NH2 . ARG A 1 38  ? -2.416  11.951  1.347   1.00 33.38 ? 38  ARG A NH2 1 
ATOM   277  N N   . GLN A 1 39  ? 2.605   8.023   6.664   1.00 34.22 ? 39  GLN A N   1 
ATOM   278  C CA  . GLN A 1 39  ? 2.746   8.722   7.929   1.00 35.71 ? 39  GLN A CA  1 
ATOM   279  C C   . GLN A 1 39  ? 3.630   9.961   7.851   1.00 37.54 ? 39  GLN A C   1 
ATOM   280  O O   . GLN A 1 39  ? 4.779   9.890   7.420   1.00 36.84 ? 39  GLN A O   1 
ATOM   281  C CB  . GLN A 1 39  ? 3.313   7.746   8.966   1.00 35.47 ? 39  GLN A CB  1 
ATOM   282  C CG  . GLN A 1 39  ? 3.614   8.335   10.329  1.00 35.06 ? 39  GLN A CG  1 
ATOM   283  C CD  . GLN A 1 39  ? 4.332   7.353   11.227  1.00 36.42 ? 39  GLN A CD  1 
ATOM   284  O OE1 . GLN A 1 39  ? 5.354   6.786   10.848  1.00 36.80 ? 39  GLN A OE1 1 
ATOM   285  N NE2 . GLN A 1 39  ? 3.804   7.149   12.425  1.00 36.58 ? 39  GLN A NE2 1 
ATOM   286  N N   . ALA A 1 40  ? 3.077   11.094  8.273   1.00 40.32 ? 40  ALA A N   1 
ATOM   287  C CA  . ALA A 1 40  ? 3.810   12.358  8.285   1.00 42.83 ? 40  ALA A CA  1 
ATOM   288  C C   . ALA A 1 40  ? 4.569   12.404  9.608   1.00 44.36 ? 40  ALA A C   1 
ATOM   289  O O   . ALA A 1 40  ? 4.146   11.791  10.592  1.00 43.98 ? 40  ALA A O   1 
ATOM   290  C CB  . ALA A 1 40  ? 2.843   13.536  8.187   1.00 42.79 ? 40  ALA A CB  1 
ATOM   291  N N   . PRO A 1 41  ? 5.698   13.126  9.650   1.00 46.12 ? 41  PRO A N   1 
ATOM   292  C CA  . PRO A 1 41  ? 6.476   13.206  10.888  1.00 47.33 ? 41  PRO A CA  1 
ATOM   293  C C   . PRO A 1 41  ? 5.621   13.524  12.112  1.00 48.19 ? 41  PRO A C   1 
ATOM   294  O O   . PRO A 1 41  ? 4.849   14.484  12.119  1.00 47.96 ? 41  PRO A O   1 
ATOM   295  C CB  . PRO A 1 41  ? 7.493   14.300  10.577  1.00 47.76 ? 41  PRO A CB  1 
ATOM   296  C CG  . PRO A 1 41  ? 7.744   14.096  9.113   1.00 47.19 ? 41  PRO A CG  1 
ATOM   297  C CD  . PRO A 1 41  ? 6.333   13.917  8.582   1.00 45.96 ? 41  PRO A CD  1 
ATOM   298  N N   . GLY A 1 42  ? 5.757   12.695  13.140  1.00 49.47 ? 42  GLY A N   1 
ATOM   299  C CA  . GLY A 1 42  ? 5.010   12.903  14.366  1.00 51.11 ? 42  GLY A CA  1 
ATOM   300  C C   . GLY A 1 42  ? 3.547   12.492  14.347  1.00 52.71 ? 42  GLY A C   1 
ATOM   301  O O   . GLY A 1 42  ? 2.917   12.426  15.403  1.00 53.11 ? 42  GLY A O   1 
ATOM   302  N N   . LYS A 1 43  ? 2.987   12.217  13.173  1.00 53.39 ? 43  LYS A N   1 
ATOM   303  C CA  . LYS A 1 43  ? 1.586   11.821  13.124  1.00 53.80 ? 43  LYS A CA  1 
ATOM   304  C C   . LYS A 1 43  ? 1.424   10.306  13.054  1.00 53.06 ? 43  LYS A C   1 
ATOM   305  O O   . LYS A 1 43  ? 2.406   9.558   13.013  1.00 53.38 ? 43  LYS A O   1 
ATOM   306  C CB  . LYS A 1 43  ? 0.867   12.482  11.940  1.00 55.47 ? 43  LYS A CB  1 
ATOM   307  C CG  . LYS A 1 43  ? 0.998   11.761  10.607  1.00 57.64 ? 43  LYS A CG  1 
ATOM   308  C CD  . LYS A 1 43  ? 0.047   12.373  9.582   1.00 59.84 ? 43  LYS A CD  1 
ATOM   309  C CE  . LYS A 1 43  ? 0.034   11.585  8.281   1.00 60.87 ? 43  LYS A CE  1 
ATOM   310  N NZ  . LYS A 1 43  ? -0.844  12.217  7.255   1.00 62.02 ? 43  LYS A NZ  1 
ATOM   311  N N   . GLU A 1 44  ? 0.172   9.861   13.042  1.00 50.91 ? 44  GLU A N   1 
ATOM   312  C CA  . GLU A 1 44  ? -0.148  8.440   12.994  1.00 48.80 ? 44  GLU A CA  1 
ATOM   313  C C   . GLU A 1 44  ? -0.215  7.952   11.549  1.00 45.30 ? 44  GLU A C   1 
ATOM   314  O O   . GLU A 1 44  ? -0.312  8.751   10.620  1.00 44.37 ? 44  GLU A O   1 
ATOM   315  C CB  . GLU A 1 44  ? -1.491  8.208   13.681  1.00 50.80 ? 44  GLU A CB  1 
ATOM   316  C CG  . GLU A 1 44  ? -2.644  8.884   12.957  1.00 55.11 ? 44  GLU A CG  1 
ATOM   317  C CD  . GLU A 1 44  ? -3.889  9.015   13.814  1.00 57.60 ? 44  GLU A CD  1 
ATOM   318  O OE1 . GLU A 1 44  ? -4.299  8.006   14.424  1.00 58.92 ? 44  GLU A OE1 1 
ATOM   319  O OE2 . GLU A 1 44  ? -4.464  10.126  13.869  1.00 58.34 ? 44  GLU A OE2 1 
ATOM   320  N N   . ARG A 1 45  ? -0.154  6.637   11.363  1.00 42.12 ? 45  ARG A N   1 
ATOM   321  C CA  . ARG A 1 45  ? -0.228  6.061   10.026  1.00 38.56 ? 45  ARG A CA  1 
ATOM   322  C C   . ARG A 1 45  ? -1.674  6.149   9.551   1.00 35.51 ? 45  ARG A C   1 
ATOM   323  O O   . ARG A 1 45  ? -2.589  5.683   10.229  1.00 34.82 ? 45  ARG A O   1 
ATOM   324  C CB  . ARG A 1 45  ? 0.253   4.604   10.056  1.00 39.21 ? 45  ARG A CB  1 
ATOM   325  C CG  . ARG A 1 45  ? 1.675   4.468   10.578  1.00 40.83 ? 45  ARG A CG  1 
ATOM   326  C CD  . ARG A 1 45  ? 2.186   3.030   10.607  1.00 42.22 ? 45  ARG A CD  1 
ATOM   327  N NE  . ARG A 1 45  ? 3.514   2.968   11.219  1.00 43.93 ? 45  ARG A NE  1 
ATOM   328  C CZ  . ARG A 1 45  ? 4.256   1.868   11.324  1.00 44.81 ? 45  ARG A CZ  1 
ATOM   329  N NH1 . ARG A 1 45  ? 3.811   0.708   10.853  1.00 44.45 ? 45  ARG A NH1 1 
ATOM   330  N NH2 . ARG A 1 45  ? 5.448   1.929   11.905  1.00 43.68 ? 45  ARG A NH2 1 
ATOM   331  N N   . ILE A 1 46  ? -1.872  6.766   8.392   1.00 32.84 ? 46  ILE A N   1 
ATOM   332  C CA  . ILE A 1 46  ? -3.203  6.941   7.831   1.00 30.76 ? 46  ILE A CA  1 
ATOM   333  C C   . ILE A 1 46  ? -3.457  6.010   6.651   1.00 28.37 ? 46  ILE A C   1 
ATOM   334  O O   . ILE A 1 46  ? -2.620  5.873   5.763   1.00 27.32 ? 46  ILE A O   1 
ATOM   335  C CB  . ILE A 1 46  ? -3.417  8.397   7.371   1.00 32.01 ? 46  ILE A CB  1 
ATOM   336  C CG1 . ILE A 1 46  ? -3.254  9.343   8.563   1.00 32.63 ? 46  ILE A CG1 1 
ATOM   337  C CG2 . ILE A 1 46  ? -4.802  8.554   6.754   1.00 31.14 ? 46  ILE A CG2 1 
ATOM   338  C CD1 . ILE A 1 46  ? -3.390  10.803  8.203   1.00 36.11 ? 46  ILE A CD1 1 
ATOM   339  N N   . TYR A 1 47  ? -4.632  5.390   6.649   1.00 26.49 ? 47  TYR A N   1 
ATOM   340  C CA  . TYR A 1 47  ? -5.029  4.457   5.602   1.00 25.03 ? 47  TYR A CA  1 
ATOM   341  C C   . TYR A 1 47  ? -5.118  5.073   4.203   1.00 24.34 ? 47  TYR A C   1 
ATOM   342  O O   . TYR A 1 47  ? -5.644  6.175   4.019   1.00 25.10 ? 47  TYR A O   1 
ATOM   343  C CB  . TYR A 1 47  ? -6.370  3.819   5.989   1.00 25.30 ? 47  TYR A CB  1 
ATOM   344  C CG  . TYR A 1 47  ? -7.015  3.004   4.898   1.00 25.65 ? 47  TYR A CG  1 
ATOM   345  C CD1 . TYR A 1 47  ? -7.948  3.577   4.033   1.00 23.85 ? 47  TYR A CD1 1 
ATOM   346  C CD2 . TYR A 1 47  ? -6.686  1.662   4.718   1.00 24.11 ? 47  TYR A CD2 1 
ATOM   347  C CE1 . TYR A 1 47  ? -8.536  2.835   3.018   1.00 23.60 ? 47  TYR A CE1 1 
ATOM   348  C CE2 . TYR A 1 47  ? -7.270  0.911   3.707   1.00 23.44 ? 47  TYR A CE2 1 
ATOM   349  C CZ  . TYR A 1 47  ? -8.193  1.501   2.862   1.00 23.20 ? 47  TYR A CZ  1 
ATOM   350  O OH  . TYR A 1 47  ? -8.782  0.755   1.867   1.00 23.14 ? 47  TYR A OH  1 
ATOM   351  N N   . LEU A 1 48  ? -4.593  4.352   3.219   1.00 22.57 ? 48  LEU A N   1 
ATOM   352  C CA  . LEU A 1 48  ? -4.621  4.802   1.833   1.00 21.47 ? 48  LEU A CA  1 
ATOM   353  C C   . LEU A 1 48  ? -5.453  3.887   0.946   1.00 21.07 ? 48  LEU A C   1 
ATOM   354  O O   . LEU A 1 48  ? -6.361  4.339   0.249   1.00 19.40 ? 48  LEU A O   1 
ATOM   355  C CB  . LEU A 1 48  ? -3.202  4.886   1.267   1.00 23.56 ? 48  LEU A CB  1 
ATOM   356  C CG  . LEU A 1 48  ? -2.405  6.176   1.476   1.00 26.60 ? 48  LEU A CG  1 
ATOM   357  C CD1 . LEU A 1 48  ? -2.574  6.681   2.890   1.00 29.75 ? 48  LEU A CD1 1 
ATOM   358  C CD2 . LEU A 1 48  ? -0.938  5.904   1.166   1.00 27.11 ? 48  LEU A CD2 1 
ATOM   359  N N   . ALA A 1 49  ? -5.143  2.596   0.965   1.00 20.22 ? 49  ALA A N   1 
ATOM   360  C CA  . ALA A 1 49  ? -5.879  1.660   0.130   1.00 19.95 ? 49  ALA A CA  1 
ATOM   361  C C   . ALA A 1 49  ? -5.786  0.224   0.602   1.00 19.74 ? 49  ALA A C   1 
ATOM   362  O O   . ALA A 1 49  ? -4.962  -0.123  1.449   1.00 19.66 ? 49  ALA A O   1 
ATOM   363  C CB  . ALA A 1 49  ? -5.379  1.743   -1.306  1.00 20.33 ? 49  ALA A CB  1 
ATOM   364  N N   . THR A 1 50  ? -6.636  -0.608  0.016   1.00 19.13 ? 50  THR A N   1 
ATOM   365  C CA  . THR A 1 50  ? -6.678  -2.029  0.322   1.00 18.70 ? 50  THR A CA  1 
ATOM   366  C C   . THR A 1 50  ? -6.825  -2.823  -0.958  1.00 16.54 ? 50  THR A C   1 
ATOM   367  O O   . THR A 1 50  ? -7.562  -2.417  -1.851  1.00 17.50 ? 50  THR A O   1 
ATOM   368  C CB  . THR A 1 50  ? -7.908  -2.407  1.180   1.00 19.47 ? 50  THR A CB  1 
ATOM   369  O OG1 . THR A 1 50  ? -7.816  -1.795  2.469   1.00 20.35 ? 50  THR A OG1 1 
ATOM   370  C CG2 . THR A 1 50  ? -7.997  -3.938  1.335   1.00 17.04 ? 50  THR A CG2 1 
ATOM   371  N N   . ILE A 1 51  ? -6.101  -3.933  -1.070  1.00 17.24 ? 51  ILE A N   1 
ATOM   372  C CA  . ILE A 1 51  ? -6.302  -4.814  -2.209  1.00 16.24 ? 51  ILE A CA  1 
ATOM   373  C C   . ILE A 1 51  ? -6.509  -6.201  -1.600  1.00 16.48 ? 51  ILE A C   1 
ATOM   374  O O   . ILE A 1 51  ? -5.658  -6.711  -0.870  1.00 16.51 ? 51  ILE A O   1 
ATOM   375  C CB  . ILE A 1 51  ? -5.138  -4.813  -3.244  1.00 17.58 ? 51  ILE A CB  1 
ATOM   376  C CG1 . ILE A 1 51  ? -5.549  -5.686  -4.439  1.00 19.23 ? 51  ILE A CG1 1 
ATOM   377  C CG2 . ILE A 1 51  ? -3.842  -5.300  -2.629  1.00 17.20 ? 51  ILE A CG2 1 
ATOM   378  C CD1 . ILE A 1 51  ? -4.713  -5.496  -5.685  1.00 19.83 ? 51  ILE A CD1 1 
ATOM   379  N N   . GLY A 1 52  ? -7.674  -6.780  -1.875  1.00 17.20 ? 52  GLY A N   1 
ATOM   380  C CA  . GLY A 1 52  ? -8.014  -8.080  -1.328  1.00 17.73 ? 52  GLY A CA  1 
ATOM   381  C C   . GLY A 1 52  ? -7.330  -9.270  -1.966  1.00 18.10 ? 52  GLY A C   1 
ATOM   382  O O   . GLY A 1 52  ? -6.722  -9.163  -3.035  1.00 15.64 ? 52  GLY A O   1 
ATOM   383  N N   . ARG A 1 53  ? -7.459  -10.411 -1.291  1.00 17.28 ? 53  ARG A N   1 
ATOM   384  C CA  . ARG A 1 53  ? -6.884  -11.683 -1.718  1.00 16.62 ? 53  ARG A CA  1 
ATOM   385  C C   . ARG A 1 53  ? -7.664  -12.257 -2.894  1.00 16.99 ? 53  ARG A C   1 
ATOM   386  O O   . ARG A 1 53  ? -7.098  -12.895 -3.788  1.00 17.06 ? 53  ARG A O   1 
ATOM   387  C CB  . ARG A 1 53  ? -6.964  -12.708 -0.573  1.00 16.05 ? 53  ARG A CB  1 
ATOM   388  C CG  . ARG A 1 53  ? -6.294  -12.312 0.746   1.00 16.50 ? 53  ARG A CG  1 
ATOM   389  C CD  . ARG A 1 53  ? -6.840  -13.165 1.906   1.00 12.30 ? 53  ARG A CD  1 
ATOM   390  N NE  . ARG A 1 53  ? -8.292  -13.017 2.005   1.00 16.21 ? 53  ARG A NE  1 
ATOM   391  C CZ  . ARG A 1 53  ? -9.106  -13.841 2.661   1.00 14.43 ? 53  ARG A CZ  1 
ATOM   392  N NH1 . ARG A 1 53  ? -8.634  -14.899 3.303   1.00 14.11 ? 53  ARG A NH1 1 
ATOM   393  N NH2 . ARG A 1 53  ? -10.408 -13.608 2.653   1.00 13.17 ? 53  ARG A NH2 1 
ATOM   394  N N   . ASN A 1 54  ? -8.971  -12.029 -2.875  1.00 17.15 ? 54  ASN A N   1 
ATOM   395  C CA  . ASN A 1 54  ? -9.849  -12.577 -3.883  1.00 15.06 ? 54  ASN A CA  1 
ATOM   396  C C   . ASN A 1 54  ? -10.524 -11.590 -4.849  1.00 16.58 ? 54  ASN A C   1 
ATOM   397  O O   . ASN A 1 54  ? -10.388 -10.367 -4.735  1.00 15.05 ? 54  ASN A O   1 
ATOM   398  C CB  . ASN A 1 54  ? -10.873 -13.474 -3.174  1.00 16.10 ? 54  ASN A CB  1 
ATOM   399  C CG  . ASN A 1 54  ? -10.200 -14.569 -2.350  1.00 16.63 ? 54  ASN A CG  1 
ATOM   400  O OD1 . ASN A 1 54  ? -9.430  -15.370 -2.887  1.00 15.23 ? 54  ASN A OD1 1 
ATOM   401  N ND2 . ASN A 1 54  ? -10.471 -14.598 -1.041  1.00 15.20 ? 54  ASN A ND2 1 
ATOM   402  N N   . LEU A 1 55  ? -11.249 -12.151 -5.808  1.00 15.51 ? 55  LEU A N   1 
ATOM   403  C CA  . LEU A 1 55  ? -11.907 -11.383 -6.862  1.00 17.77 ? 55  LEU A CA  1 
ATOM   404  C C   . LEU A 1 55  ? -13.295 -10.831 -6.579  1.00 17.54 ? 55  LEU A C   1 
ATOM   405  O O   . LEU A 1 55  ? -13.986 -11.289 -5.675  1.00 17.11 ? 55  LEU A O   1 
ATOM   406  C CB  . LEU A 1 55  ? -11.987 -12.246 -8.125  1.00 19.95 ? 55  LEU A CB  1 
ATOM   407  C CG  . LEU A 1 55  ? -10.759 -12.443 -9.025  1.00 22.36 ? 55  LEU A CG  1 
ATOM   408  C CD1 . LEU A 1 55  ? -9.477  -12.320 -8.247  1.00 21.80 ? 55  LEU A CD1 1 
ATOM   409  C CD2 . LEU A 1 55  ? -10.870 -13.788 -9.718  1.00 20.27 ? 55  LEU A CD2 1 
ATOM   410  N N   . VAL A 1 56  ? -13.680 -9.837  -7.380  1.00 17.54 ? 56  VAL A N   1 
ATOM   411  C CA  . VAL A 1 56  ? -14.997 -9.208  -7.313  1.00 18.29 ? 56  VAL A CA  1 
ATOM   412  C C   . VAL A 1 56  ? -15.590 -9.324  -8.717  1.00 19.63 ? 56  VAL A C   1 
ATOM   413  O O   . VAL A 1 56  ? -16.702 -8.884  -8.982  1.00 20.19 ? 56  VAL A O   1 
ATOM   414  C CB  . VAL A 1 56  ? -14.916 -7.707  -6.921  1.00 18.11 ? 56  VAL A CB  1 
ATOM   415  C CG1 . VAL A 1 56  ? -14.408 -7.569  -5.501  1.00 18.40 ? 56  VAL A CG1 1 
ATOM   416  C CG2 . VAL A 1 56  ? -14.010 -6.953  -7.892  1.00 17.95 ? 56  VAL A CG2 1 
ATOM   417  N N   . GLY A 1 57  ? -14.820 -9.931  -9.613  1.00 21.36 ? 57  GLY A N   1 
ATOM   418  C CA  . GLY A 1 57  ? -15.253 -10.112 -10.985 1.00 23.41 ? 57  GLY A CA  1 
ATOM   419  C C   . GLY A 1 57  ? -14.305 -11.069 -11.683 1.00 25.06 ? 57  GLY A C   1 
ATOM   420  O O   . GLY A 1 57  ? -13.468 -11.690 -11.029 1.00 26.21 ? 57  GLY A O   1 
ATOM   421  N N   . PRO A 1 58  ? -14.393 -11.209 -13.011 1.00 24.77 ? 58  PRO A N   1 
ATOM   422  C CA  . PRO A 1 58  ? -13.484 -12.133 -13.693 1.00 25.83 ? 58  PRO A CA  1 
ATOM   423  C C   . PRO A 1 58  ? -11.993 -11.792 -13.646 1.00 27.68 ? 58  PRO A C   1 
ATOM   424  O O   . PRO A 1 58  ? -11.153 -12.691 -13.703 1.00 28.90 ? 58  PRO A O   1 
ATOM   425  C CB  . PRO A 1 58  ? -14.035 -12.175 -15.123 1.00 27.70 ? 58  PRO A CB  1 
ATOM   426  C CG  . PRO A 1 58  ? -14.729 -10.852 -15.272 1.00 26.02 ? 58  PRO A CG  1 
ATOM   427  C CD  . PRO A 1 58  ? -15.400 -10.669 -13.940 1.00 25.74 ? 58  PRO A CD  1 
ATOM   428  N N   . SER A 1 59  ? -11.651 -10.516 -13.527 1.00 27.55 ? 59  SER A N   1 
ATOM   429  C CA  . SER A 1 59  ? -10.241 -10.146 -13.500 1.00 30.80 ? 59  SER A CA  1 
ATOM   430  C C   . SER A 1 59  ? -9.786  -9.361  -12.272 1.00 30.27 ? 59  SER A C   1 
ATOM   431  O O   . SER A 1 59  ? -8.687  -9.577  -11.762 1.00 33.41 ? 59  SER A O   1 
ATOM   432  C CB  . SER A 1 59  ? -9.898  -9.341  -14.759 1.00 33.61 ? 59  SER A CB  1 
ATOM   433  O OG  . SER A 1 59  ? -10.299 -10.031 -15.932 1.00 36.95 ? 59  SER A OG  1 
ATOM   434  N N   . ASP A 1 60  ? -10.636 -8.461  -11.797 1.00 28.04 ? 60  ASP A N   1 
ATOM   435  C CA  . ASP A 1 60  ? -10.314 -7.596  -10.671 1.00 26.19 ? 60  ASP A CA  1 
ATOM   436  C C   . ASP A 1 60  ? -10.368 -8.196  -9.270  1.00 24.40 ? 60  ASP A C   1 
ATOM   437  O O   . ASP A 1 60  ? -11.244 -8.994  -8.953  1.00 24.59 ? 60  ASP A O   1 
ATOM   438  C CB  . ASP A 1 60  ? -11.232 -6.377  -10.702 1.00 27.37 ? 60  ASP A CB  1 
ATOM   439  C CG  . ASP A 1 60  ? -11.087 -5.575  -11.981 1.00 31.71 ? 60  ASP A CG  1 
ATOM   440  O OD1 . ASP A 1 60  ? -12.033 -4.841  -12.332 1.00 34.49 ? 60  ASP A OD1 1 
ATOM   441  O OD2 . ASP A 1 60  ? -10.025 -5.670  -12.627 1.00 33.36 ? 60  ASP A OD2 1 
ATOM   442  N N   . PHE A 1 61  ? -9.408  -7.798  -8.442  1.00 22.19 ? 61  PHE A N   1 
ATOM   443  C CA  . PHE A 1 61  ? -9.376  -8.223  -7.051  1.00 20.13 ? 61  PHE A CA  1 
ATOM   444  C C   . PHE A 1 61  ? -10.207 -7.160  -6.357  1.00 19.01 ? 61  PHE A C   1 
ATOM   445  O O   . PHE A 1 61  ? -10.499 -6.117  -6.939  1.00 18.11 ? 61  PHE A O   1 
ATOM   446  C CB  . PHE A 1 61  ? -7.966  -8.144  -6.449  1.00 21.03 ? 61  PHE A CB  1 
ATOM   447  C CG  . PHE A 1 61  ? -7.021  -9.193  -6.944  1.00 21.45 ? 61  PHE A CG  1 
ATOM   448  C CD1 . PHE A 1 61  ? -6.122  -8.913  -7.969  1.00 21.42 ? 61  PHE A CD1 1 
ATOM   449  C CD2 . PHE A 1 61  ? -7.022  -10.463 -6.377  1.00 19.99 ? 61  PHE A CD2 1 
ATOM   450  C CE1 . PHE A 1 61  ? -5.231  -9.886  -8.423  1.00 21.81 ? 61  PHE A CE1 1 
ATOM   451  C CE2 . PHE A 1 61  ? -6.140  -11.441 -6.823  1.00 20.29 ? 61  PHE A CE2 1 
ATOM   452  C CZ  . PHE A 1 61  ? -5.241  -11.154 -7.846  1.00 20.30 ? 61  PHE A CZ  1 
ATOM   453  N N   . TYR A 1 62  ? -10.574 -7.420  -5.110  1.00 18.28 ? 62  TYR A N   1 
ATOM   454  C CA  . TYR A 1 62  ? -11.310 -6.449  -4.329  1.00 17.46 ? 62  TYR A CA  1 
ATOM   455  C C   . TYR A 1 62  ? -10.330 -5.299  -4.098  1.00 17.39 ? 62  TYR A C   1 
ATOM   456  O O   . TYR A 1 62  ? -9.149  -5.536  -3.861  1.00 17.20 ? 62  TYR A O   1 
ATOM   457  C CB  . TYR A 1 62  ? -11.696 -7.050  -2.975  1.00 17.40 ? 62  TYR A CB  1 
ATOM   458  C CG  . TYR A 1 62  ? -12.155 -6.015  -1.982  1.00 18.29 ? 62  TYR A CG  1 
ATOM   459  C CD1 . TYR A 1 62  ? -13.481 -5.598  -1.948  1.00 18.10 ? 62  TYR A CD1 1 
ATOM   460  C CD2 . TYR A 1 62  ? -11.240 -5.383  -1.140  1.00 19.70 ? 62  TYR A CD2 1 
ATOM   461  C CE1 . TYR A 1 62  ? -13.888 -4.567  -1.102  1.00 21.57 ? 62  TYR A CE1 1 
ATOM   462  C CE2 . TYR A 1 62  ? -11.630 -4.354  -0.295  1.00 19.80 ? 62  TYR A CE2 1 
ATOM   463  C CZ  . TYR A 1 62  ? -12.955 -3.950  -0.280  1.00 19.78 ? 62  TYR A CZ  1 
ATOM   464  O OH  . TYR A 1 62  ? -13.351 -2.949  0.576   1.00 19.49 ? 62  TYR A OH  1 
ATOM   465  N N   . THR A 1 63  ? -10.801 -4.062  -4.185  1.00 17.64 ? 63  THR A N   1 
ATOM   466  C CA  . THR A 1 63  ? -9.936  -2.914  -3.911  1.00 18.29 ? 63  THR A CA  1 
ATOM   467  C C   . THR A 1 63  ? -10.759 -1.831  -3.236  1.00 19.39 ? 63  THR A C   1 
ATOM   468  O O   . THR A 1 63  ? -11.980 -1.780  -3.385  1.00 18.57 ? 63  THR A O   1 
ATOM   469  C CB  . THR A 1 63  ? -9.295  -2.306  -5.184  1.00 16.81 ? 63  THR A CB  1 
ATOM   470  O OG1 . THR A 1 63  ? -10.320 -1.929  -6.110  1.00 20.49 ? 63  THR A OG1 1 
ATOM   471  C CG2 . THR A 1 63  ? -8.338  -3.298  -5.835  1.00 16.81 ? 63  THR A CG2 1 
ATOM   472  N N   . ARG A 1 64  ? -10.083 -0.977  -2.478  1.00 19.84 ? 64  ARG A N   1 
ATOM   473  C CA  . ARG A 1 64  ? -10.742 0.116   -1.786  1.00 21.25 ? 64  ARG A CA  1 
ATOM   474  C C   . ARG A 1 64  ? -9.702  1.213   -1.607  1.00 21.63 ? 64  ARG A C   1 
ATOM   475  O O   . ARG A 1 64  ? -8.515  0.929   -1.434  1.00 20.89 ? 64  ARG A O   1 
ATOM   476  C CB  . ARG A 1 64  ? -11.274 -0.351  -0.429  1.00 20.47 ? 64  ARG A CB  1 
ATOM   477  C CG  . ARG A 1 64  ? -12.174 0.671   0.268   1.00 19.98 ? 64  ARG A CG  1 
ATOM   478  C CD  . ARG A 1 64  ? -12.927 0.049   1.439   1.00 21.47 ? 64  ARG A CD  1 
ATOM   479  N NE  . ARG A 1 64  ? -12.046 -0.408  2.515   1.00 20.53 ? 64  ARG A NE  1 
ATOM   480  C CZ  . ARG A 1 64  ? -11.569 0.367   3.487   1.00 19.35 ? 64  ARG A CZ  1 
ATOM   481  N NH1 . ARG A 1 64  ? -11.882 1.655   3.530   1.00 18.70 ? 64  ARG A NH1 1 
ATOM   482  N NH2 . ARG A 1 64  ? -10.790 -0.154  4.433   1.00 16.25 ? 64  ARG A NH2 1 
ATOM   483  N N   . TYR A 1 65  ? -10.151 2.461   -1.668  1.00 22.07 ? 65  TYR A N   1 
ATOM   484  C CA  . TYR A 1 65  ? -9.258  3.608   -1.531  1.00 24.05 ? 65  TYR A CA  1 
ATOM   485  C C   . TYR A 1 65  ? -9.843  4.635   -0.581  1.00 25.56 ? 65  TYR A C   1 
ATOM   486  O O   . TYR A 1 65  ? -11.059 4.763   -0.467  1.00 23.69 ? 65  TYR A O   1 
ATOM   487  C CB  . TYR A 1 65  ? -9.059  4.279   -2.887  1.00 24.44 ? 65  TYR A CB  1 
ATOM   488  C CG  . TYR A 1 65  ? -8.436  3.399   -3.934  1.00 25.55 ? 65  TYR A CG  1 
ATOM   489  C CD1 . TYR A 1 65  ? -7.054  3.320   -4.067  1.00 26.52 ? 65  TYR A CD1 1 
ATOM   490  C CD2 . TYR A 1 65  ? -9.227  2.645   -4.798  1.00 25.52 ? 65  TYR A CD2 1 
ATOM   491  C CE1 . TYR A 1 65  ? -6.468  2.515   -5.040  1.00 26.22 ? 65  TYR A CE1 1 
ATOM   492  C CE2 . TYR A 1 65  ? -8.652  1.834   -5.774  1.00 26.61 ? 65  TYR A CE2 1 
ATOM   493  C CZ  . TYR A 1 65  ? -7.270  1.777   -5.887  1.00 26.14 ? 65  TYR A CZ  1 
ATOM   494  O OH  . TYR A 1 65  ? -6.689  0.996   -6.854  1.00 27.45 ? 65  TYR A OH  1 
ATOM   495  N N   . ALA A 1 66  ? -8.972  5.364   0.107   1.00 26.78 ? 66  ALA A N   1 
ATOM   496  C CA  . ALA A 1 66  ? -9.425  6.417   1.003   1.00 28.61 ? 66  ALA A CA  1 
ATOM   497  C C   . ALA A 1 66  ? -9.895  7.522   0.056   1.00 30.70 ? 66  ALA A C   1 
ATOM   498  O O   . ALA A 1 66  ? -9.432  7.598   -1.089  1.00 30.05 ? 66  ALA A O   1 
ATOM   499  C CB  . ALA A 1 66  ? -8.270  6.912   1.860   1.00 26.87 ? 66  ALA A CB  1 
ATOM   500  N N   . ASP A 1 67  ? -10.811 8.368   0.508   1.00 32.81 ? 67  ASP A N   1 
ATOM   501  C CA  . ASP A 1 67  ? -11.297 9.440   -0.353  1.00 35.73 ? 67  ASP A CA  1 
ATOM   502  C C   . ASP A 1 67  ? -10.156 10.370  -0.754  1.00 36.77 ? 67  ASP A C   1 
ATOM   503  O O   . ASP A 1 67  ? -10.170 10.953  -1.837  1.00 37.86 ? 67  ASP A O   1 
ATOM   504  C CB  . ASP A 1 67  ? -12.390 10.247  0.349   1.00 37.87 ? 67  ASP A CB  1 
ATOM   505  C CG  . ASP A 1 67  ? -13.600 9.404   0.708   1.00 40.40 ? 67  ASP A CG  1 
ATOM   506  O OD1 . ASP A 1 67  ? -14.005 8.556   -0.119  1.00 41.58 ? 67  ASP A OD1 1 
ATOM   507  O OD2 . ASP A 1 67  ? -14.153 9.601   1.812   1.00 42.52 ? 67  ASP A OD2 1 
ATOM   508  N N   . SER A 1 68  ? -9.167  10.491  0.125   1.00 37.51 ? 68  SER A N   1 
ATOM   509  C CA  . SER A 1 68  ? -8.015  11.353  -0.111  1.00 38.28 ? 68  SER A CA  1 
ATOM   510  C C   . SER A 1 68  ? -7.242  11.032  -1.386  1.00 37.82 ? 68  SER A C   1 
ATOM   511  O O   . SER A 1 68  ? -6.664  11.925  -2.004  1.00 37.58 ? 68  SER A O   1 
ATOM   512  C CB  . SER A 1 68  ? -7.053  11.276  1.077   1.00 39.36 ? 68  SER A CB  1 
ATOM   513  O OG  . SER A 1 68  ? -6.470  9.987   1.173   1.00 41.75 ? 68  SER A OG  1 
ATOM   514  N N   . VAL A 1 69  ? -7.225  9.765   -1.785  1.00 35.87 ? 69  VAL A N   1 
ATOM   515  C CA  . VAL A 1 69  ? -6.474  9.381   -2.974  1.00 35.33 ? 69  VAL A CA  1 
ATOM   516  C C   . VAL A 1 69  ? -7.261  8.633   -4.038  1.00 35.53 ? 69  VAL A C   1 
ATOM   517  O O   . VAL A 1 69  ? -6.717  8.313   -5.094  1.00 34.62 ? 69  VAL A O   1 
ATOM   518  C CB  . VAL A 1 69  ? -5.248  8.526   -2.593  1.00 35.24 ? 69  VAL A CB  1 
ATOM   519  C CG1 . VAL A 1 69  ? -4.257  9.362   -1.793  1.00 34.46 ? 69  VAL A CG1 1 
ATOM   520  C CG2 . VAL A 1 69  ? -5.692  7.320   -1.781  1.00 34.70 ? 69  VAL A CG2 1 
ATOM   521  N N   . LYS A 1 70  ? -8.531  8.346   -3.766  1.00 36.26 ? 70  LYS A N   1 
ATOM   522  C CA  . LYS A 1 70  ? -9.362  7.636   -4.734  1.00 36.84 ? 70  LYS A CA  1 
ATOM   523  C C   . LYS A 1 70  ? -9.285  8.352   -6.079  1.00 37.15 ? 70  LYS A C   1 
ATOM   524  O O   . LYS A 1 70  ? -9.566  9.548   -6.174  1.00 37.52 ? 70  LYS A O   1 
ATOM   525  C CB  . LYS A 1 70  ? -10.817 7.581   -4.259  1.00 38.05 ? 70  LYS A CB  1 
ATOM   526  C CG  . LYS A 1 70  ? -11.741 6.821   -5.204  1.00 39.89 ? 70  LYS A CG  1 
ATOM   527  C CD  . LYS A 1 70  ? -13.196 6.823   -4.734  1.00 40.70 ? 70  LYS A CD  1 
ATOM   528  C CE  . LYS A 1 70  ? -13.424 5.933   -3.517  1.00 41.40 ? 70  LYS A CE  1 
ATOM   529  N NZ  . LYS A 1 70  ? -12.854 6.467   -2.242  1.00 41.49 ? 70  LYS A NZ  1 
ATOM   530  N N   . GLY A 1 71  ? -8.894  7.620   -7.115  1.00 36.30 ? 71  GLY A N   1 
ATOM   531  C CA  . GLY A 1 71  ? -8.782  8.213   -8.433  1.00 36.89 ? 71  GLY A CA  1 
ATOM   532  C C   . GLY A 1 71  ? -7.393  8.752   -8.734  1.00 36.82 ? 71  GLY A C   1 
ATOM   533  O O   . GLY A 1 71  ? -7.081  9.046   -9.888  1.00 37.15 ? 71  GLY A O   1 
ATOM   534  N N   . ARG A 1 72  ? -6.554  8.884   -7.710  1.00 35.66 ? 72  ARG A N   1 
ATOM   535  C CA  . ARG A 1 72  ? -5.198  9.394   -7.909  1.00 35.63 ? 72  ARG A CA  1 
ATOM   536  C C   . ARG A 1 72  ? -4.149  8.309   -7.661  1.00 35.03 ? 72  ARG A C   1 
ATOM   537  O O   . ARG A 1 72  ? -3.064  8.343   -8.243  1.00 35.51 ? 72  ARG A O   1 
ATOM   538  C CB  . ARG A 1 72  ? -4.945  10.603  -7.001  1.00 34.84 ? 72  ARG A CB  1 
ATOM   539  C CG  . ARG A 1 72  ? -3.668  11.363  -7.330  1.00 35.29 ? 72  ARG A CG  1 
ATOM   540  C CD  . ARG A 1 72  ? -3.740  12.800  -6.830  1.00 35.45 ? 72  ARG A CD  1 
ATOM   541  N NE  . ARG A 1 72  ? -3.735  12.898  -5.372  1.00 36.22 ? 72  ARG A NE  1 
ATOM   542  C CZ  . ARG A 1 72  ? -2.647  12.786  -4.618  1.00 35.01 ? 72  ARG A CZ  1 
ATOM   543  N NH1 . ARG A 1 72  ? -1.465  12.572  -5.182  1.00 37.05 ? 72  ARG A NH1 1 
ATOM   544  N NH2 . ARG A 1 72  ? -2.736  12.894  -3.299  1.00 34.75 ? 72  ARG A NH2 1 
ATOM   545  N N   . PHE A 1 73  ? -4.479  7.355   -6.792  1.00 33.57 ? 73  PHE A N   1 
ATOM   546  C CA  . PHE A 1 73  ? -3.594  6.229   -6.478  1.00 31.74 ? 73  PHE A CA  1 
ATOM   547  C C   . PHE A 1 73  ? -4.266  4.947   -6.976  1.00 30.40 ? 73  PHE A C   1 
ATOM   548  O O   . PHE A 1 73  ? -5.492  4.849   -6.969  1.00 30.86 ? 73  PHE A O   1 
ATOM   549  C CB  . PHE A 1 73  ? -3.368  6.120   -4.967  1.00 32.15 ? 73  PHE A CB  1 
ATOM   550  C CG  . PHE A 1 73  ? -2.425  7.153   -4.404  1.00 33.02 ? 73  PHE A CG  1 
ATOM   551  C CD1 . PHE A 1 73  ? -2.045  8.264   -5.153  1.00 33.35 ? 73  PHE A CD1 1 
ATOM   552  C CD2 . PHE A 1 73  ? -1.949  7.029   -3.103  1.00 32.20 ? 73  PHE A CD2 1 
ATOM   553  C CE1 . PHE A 1 73  ? -1.207  9.236   -4.612  1.00 32.91 ? 73  PHE A CE1 1 
ATOM   554  C CE2 . PHE A 1 73  ? -1.111  7.996   -2.552  1.00 32.82 ? 73  PHE A CE2 1 
ATOM   555  C CZ  . PHE A 1 73  ? -0.741  9.104   -3.310  1.00 32.15 ? 73  PHE A CZ  1 
ATOM   556  N N   . ALA A 1 74  ? -3.468  3.975   -7.408  1.00 28.61 ? 74  ALA A N   1 
ATOM   557  C CA  . ALA A 1 74  ? -3.998  2.703   -7.901  1.00 27.41 ? 74  ALA A CA  1 
ATOM   558  C C   . ALA A 1 74  ? -3.214  1.527   -7.327  1.00 26.22 ? 74  ALA A C   1 
ATOM   559  O O   . ALA A 1 74  ? -1.997  1.436   -7.504  1.00 26.26 ? 74  ALA A O   1 
ATOM   560  C CB  . ALA A 1 74  ? -3.944  2.666   -9.427  1.00 27.73 ? 74  ALA A CB  1 
ATOM   561  N N   . VAL A 1 75  ? -3.907  0.627   -6.635  1.00 24.33 ? 75  VAL A N   1 
ATOM   562  C CA  . VAL A 1 75  ? -3.250  -0.530  -6.050  1.00 21.94 ? 75  VAL A CA  1 
ATOM   563  C C   . VAL A 1 75  ? -3.432  -1.733  -6.970  1.00 22.09 ? 75  VAL A C   1 
ATOM   564  O O   . VAL A 1 75  ? -4.481  -1.895  -7.598  1.00 21.90 ? 75  VAL A O   1 
ATOM   565  C CB  . VAL A 1 75  ? -3.829  -0.846  -4.651  1.00 22.55 ? 75  VAL A CB  1 
ATOM   566  C CG1 . VAL A 1 75  ? -5.278  -1.275  -4.777  1.00 19.83 ? 75  VAL A CG1 1 
ATOM   567  C CG2 . VAL A 1 75  ? -2.983  -1.912  -3.955  1.00 18.65 ? 75  VAL A CG2 1 
ATOM   568  N N   . SER A 1 76  ? -2.401  -2.563  -7.064  1.00 20.84 ? 76  SER A N   1 
ATOM   569  C CA  . SER A 1 76  ? -2.454  -3.747  -7.907  1.00 22.07 ? 76  SER A CA  1 
ATOM   570  C C   . SER A 1 76  ? -1.740  -4.909  -7.222  1.00 22.59 ? 76  SER A C   1 
ATOM   571  O O   . SER A 1 76  ? -0.908  -4.705  -6.336  1.00 23.32 ? 76  SER A O   1 
ATOM   572  C CB  . SER A 1 76  ? -1.809  -3.454  -9.268  1.00 22.93 ? 76  SER A CB  1 
ATOM   573  O OG  . SER A 1 76  ? -0.495  -2.950  -9.110  1.00 25.03 ? 76  SER A OG  1 
ATOM   574  N N   . ARG A 1 77  ? -2.060  -6.127  -7.644  1.00 22.01 ? 77  ARG A N   1 
ATOM   575  C CA  . ARG A 1 77  ? -1.472  -7.318  -7.040  1.00 23.10 ? 77  ARG A CA  1 
ATOM   576  C C   . ARG A 1 77  ? -0.802  -8.240  -8.051  1.00 23.74 ? 77  ARG A C   1 
ATOM   577  O O   . ARG A 1 77  ? -1.356  -8.524  -9.111  1.00 24.77 ? 77  ARG A O   1 
ATOM   578  C CB  . ARG A 1 77  ? -2.562  -8.095  -6.285  1.00 21.57 ? 77  ARG A CB  1 
ATOM   579  C CG  . ARG A 1 77  ? -2.110  -9.412  -5.686  1.00 21.05 ? 77  ARG A CG  1 
ATOM   580  C CD  . ARG A 1 77  ? -3.298  -10.157 -5.074  1.00 20.46 ? 77  ARG A CD  1 
ATOM   581  N NE  . ARG A 1 77  ? -3.784  -9.526  -3.845  1.00 17.22 ? 77  ARG A NE  1 
ATOM   582  C CZ  . ARG A 1 77  ? -3.257  -9.737  -2.646  1.00 13.76 ? 77  ARG A CZ  1 
ATOM   583  N NH1 . ARG A 1 77  ? -2.225  -10.557 -2.512  1.00 17.03 ? 77  ARG A NH1 1 
ATOM   584  N NH2 . ARG A 1 77  ? -3.772  -9.147  -1.577  1.00 13.77 ? 77  ARG A NH2 1 
ATOM   585  N N   . ASP A 1 78  ? 0.397   -8.698  -7.709  1.00 24.41 ? 78  ASP A N   1 
ATOM   586  C CA  . ASP A 1 78  ? 1.156   -9.614  -8.553  1.00 25.65 ? 78  ASP A CA  1 
ATOM   587  C C   . ASP A 1 78  ? 1.628   -10.746 -7.642  1.00 24.18 ? 78  ASP A C   1 
ATOM   588  O O   . ASP A 1 78  ? 2.766   -10.744 -7.172  1.00 25.20 ? 78  ASP A O   1 
ATOM   589  C CB  . ASP A 1 78  ? 2.360   -8.890  -9.175  1.00 27.31 ? 78  ASP A CB  1 
ATOM   590  C CG  . ASP A 1 78  ? 3.039   -9.702  -10.274 1.00 30.73 ? 78  ASP A CG  1 
ATOM   591  O OD1 . ASP A 1 78  ? 3.959   -9.156  -10.924 1.00 33.17 ? 78  ASP A OD1 1 
ATOM   592  O OD2 . ASP A 1 78  ? 2.663   -10.874 -10.490 1.00 29.91 ? 78  ASP A OD2 1 
ATOM   593  N N   . ASN A 1 79  ? 0.742   -11.704 -7.383  1.00 23.50 ? 79  ASN A N   1 
ATOM   594  C CA  . ASN A 1 79  ? 1.077   -12.826 -6.510  1.00 22.76 ? 79  ASN A CA  1 
ATOM   595  C C   . ASN A 1 79  ? 2.263   -13.636 -7.017  1.00 22.80 ? 79  ASN A C   1 
ATOM   596  O O   . ASN A 1 79  ? 3.078   -14.103 -6.220  1.00 21.36 ? 79  ASN A O   1 
ATOM   597  C CB  . ASN A 1 79  ? -0.126  -13.764 -6.331  1.00 21.70 ? 79  ASN A CB  1 
ATOM   598  C CG  . ASN A 1 79  ? -1.235  -13.144 -5.498  1.00 21.54 ? 79  ASN A CG  1 
ATOM   599  O OD1 . ASN A 1 79  ? -1.000  -12.208 -4.731  1.00 20.51 ? 79  ASN A OD1 1 
ATOM   600  N ND2 . ASN A 1 79  ? -2.448  -13.678 -5.631  1.00 18.99 ? 79  ASN A ND2 1 
ATOM   601  N N   . ALA A 1 80  ? 2.357   -13.799 -8.334  1.00 23.25 ? 80  ALA A N   1 
ATOM   602  C CA  . ALA A 1 80  ? 3.444   -14.572 -8.933  1.00 24.11 ? 80  ALA A CA  1 
ATOM   603  C C   . ALA A 1 80  ? 4.809   -14.033 -8.524  1.00 24.37 ? 80  ALA A C   1 
ATOM   604  O O   . ALA A 1 80  ? 5.779   -14.787 -8.426  1.00 24.22 ? 80  ALA A O   1 
ATOM   605  C CB  . ALA A 1 80  ? 3.313   -14.574 -10.452 1.00 24.92 ? 80  ALA A CB  1 
ATOM   606  N N   . LYS A 1 81  ? 4.887   -12.727 -8.287  1.00 24.64 ? 81  LYS A N   1 
ATOM   607  C CA  . LYS A 1 81  ? 6.141   -12.116 -7.872  1.00 26.78 ? 81  LYS A CA  1 
ATOM   608  C C   . LYS A 1 81  ? 6.082   -11.769 -6.390  1.00 25.62 ? 81  LYS A C   1 
ATOM   609  O O   . LYS A 1 81  ? 6.927   -11.040 -5.877  1.00 25.36 ? 81  LYS A O   1 
ATOM   610  C CB  . LYS A 1 81  ? 6.432   -10.868 -8.712  1.00 27.78 ? 81  LYS A CB  1 
ATOM   611  C CG  . LYS A 1 81  ? 6.722   -11.190 -10.177 1.00 32.22 ? 81  LYS A CG  1 
ATOM   612  C CD  . LYS A 1 81  ? 7.160   -9.958  -10.961 1.00 35.04 ? 81  LYS A CD  1 
ATOM   613  C CE  . LYS A 1 81  ? 7.499   -10.321 -12.406 1.00 37.68 ? 81  LYS A CE  1 
ATOM   614  N NZ  . LYS A 1 81  ? 7.887   -9.131  -13.226 1.00 39.07 ? 81  LYS A NZ  1 
ATOM   615  N N   . ASN A 1 82  ? 5.071   -12.307 -5.711  1.00 25.21 ? 82  ASN A N   1 
ATOM   616  C CA  . ASN A 1 82  ? 4.885   -12.080 -4.286  1.00 24.74 ? 82  ASN A CA  1 
ATOM   617  C C   . ASN A 1 82  ? 4.931   -10.592 -3.968  1.00 24.24 ? 82  ASN A C   1 
ATOM   618  O O   . ASN A 1 82  ? 5.448   -10.185 -2.926  1.00 23.38 ? 82  ASN A O   1 
ATOM   619  C CB  . ASN A 1 82  ? 5.974   -12.815 -3.506  1.00 25.50 ? 82  ASN A CB  1 
ATOM   620  C CG  . ASN A 1 82  ? 5.406   -13.735 -2.450  1.00 27.06 ? 82  ASN A CG  1 
ATOM   621  O OD1 . ASN A 1 82  ? 4.359   -14.349 -2.653  1.00 23.84 ? 82  ASN A OD1 1 
ATOM   622  N ND2 . ASN A 1 82  ? 6.101   -13.849 -1.320  1.00 29.15 ? 82  ASN A ND2 1 
ATOM   623  N N   . THR A 1 83  ? 4.375   -9.789  -4.869  1.00 23.56 ? 83  THR A N   1 
ATOM   624  C CA  . THR A 1 83  ? 4.384   -8.341  -4.701  1.00 24.42 ? 83  THR A CA  1 
ATOM   625  C C   . THR A 1 83  ? 3.041   -7.666  -4.973  1.00 22.40 ? 83  THR A C   1 
ATOM   626  O O   . THR A 1 83  ? 2.240   -8.147  -5.764  1.00 23.03 ? 83  THR A O   1 
ATOM   627  C CB  . THR A 1 83  ? 5.444   -7.694  -5.641  1.00 25.67 ? 83  THR A CB  1 
ATOM   628  O OG1 . THR A 1 83  ? 6.729   -8.270  -5.383  1.00 26.36 ? 83  THR A OG1 1 
ATOM   629  C CG2 . THR A 1 83  ? 5.520   -6.190  -5.420  1.00 27.04 ? 83  THR A CG2 1 
ATOM   630  N N   . VAL A 1 84  ? 2.823   -6.539  -4.301  1.00 22.25 ? 84  VAL A N   1 
ATOM   631  C CA  . VAL A 1 84  ? 1.630   -5.714  -4.460  1.00 22.21 ? 84  VAL A CA  1 
ATOM   632  C C   . VAL A 1 84  ? 2.168   -4.303  -4.715  1.00 23.21 ? 84  VAL A C   1 
ATOM   633  O O   . VAL A 1 84  ? 3.080   -3.853  -4.022  1.00 22.30 ? 84  VAL A O   1 
ATOM   634  C CB  . VAL A 1 84  ? 0.750   -5.730  -3.183  1.00 21.83 ? 84  VAL A CB  1 
ATOM   635  C CG1 . VAL A 1 84  ? -0.074  -4.447  -3.083  1.00 20.91 ? 84  VAL A CG1 1 
ATOM   636  C CG2 . VAL A 1 84  ? -0.188  -6.937  -3.230  1.00 19.41 ? 84  VAL A CG2 1 
ATOM   637  N N   . ASN A 1 85  ? 1.618   -3.617  -5.712  1.00 24.44 ? 85  ASN A N   1 
ATOM   638  C CA  . ASN A 1 85  ? 2.091   -2.277  -6.053  1.00 25.75 ? 85  ASN A CA  1 
ATOM   639  C C   . ASN A 1 85  ? 1.080   -1.168  -5.832  1.00 26.67 ? 85  ASN A C   1 
ATOM   640  O O   . ASN A 1 85  ? -0.124  -1.410  -5.748  1.00 25.93 ? 85  ASN A O   1 
ATOM   641  C CB  . ASN A 1 85  ? 2.544   -2.247  -7.511  1.00 26.35 ? 85  ASN A CB  1 
ATOM   642  C CG  . ASN A 1 85  ? 3.649   -3.236  -7.788  1.00 28.21 ? 85  ASN A CG  1 
ATOM   643  O OD1 . ASN A 1 85  ? 4.749   -3.110  -7.259  1.00 30.81 ? 85  ASN A OD1 1 
ATOM   644  N ND2 . ASN A 1 85  ? 3.359   -4.239  -8.608  1.00 30.35 ? 85  ASN A ND2 1 
ATOM   645  N N   . LEU A 1 86  ? 1.590   0.057   -5.740  1.00 26.44 ? 86  LEU A N   1 
ATOM   646  C CA  . LEU A 1 86  ? 0.754   1.233   -5.557  1.00 27.16 ? 86  LEU A CA  1 
ATOM   647  C C   . LEU A 1 86  ? 1.260   2.334   -6.489  1.00 28.77 ? 86  LEU A C   1 
ATOM   648  O O   . LEU A 1 86  ? 2.331   2.909   -6.266  1.00 28.09 ? 86  LEU A O   1 
ATOM   649  C CB  . LEU A 1 86  ? 0.812   1.719   -4.111  1.00 25.06 ? 86  LEU A CB  1 
ATOM   650  C CG  . LEU A 1 86  ? -0.125  2.890   -3.802  1.00 25.46 ? 86  LEU A CG  1 
ATOM   651  C CD1 . LEU A 1 86  ? -1.569  2.460   -4.021  1.00 24.73 ? 86  LEU A CD1 1 
ATOM   652  C CD2 . LEU A 1 86  ? 0.084   3.349   -2.371  1.00 25.86 ? 86  LEU A CD2 1 
ATOM   653  N N   . GLN A 1 87  ? 0.497   2.609   -7.540  1.00 30.16 ? 87  GLN A N   1 
ATOM   654  C CA  . GLN A 1 87  ? 0.863   3.640   -8.503  1.00 34.37 ? 87  GLN A CA  1 
ATOM   655  C C   . GLN A 1 87  ? 0.330   4.979   -8.002  1.00 36.02 ? 87  GLN A C   1 
ATOM   656  O O   . GLN A 1 87  ? -0.881  5.173   -7.898  1.00 35.61 ? 87  GLN A O   1 
ATOM   657  C CB  . GLN A 1 87  ? 0.268   3.310   -9.874  1.00 35.81 ? 87  GLN A CB  1 
ATOM   658  C CG  . GLN A 1 87  ? 0.565   4.335   -10.956 1.00 38.55 ? 87  GLN A CG  1 
ATOM   659  C CD  . GLN A 1 87  ? 2.051   4.557   -11.155 1.00 40.10 ? 87  GLN A CD  1 
ATOM   660  O OE1 . GLN A 1 87  ? 2.800   3.623   -11.450 1.00 40.94 ? 87  GLN A OE1 1 
ATOM   661  N NE2 . GLN A 1 87  ? 2.485   5.802   -10.996 1.00 41.58 ? 87  GLN A NE2 1 
ATOM   662  N N   . MET A 1 88  ? 1.238   5.892   -7.675  1.00 37.63 ? 88  MET A N   1 
ATOM   663  C CA  . MET A 1 88  ? 0.843   7.205   -7.179  1.00 39.48 ? 88  MET A CA  1 
ATOM   664  C C   . MET A 1 88  ? 1.033   8.255   -8.267  1.00 41.09 ? 88  MET A C   1 
ATOM   665  O O   . MET A 1 88  ? 2.137   8.437   -8.781  1.00 40.80 ? 88  MET A O   1 
ATOM   666  C CB  . MET A 1 88  ? 1.667   7.569   -5.945  1.00 39.09 ? 88  MET A CB  1 
ATOM   667  C CG  . MET A 1 88  ? 1.689   6.477   -4.891  1.00 39.24 ? 88  MET A CG  1 
ATOM   668  S SD  . MET A 1 88  ? 2.327   7.031   -3.309  1.00 41.97 ? 88  MET A SD  1 
ATOM   669  C CE  . MET A 1 88  ? 4.092   7.019   -3.626  1.00 40.77 ? 88  MET A CE  1 
ATOM   670  N N   . ASN A 1 89  ? -0.048  8.948   -8.612  1.00 41.96 ? 89  ASN A N   1 
ATOM   671  C CA  . ASN A 1 89  ? 0.006   9.963   -9.656  1.00 42.73 ? 89  ASN A CA  1 
ATOM   672  C C   . ASN A 1 89  ? -0.121  11.391  -9.142  1.00 43.45 ? 89  ASN A C   1 
ATOM   673  O O   . ASN A 1 89  ? -0.602  11.629  -8.031  1.00 42.30 ? 89  ASN A O   1 
ATOM   674  C CB  . ASN A 1 89  ? -1.091  9.706   -10.687 1.00 42.39 ? 89  ASN A CB  1 
ATOM   675  C CG  . ASN A 1 89  ? -0.981  8.336   -11.316 1.00 42.70 ? 89  ASN A CG  1 
ATOM   676  O OD1 . ASN A 1 89  ? 0.035   8.002   -11.923 1.00 42.84 ? 89  ASN A OD1 1 
ATOM   677  N ND2 . ASN A 1 89  ? -2.028  7.533   -11.171 1.00 43.30 ? 89  ASN A ND2 1 
ATOM   678  N N   . SER A 1 90  ? 0.321   12.334  -9.971  1.00 44.34 ? 90  SER A N   1 
ATOM   679  C CA  . SER A 1 90  ? 0.254   13.753  -9.651  1.00 45.02 ? 90  SER A CA  1 
ATOM   680  C C   . SER A 1 90  ? 0.645   14.025  -8.207  1.00 45.66 ? 90  SER A C   1 
ATOM   681  O O   . SER A 1 90  ? -0.119  14.616  -7.443  1.00 45.22 ? 90  SER A O   1 
ATOM   682  C CB  . SER A 1 90  ? -1.160  14.273  -9.915  1.00 45.82 ? 90  SER A CB  1 
ATOM   683  O OG  . SER A 1 90  ? -1.559  13.990  -11.248 1.00 46.48 ? 90  SER A OG  1 
ATOM   684  N N   . LEU A 1 91  ? 1.840   13.584  -7.838  1.00 46.64 ? 91  LEU A N   1 
ATOM   685  C CA  . LEU A 1 91  ? 2.332   13.776  -6.485  1.00 47.91 ? 91  LEU A CA  1 
ATOM   686  C C   . LEU A 1 91  ? 2.571   15.254  -6.201  1.00 49.23 ? 91  LEU A C   1 
ATOM   687  O O   . LEU A 1 91  ? 2.891   16.032  -7.101  1.00 48.82 ? 91  LEU A O   1 
ATOM   688  C CB  . LEU A 1 91  ? 3.628   12.986  -6.287  1.00 48.46 ? 91  LEU A CB  1 
ATOM   689  C CG  . LEU A 1 91  ? 3.481   11.466  -6.419  1.00 49.17 ? 91  LEU A CG  1 
ATOM   690  C CD1 . LEU A 1 91  ? 4.849   10.806  -6.433  1.00 49.80 ? 91  LEU A CD1 1 
ATOM   691  C CD2 . LEU A 1 91  ? 2.640   10.938  -5.270  1.00 48.68 ? 91  LEU A CD2 1 
ATOM   692  N N   . LYS A 1 92  ? 2.400   15.641  -4.945  1.00 49.95 ? 92  LYS A N   1 
ATOM   693  C CA  . LYS A 1 92  ? 2.611   17.022  -4.548  1.00 51.69 ? 92  LYS A CA  1 
ATOM   694  C C   . LYS A 1 92  ? 3.189   17.050  -3.142  1.00 51.64 ? 92  LYS A C   1 
ATOM   695  O O   . LYS A 1 92  ? 3.077   16.076  -2.400  1.00 51.52 ? 92  LYS A O   1 
ATOM   696  C CB  . LYS A 1 92  ? 1.292   17.799  -4.607  1.00 53.01 ? 92  LYS A CB  1 
ATOM   697  C CG  . LYS A 1 92  ? 0.293   17.445  -3.525  1.00 55.03 ? 92  LYS A CG  1 
ATOM   698  C CD  . LYS A 1 92  ? -1.017  18.172  -3.766  1.00 56.96 ? 92  LYS A CD  1 
ATOM   699  C CE  . LYS A 1 92  ? -2.022  17.902  -2.659  1.00 58.40 ? 92  LYS A CE  1 
ATOM   700  N NZ  . LYS A 1 92  ? -3.308  18.612  -2.911  1.00 59.44 ? 92  LYS A NZ  1 
ATOM   701  N N   . PRO A 1 93  ? 3.819   18.169  -2.758  1.00 51.93 ? 93  PRO A N   1 
ATOM   702  C CA  . PRO A 1 93  ? 4.416   18.298  -1.424  1.00 52.09 ? 93  PRO A CA  1 
ATOM   703  C C   . PRO A 1 93  ? 3.568   17.746  -0.276  1.00 51.39 ? 93  PRO A C   1 
ATOM   704  O O   . PRO A 1 93  ? 4.100   17.399  0.780   1.00 51.29 ? 93  PRO A O   1 
ATOM   705  C CB  . PRO A 1 93  ? 4.678   19.805  -1.302  1.00 52.10 ? 93  PRO A CB  1 
ATOM   706  C CG  . PRO A 1 93  ? 3.737   20.421  -2.312  1.00 52.56 ? 93  PRO A CG  1 
ATOM   707  C CD  . PRO A 1 93  ? 3.838   19.462  -3.459  1.00 51.89 ? 93  PRO A CD  1 
ATOM   708  N N   . GLU A 1 94  ? 2.258   17.660  -0.483  1.00 50.81 ? 94  GLU A N   1 
ATOM   709  C CA  . GLU A 1 94  ? 1.358   17.140  0.543   1.00 50.70 ? 94  GLU A CA  1 
ATOM   710  C C   . GLU A 1 94  ? 1.531   15.633  0.706   1.00 49.22 ? 94  GLU A C   1 
ATOM   711  O O   . GLU A 1 94  ? 1.224   15.072  1.759   1.00 48.82 ? 94  GLU A O   1 
ATOM   712  C CB  . GLU A 1 94  ? -0.101  17.445  0.183   1.00 52.57 ? 94  GLU A CB  1 
ATOM   713  C CG  . GLU A 1 94  ? -0.518  18.903  0.348   1.00 55.86 ? 94  GLU A CG  1 
ATOM   714  C CD  . GLU A 1 94  ? 0.268   19.858  -0.535  1.00 56.89 ? 94  GLU A CD  1 
ATOM   715  O OE1 . GLU A 1 94  ? 1.462   20.091  -0.256  1.00 58.15 ? 94  GLU A OE1 1 
ATOM   716  O OE2 . GLU A 1 94  ? -0.313  20.375  -1.512  1.00 58.13 ? 94  GLU A OE2 1 
ATOM   717  N N   . ASP A 1 95  ? 2.027   14.984  -0.343  1.00 47.23 ? 95  ASP A N   1 
ATOM   718  C CA  . ASP A 1 95  ? 2.234   13.540  -0.331  1.00 45.52 ? 95  ASP A CA  1 
ATOM   719  C C   . ASP A 1 95  ? 3.532   13.104  0.350   1.00 44.28 ? 95  ASP A C   1 
ATOM   720  O O   . ASP A 1 95  ? 3.763   11.910  0.540   1.00 43.85 ? 95  ASP A O   1 
ATOM   721  C CB  . ASP A 1 95  ? 2.196   12.999  -1.762  1.00 44.53 ? 95  ASP A CB  1 
ATOM   722  C CG  . ASP A 1 95  ? 0.850   13.210  -2.426  1.00 45.05 ? 95  ASP A CG  1 
ATOM   723  O OD1 . ASP A 1 95  ? -0.171  12.780  -1.850  1.00 44.95 ? 95  ASP A OD1 1 
ATOM   724  O OD2 . ASP A 1 95  ? 0.810   13.802  -3.526  1.00 44.49 ? 95  ASP A OD2 1 
ATOM   725  N N   . THR A 1 96  ? 4.380   14.063  0.712   1.00 42.25 ? 96  THR A N   1 
ATOM   726  C CA  . THR A 1 96  ? 5.632   13.731  1.380   1.00 40.31 ? 96  THR A CA  1 
ATOM   727  C C   . THR A 1 96  ? 5.342   13.013  2.694   1.00 38.74 ? 96  THR A C   1 
ATOM   728  O O   . THR A 1 96  ? 4.627   13.536  3.547   1.00 38.90 ? 96  THR A O   1 
ATOM   729  C CB  . THR A 1 96  ? 6.479   14.997  1.671   1.00 39.94 ? 96  THR A CB  1 
ATOM   730  O OG1 . THR A 1 96  ? 6.984   15.526  0.439   1.00 40.48 ? 96  THR A OG1 1 
ATOM   731  C CG2 . THR A 1 96  ? 7.651   14.664  2.579   1.00 40.43 ? 96  THR A CG2 1 
ATOM   732  N N   . ALA A 1 97  ? 5.894   11.811  2.840   1.00 37.05 ? 97  ALA A N   1 
ATOM   733  C CA  . ALA A 1 97  ? 5.709   11.008  4.048   1.00 35.97 ? 97  ALA A CA  1 
ATOM   734  C C   . ALA A 1 97  ? 6.272   9.606   3.855   1.00 34.79 ? 97  ALA A C   1 
ATOM   735  O O   . ALA A 1 97  ? 6.623   9.214   2.740   1.00 33.79 ? 97  ALA A O   1 
ATOM   736  C CB  . ALA A 1 97  ? 4.225   10.917  4.405   1.00 35.61 ? 97  ALA A CB  1 
ATOM   737  N N   . VAL A 1 98  ? 6.370   8.854   4.947   1.00 34.18 ? 98  VAL A N   1 
ATOM   738  C CA  . VAL A 1 98  ? 6.865   7.484   4.861   1.00 34.01 ? 98  VAL A CA  1 
ATOM   739  C C   . VAL A 1 98  ? 5.666   6.590   4.542   1.00 32.10 ? 98  VAL A C   1 
ATOM   740  O O   . VAL A 1 98  ? 4.653   6.621   5.242   1.00 31.54 ? 98  VAL A O   1 
ATOM   741  C CB  . VAL A 1 98  ? 7.525   7.017   6.190   1.00 35.55 ? 98  VAL A CB  1 
ATOM   742  C CG1 . VAL A 1 98  ? 8.798   7.809   6.448   1.00 36.09 ? 98  VAL A CG1 1 
ATOM   743  C CG2 . VAL A 1 98  ? 6.559   7.195   7.349   1.00 38.35 ? 98  VAL A CG2 1 
ATOM   744  N N   . TYR A 1 99  ? 5.775   5.824   3.466   1.00 29.86 ? 99  TYR A N   1 
ATOM   745  C CA  . TYR A 1 99  ? 4.697   4.934   3.060   1.00 28.39 ? 99  TYR A CA  1 
ATOM   746  C C   . TYR A 1 99  ? 4.958   3.523   3.553   1.00 27.11 ? 99  TYR A C   1 
ATOM   747  O O   . TYR A 1 99  ? 6.095   3.051   3.553   1.00 25.50 ? 99  TYR A O   1 
ATOM   748  C CB  . TYR A 1 99  ? 4.545   4.948   1.537   1.00 28.39 ? 99  TYR A CB  1 
ATOM   749  C CG  . TYR A 1 99  ? 3.954   6.240   1.026   1.00 30.79 ? 99  TYR A CG  1 
ATOM   750  C CD1 . TYR A 1 99  ? 4.638   7.451   1.175   1.00 30.75 ? 99  TYR A CD1 1 
ATOM   751  C CD2 . TYR A 1 99  ? 2.685   6.267   0.449   1.00 29.53 ? 99  TYR A CD2 1 
ATOM   752  C CE1 . TYR A 1 99  ? 4.066   8.656   0.766   1.00 30.54 ? 99  TYR A CE1 1 
ATOM   753  C CE2 . TYR A 1 99  ? 2.106   7.462   0.039   1.00 31.04 ? 99  TYR A CE2 1 
ATOM   754  C CZ  . TYR A 1 99  ? 2.801   8.654   0.202   1.00 31.03 ? 99  TYR A CZ  1 
ATOM   755  O OH  . TYR A 1 99  ? 2.222   9.840   -0.188  1.00 30.76 ? 99  TYR A OH  1 
ATOM   756  N N   . TYR A 1 100 ? 3.896   2.859   3.994   1.00 25.97 ? 100 TYR A N   1 
ATOM   757  C CA  . TYR A 1 100 ? 4.014   1.501   4.499   1.00 24.52 ? 100 TYR A CA  1 
ATOM   758  C C   . TYR A 1 100 ? 2.986   0.599   3.848   1.00 23.87 ? 100 TYR A C   1 
ATOM   759  O O   . TYR A 1 100 ? 1.947   1.064   3.365   1.00 20.82 ? 100 TYR A O   1 
ATOM   760  C CB  . TYR A 1 100 ? 3.737   1.429   6.004   1.00 26.19 ? 100 TYR A CB  1 
ATOM   761  C CG  . TYR A 1 100 ? 4.629   2.239   6.913   1.00 30.06 ? 100 TYR A CG  1 
ATOM   762  C CD1 . TYR A 1 100 ? 4.339   3.572   7.206   1.00 30.11 ? 100 TYR A CD1 1 
ATOM   763  C CD2 . TYR A 1 100 ? 5.729   1.649   7.540   1.00 30.55 ? 100 TYR A CD2 1 
ATOM   764  C CE1 . TYR A 1 100 ? 5.122   4.296   8.110   1.00 32.99 ? 100 TYR A CE1 1 
ATOM   765  C CE2 . TYR A 1 100 ? 6.514   2.361   8.440   1.00 32.88 ? 100 TYR A CE2 1 
ATOM   766  C CZ  . TYR A 1 100 ? 6.205   3.680   8.723   1.00 32.96 ? 100 TYR A CZ  1 
ATOM   767  O OH  . TYR A 1 100 ? 6.972   4.376   9.633   1.00 36.77 ? 100 TYR A OH  1 
ATOM   768  N N   . CYS A 1 101 ? 3.290   -0.693  3.830   1.00 23.18 ? 101 CYS A N   1 
ATOM   769  C CA  . CYS A 1 101 ? 2.342   -1.677  3.343   1.00 21.18 ? 101 CYS A CA  1 
ATOM   770  C C   . CYS A 1 101 ? 2.214   -2.628  4.517   1.00 20.56 ? 101 CYS A C   1 
ATOM   771  O O   . CYS A 1 101 ? 3.166   -2.829  5.269   1.00 20.99 ? 101 CYS A O   1 
ATOM   772  C CB  . CYS A 1 101 ? 2.831   -2.397  2.091   0.81 20.82 ? 101 CYS A CB  1 
ATOM   773  S SG  . CYS A 1 101 ? 4.352   -3.385  2.180   0.81 21.57 ? 101 CYS A SG  1 
ATOM   774  N N   . ALA A 1 102 ? 1.025   -3.180  4.703   1.00 19.62 ? 102 ALA A N   1 
ATOM   775  C CA  . ALA A 1 102 ? 0.797   -4.077  5.818   1.00 18.86 ? 102 ALA A CA  1 
ATOM   776  C C   . ALA A 1 102 ? -0.044  -5.238  5.335   1.00 18.01 ? 102 ALA A C   1 
ATOM   777  O O   . ALA A 1 102 ? -0.580  -5.213  4.224   1.00 17.15 ? 102 ALA A O   1 
ATOM   778  C CB  . ALA A 1 102 ? 0.087   -3.335  6.944   1.00 20.16 ? 102 ALA A CB  1 
ATOM   779  N N   . ALA A 1 103 ? -0.163  -6.254  6.174   1.00 18.20 ? 103 ALA A N   1 
ATOM   780  C CA  . ALA A 1 103 ? -0.925  -7.432  5.797   1.00 17.73 ? 103 ALA A CA  1 
ATOM   781  C C   . ALA A 1 103 ? -1.750  -8.000  6.942   1.00 18.27 ? 103 ALA A C   1 
ATOM   782  O O   . ALA A 1 103 ? -1.410  -7.832  8.112   1.00 20.99 ? 103 ALA A O   1 
ATOM   783  C CB  . ALA A 1 103 ? 0.030   -8.502  5.264   1.00 14.53 ? 103 ALA A CB  1 
ATOM   784  N N   . LYS A 1 104 ? -2.843  -8.663  6.572   1.00 17.85 ? 104 LYS A N   1 
ATOM   785  C CA  . LYS A 1 104 ? -3.751  -9.330  7.499   1.00 18.46 ? 104 LYS A CA  1 
ATOM   786  C C   . LYS A 1 104 ? -4.539  -10.287 6.611   1.00 17.68 ? 104 LYS A C   1 
ATOM   787  O O   . LYS A 1 104 ? -4.363  -10.284 5.385   1.00 16.61 ? 104 LYS A O   1 
ATOM   788  C CB  . LYS A 1 104 ? -4.690  -8.325  8.199   1.00 18.00 ? 104 LYS A CB  1 
ATOM   789  C CG  . LYS A 1 104 ? -5.625  -7.536  7.288   1.00 18.95 ? 104 LYS A CG  1 
ATOM   790  C CD  . LYS A 1 104 ? -6.356  -6.445  8.082   1.00 17.91 ? 104 LYS A CD  1 
ATOM   791  C CE  . LYS A 1 104 ? -7.306  -5.621  7.209   1.00 16.63 ? 104 LYS A CE  1 
ATOM   792  N NZ  . LYS A 1 104 ? -8.509  -6.395  6.761   1.00 14.60 ? 104 LYS A NZ  1 
ATOM   793  N N   . THR A 1 105 ? -5.388  -11.118 7.205   1.00 18.04 ? 105 THR A N   1 
ATOM   794  C CA  . THR A 1 105 ? -6.177  -12.057 6.413   1.00 18.50 ? 105 THR A CA  1 
ATOM   795  C C   . THR A 1 105 ? -7.670  -11.789 6.553   1.00 18.98 ? 105 THR A C   1 
ATOM   796  O O   . THR A 1 105 ? -8.488  -12.401 5.867   1.00 20.43 ? 105 THR A O   1 
ATOM   797  C CB  . THR A 1 105 ? -5.895  -13.515 6.823   1.00 19.30 ? 105 THR A CB  1 
ATOM   798  O OG1 . THR A 1 105 ? -6.268  -13.703 8.192   1.00 17.67 ? 105 THR A OG1 1 
ATOM   799  C CG2 . THR A 1 105 ? -4.411  -13.845 6.644   1.00 18.57 ? 105 THR A CG2 1 
ATOM   800  N N   . THR A 1 106 ? -8.016  -10.870 7.447   1.00 17.04 ? 106 THR A N   1 
ATOM   801  C CA  . THR A 1 106 ? -9.403  -10.501 7.691   1.00 16.46 ? 106 THR A CA  1 
ATOM   802  C C   . THR A 1 106 ? -9.994  -9.624  6.577   1.00 16.13 ? 106 THR A C   1 
ATOM   803  O O   . THR A 1 106 ? -9.265  -8.952  5.847   1.00 17.11 ? 106 THR A O   1 
ATOM   804  C CB  . THR A 1 106 ? -9.522  -9.736  9.009   1.00 16.14 ? 106 THR A CB  1 
ATOM   805  O OG1 . THR A 1 106 ? -8.584  -8.654  9.003   1.00 16.97 ? 106 THR A OG1 1 
ATOM   806  C CG2 . THR A 1 106 ? -9.226  -10.658 10.191  1.00 13.85 ? 106 THR A CG2 1 
ATOM   807  N N   . THR A 1 107 ? -11.321 -9.621  6.486   1.00 16.54 ? 107 THR A N   1 
ATOM   808  C CA  . THR A 1 107 ? -12.049 -8.842  5.484   1.00 18.07 ? 107 THR A CA  1 
ATOM   809  C C   . THR A 1 107 ? -12.707 -7.587  6.059   1.00 19.10 ? 107 THR A C   1 
ATOM   810  O O   . THR A 1 107 ? -13.683 -7.083  5.498   1.00 19.69 ? 107 THR A O   1 
ATOM   811  C CB  . THR A 1 107 ? -13.162 -9.688  4.820   1.00 19.33 ? 107 THR A CB  1 
ATOM   812  O OG1 . THR A 1 107 ? -14.067 -10.169 5.826   1.00 19.70 ? 107 THR A OG1 1 
ATOM   813  C CG2 . THR A 1 107 ? -12.556 -10.876 4.070   1.00 17.13 ? 107 THR A CG2 1 
ATOM   814  N N   . TRP A 1 108 ? -12.172 -7.076  7.164   1.00 18.79 ? 108 TRP A N   1 
ATOM   815  C CA  . TRP A 1 108 ? -12.742 -5.882  7.792   1.00 17.90 ? 108 TRP A CA  1 
ATOM   816  C C   . TRP A 1 108 ? -11.667 -5.075  8.516   1.00 17.98 ? 108 TRP A C   1 
ATOM   817  O O   . TRP A 1 108 ? -10.552 -5.553  8.719   1.00 17.26 ? 108 TRP A O   1 
ATOM   818  C CB  . TRP A 1 108 ? -13.792 -6.296  8.823   1.00 17.94 ? 108 TRP A CB  1 
ATOM   819  C CG  . TRP A 1 108 ? -13.178 -7.157  9.887   1.00 17.50 ? 108 TRP A CG  1 
ATOM   820  C CD1 . TRP A 1 108 ? -12.955 -8.502  9.816   1.00 18.19 ? 108 TRP A CD1 1 
ATOM   821  C CD2 . TRP A 1 108 ? -12.564 -6.714  11.107  1.00 17.92 ? 108 TRP A CD2 1 
ATOM   822  N NE1 . TRP A 1 108 ? -12.233 -8.922  10.907  1.00 16.66 ? 108 TRP A NE1 1 
ATOM   823  C CE2 . TRP A 1 108 ? -11.978 -7.847  11.715  1.00 17.85 ? 108 TRP A CE2 1 
ATOM   824  C CE3 . TRP A 1 108 ? -12.445 -5.466  11.743  1.00 17.45 ? 108 TRP A CE3 1 
ATOM   825  C CZ2 . TRP A 1 108 ? -11.280 -7.775  12.928  1.00 17.24 ? 108 TRP A CZ2 1 
ATOM   826  C CZ3 . TRP A 1 108 ? -11.750 -5.392  12.952  1.00 19.21 ? 108 TRP A CZ3 1 
ATOM   827  C CH2 . TRP A 1 108 ? -11.177 -6.543  13.529  1.00 19.65 ? 108 TRP A CH2 1 
ATOM   828  N N   . GLY A 1 109 ? -12.033 -3.852  8.904   1.00 18.45 ? 109 GLY A N   1 
ATOM   829  C CA  . GLY A 1 109 ? -11.153 -2.973  9.662   1.00 20.17 ? 109 GLY A CA  1 
ATOM   830  C C   . GLY A 1 109 ? -9.899  -2.404  9.031   1.00 19.97 ? 109 GLY A C   1 
ATOM   831  O O   . GLY A 1 109 ? -9.005  -1.967  9.748   1.00 21.16 ? 109 GLY A O   1 
ATOM   832  N N   . GLY A 1 110 ? -9.835  -2.377  7.707   1.00 19.58 ? 110 GLY A N   1 
ATOM   833  C CA  . GLY A 1 110 ? -8.652  -1.865  7.038   1.00 20.83 ? 110 GLY A CA  1 
ATOM   834  C C   . GLY A 1 110 ? -8.211  -0.460  7.414   1.00 22.75 ? 110 GLY A C   1 
ATOM   835  O O   . GLY A 1 110 ? -7.013  -0.176  7.453   1.00 23.28 ? 110 GLY A O   1 
ATOM   836  N N   . ASN A 1 111 ? -9.159  0.427   7.700   1.00 23.68 ? 111 ASN A N   1 
ATOM   837  C CA  . ASN A 1 111 ? -8.811  1.806   8.040   1.00 26.02 ? 111 ASN A CA  1 
ATOM   838  C C   . ASN A 1 111 ? -7.946  1.975   9.279   1.00 25.51 ? 111 ASN A C   1 
ATOM   839  O O   . ASN A 1 111 ? -7.066  2.833   9.305   1.00 25.59 ? 111 ASN A O   1 
ATOM   840  C CB  . ASN A 1 111 ? -10.077 2.661   8.177   1.00 25.64 ? 111 ASN A CB  1 
ATOM   841  C CG  . ASN A 1 111 ? -10.599 3.139   6.836   1.00 26.66 ? 111 ASN A CG  1 
ATOM   842  O OD1 . ASN A 1 111 ? -10.911 2.338   5.959   1.00 25.62 ? 111 ASN A OD1 1 
ATOM   843  N ND2 . ASN A 1 111 ? -10.694 4.460   6.670   1.00 28.71 ? 111 ASN A ND2 1 
ATOM   844  N N   . ASP A 1 112 ? -8.188  1.157   10.297  1.00 24.93 ? 112 ASP A N   1 
ATOM   845  C CA  . ASP A 1 112 ? -7.422  1.232   11.534  1.00 26.20 ? 112 ASP A CA  1 
ATOM   846  C C   . ASP A 1 112 ? -6.105  0.471   11.382  1.00 26.67 ? 112 ASP A C   1 
ATOM   847  O O   . ASP A 1 112 ? -6.106  -0.741  11.141  1.00 26.80 ? 112 ASP A O   1 
ATOM   848  C CB  . ASP A 1 112 ? -8.233  0.623   12.678  1.00 27.90 ? 112 ASP A CB  1 
ATOM   849  C CG  . ASP A 1 112 ? -7.654  0.940   14.039  1.00 29.55 ? 112 ASP A CG  1 
ATOM   850  O OD1 . ASP A 1 112 ? -6.426  1.151   14.144  1.00 29.54 ? 112 ASP A OD1 1 
ATOM   851  O OD2 . ASP A 1 112 ? -8.433  0.963   15.011  1.00 33.18 ? 112 ASP A OD2 1 
ATOM   852  N N   . PRO A 1 113 ? -4.962  1.164   11.524  1.00 25.77 ? 113 PRO A N   1 
ATOM   853  C CA  . PRO A 1 113 ? -3.678  0.472   11.385  1.00 25.92 ? 113 PRO A CA  1 
ATOM   854  C C   . PRO A 1 113 ? -3.481  -0.631  12.424  1.00 25.36 ? 113 PRO A C   1 
ATOM   855  O O   . PRO A 1 113 ? -2.742  -1.594  12.193  1.00 25.63 ? 113 PRO A O   1 
ATOM   856  C CB  . PRO A 1 113 ? -2.660  1.605   11.522  1.00 26.28 ? 113 PRO A CB  1 
ATOM   857  C CG  . PRO A 1 113 ? -3.351  2.563   12.445  1.00 25.75 ? 113 PRO A CG  1 
ATOM   858  C CD  . PRO A 1 113 ? -4.758  2.580   11.885  1.00 27.14 ? 113 PRO A CD  1 
ATOM   859  N N   . ASN A 1 114 ? -4.150  -0.495  13.565  1.00 25.74 ? 114 ASN A N   1 
ATOM   860  C CA  . ASN A 1 114 ? -4.037  -1.489  14.626  1.00 26.77 ? 114 ASN A CA  1 
ATOM   861  C C   . ASN A 1 114 ? -4.646  -2.845  14.254  1.00 26.04 ? 114 ASN A C   1 
ATOM   862  O O   . ASN A 1 114 ? -4.414  -3.836  14.943  1.00 26.26 ? 114 ASN A O   1 
ATOM   863  C CB  . ASN A 1 114 ? -4.682  -0.962  15.909  1.00 29.69 ? 114 ASN A CB  1 
ATOM   864  C CG  . ASN A 1 114 ? -3.861  0.135   16.567  1.00 32.61 ? 114 ASN A CG  1 
ATOM   865  O OD1 . ASN A 1 114 ? -4.338  0.832   17.463  1.00 35.91 ? 114 ASN A OD1 1 
ATOM   866  N ND2 . ASN A 1 114 ? -2.617  0.288   16.129  1.00 32.51 ? 114 ASN A ND2 1 
ATOM   867  N N   . ASN A 1 115 ? -5.422  -2.894  13.175  1.00 24.83 ? 115 ASN A N   1 
ATOM   868  C CA  . ASN A 1 115 ? -6.030  -4.157  12.749  1.00 24.81 ? 115 ASN A CA  1 
ATOM   869  C C   . ASN A 1 115 ? -5.106  -4.966  11.846  1.00 24.72 ? 115 ASN A C   1 
ATOM   870  O O   . ASN A 1 115 ? -5.385  -6.129  11.545  1.00 25.12 ? 115 ASN A O   1 
ATOM   871  C CB  . ASN A 1 115 ? -7.352  -3.914  12.014  1.00 24.09 ? 115 ASN A CB  1 
ATOM   872  C CG  . ASN A 1 115 ? -8.473  -3.495  12.943  1.00 24.18 ? 115 ASN A CG  1 
ATOM   873  O OD1 . ASN A 1 115 ? -8.647  -4.067  14.020  1.00 24.67 ? 115 ASN A OD1 1 
ATOM   874  N ND2 . ASN A 1 115 ? -9.251  -2.505  12.524  1.00 23.10 ? 115 ASN A ND2 1 
ATOM   875  N N   . TRP A 1 116 ? -4.009  -4.361  11.406  1.00 23.55 ? 116 TRP A N   1 
ATOM   876  C CA  . TRP A 1 116 ? -3.087  -5.078  10.534  1.00 24.60 ? 116 TRP A CA  1 
ATOM   877  C C   . TRP A 1 116 ? -2.020  -5.819  11.330  1.00 25.97 ? 116 TRP A C   1 
ATOM   878  O O   . TRP A 1 116 ? -1.473  -5.309  12.311  1.00 25.77 ? 116 TRP A O   1 
ATOM   879  C CB  . TRP A 1 116 ? -2.466  -4.124  9.513   1.00 21.94 ? 116 TRP A CB  1 
ATOM   880  C CG  . TRP A 1 116 ? -3.509  -3.498  8.637   1.00 20.78 ? 116 TRP A CG  1 
ATOM   881  C CD1 . TRP A 1 116 ? -4.366  -2.493  8.974   1.00 21.20 ? 116 TRP A CD1 1 
ATOM   882  C CD2 . TRP A 1 116 ? -3.844  -3.879  7.298   1.00 20.43 ? 116 TRP A CD2 1 
ATOM   883  N NE1 . TRP A 1 116 ? -5.217  -2.222  7.930   1.00 20.74 ? 116 TRP A NE1 1 
ATOM   884  C CE2 . TRP A 1 116 ? -4.917  -3.058  6.887   1.00 20.57 ? 116 TRP A CE2 1 
ATOM   885  C CE3 . TRP A 1 116 ? -3.341  -4.835  6.404   1.00 19.38 ? 116 TRP A CE3 1 
ATOM   886  C CZ2 . TRP A 1 116 ? -5.497  -3.162  5.618   1.00 19.12 ? 116 TRP A CZ2 1 
ATOM   887  C CZ3 . TRP A 1 116 ? -3.920  -4.938  5.140   1.00 19.87 ? 116 TRP A CZ3 1 
ATOM   888  C CH2 . TRP A 1 116 ? -4.986  -4.104  4.761   1.00 18.05 ? 116 TRP A CH2 1 
ATOM   889  N N   . ASN A 1 117 ? -1.747  -7.042  10.886  1.00 26.77 ? 117 ASN A N   1 
ATOM   890  C CA  . ASN A 1 117 ? -0.808  -7.943  11.536  1.00 27.40 ? 117 ASN A CA  1 
ATOM   891  C C   . ASN A 1 117 ? 0.673   -7.644  11.328  1.00 26.41 ? 117 ASN A C   1 
ATOM   892  O O   . ASN A 1 117 ? 1.420   -7.493  12.290  1.00 26.18 ? 117 ASN A O   1 
ATOM   893  C CB  . ASN A 1 117 ? -1.087  -9.378  11.074  1.00 27.74 ? 117 ASN A CB  1 
ATOM   894  C CG  . ASN A 1 117 ? -2.550  -9.781  11.227  1.00 28.89 ? 117 ASN A CG  1 
ATOM   895  O OD1 . ASN A 1 117 ? -2.962  -10.838 10.743  1.00 30.94 ? 117 ASN A OD1 1 
ATOM   896  N ND2 . ASN A 1 117 ? -3.337  -8.948  11.902  1.00 27.23 ? 117 ASN A ND2 1 
ATOM   897  N N   . TYR A 1 118 ? 1.101   -7.572  10.073  1.00 24.85 ? 118 TYR A N   1 
ATOM   898  C CA  . TYR A 1 118 ? 2.508   -7.333  9.786   1.00 25.73 ? 118 TYR A CA  1 
ATOM   899  C C   . TYR A 1 118 ? 2.724   -6.068  8.974   1.00 25.01 ? 118 TYR A C   1 
ATOM   900  O O   . TYR A 1 118 ? 1.871   -5.684  8.177   1.00 24.41 ? 118 TYR A O   1 
ATOM   901  C CB  . TYR A 1 118 ? 3.092   -8.545  9.053   1.00 26.03 ? 118 TYR A CB  1 
ATOM   902  C CG  . TYR A 1 118 ? 2.783   -9.847  9.761   1.00 25.39 ? 118 TYR A CG  1 
ATOM   903  C CD1 . TYR A 1 118 ? 1.634   -10.576 9.457   1.00 25.51 ? 118 TYR A CD1 1 
ATOM   904  C CD2 . TYR A 1 118 ? 3.611   -10.318 10.779  1.00 26.67 ? 118 TYR A CD2 1 
ATOM   905  C CE1 . TYR A 1 118 ? 1.317   -11.745 10.154  1.00 24.66 ? 118 TYR A CE1 1 
ATOM   906  C CE2 . TYR A 1 118 ? 3.304   -11.479 11.479  1.00 25.84 ? 118 TYR A CE2 1 
ATOM   907  C CZ  . TYR A 1 118 ? 2.157   -12.185 11.163  1.00 24.82 ? 118 TYR A CZ  1 
ATOM   908  O OH  . TYR A 1 118 ? 1.850   -13.322 11.867  1.00 25.74 ? 118 TYR A OH  1 
ATOM   909  N N   . TRP A 1 119 ? 3.872   -5.430  9.181   1.00 24.13 ? 119 TRP A N   1 
ATOM   910  C CA  . TRP A 1 119 ? 4.209   -4.188  8.489   1.00 25.56 ? 119 TRP A CA  1 
ATOM   911  C C   . TRP A 1 119 ? 5.614   -4.193  7.905   1.00 26.62 ? 119 TRP A C   1 
ATOM   912  O O   . TRP A 1 119 ? 6.509   -4.859  8.424   1.00 26.48 ? 119 TRP A O   1 
ATOM   913  C CB  . TRP A 1 119 ? 4.128   -2.998  9.451   1.00 25.89 ? 119 TRP A CB  1 
ATOM   914  C CG  . TRP A 1 119 ? 2.783   -2.714  10.020  1.00 25.59 ? 119 TRP A CG  1 
ATOM   915  C CD1 . TRP A 1 119 ? 2.184   -3.344  11.074  1.00 24.96 ? 119 TRP A CD1 1 
ATOM   916  C CD2 . TRP A 1 119 ? 1.876   -1.698  9.587   1.00 26.12 ? 119 TRP A CD2 1 
ATOM   917  N NE1 . TRP A 1 119 ? 0.956   -2.776  11.326  1.00 25.82 ? 119 TRP A NE1 1 
ATOM   918  C CE2 . TRP A 1 119 ? 0.742   -1.764  10.426  1.00 24.22 ? 119 TRP A CE2 1 
ATOM   919  C CE3 . TRP A 1 119 ? 1.910   -0.735  8.567   1.00 25.32 ? 119 TRP A CE3 1 
ATOM   920  C CZ2 . TRP A 1 119 ? -0.349  -0.903  10.280  1.00 24.45 ? 119 TRP A CZ2 1 
ATOM   921  C CZ3 . TRP A 1 119 ? 0.823   0.123   8.420   1.00 24.16 ? 119 TRP A CZ3 1 
ATOM   922  C CH2 . TRP A 1 119 ? -0.290  0.032   9.272   1.00 23.70 ? 119 TRP A CH2 1 
ATOM   923  N N   . GLY A 1 120 ? 5.800   -3.435  6.829   1.00 27.69 ? 120 GLY A N   1 
ATOM   924  C CA  . GLY A 1 120 ? 7.114   -3.324  6.227   1.00 29.08 ? 120 GLY A CA  1 
ATOM   925  C C   . GLY A 1 120 ? 7.819   -2.237  7.023   1.00 29.93 ? 120 GLY A C   1 
ATOM   926  O O   . GLY A 1 120 ? 7.185   -1.580  7.844   1.00 29.45 ? 120 GLY A O   1 
ATOM   927  N N   . GLN A 1 121 ? 9.113   -2.039  6.803   1.00 31.37 ? 121 GLN A N   1 
ATOM   928  C CA  . GLN A 1 121 ? 9.835   -1.014  7.546   1.00 32.82 ? 121 GLN A CA  1 
ATOM   929  C C   . GLN A 1 121 ? 9.424   0.386   7.112   1.00 33.32 ? 121 GLN A C   1 
ATOM   930  O O   . GLN A 1 121 ? 9.554   1.348   7.874   1.00 33.01 ? 121 GLN A O   1 
ATOM   931  C CB  . GLN A 1 121 ? 11.347  -1.199  7.383   1.00 33.68 ? 121 GLN A CB  1 
ATOM   932  C CG  . GLN A 1 121 ? 11.921  -2.306  8.263   1.00 35.26 ? 121 GLN A CG  1 
ATOM   933  C CD  . GLN A 1 121 ? 11.604  -2.092  9.733   1.00 36.79 ? 121 GLN A CD  1 
ATOM   934  O OE1 . GLN A 1 121 ? 11.965  -1.070  10.319  1.00 37.33 ? 121 GLN A OE1 1 
ATOM   935  N NE2 . GLN A 1 121 ? 10.921  -3.057  10.336  1.00 37.80 ? 121 GLN A NE2 1 
ATOM   936  N N   . GLY A 1 122 ? 8.918   0.489   5.887   1.00 33.54 ? 122 GLY A N   1 
ATOM   937  C CA  . GLY A 1 122 ? 8.484   1.772   5.369   1.00 34.93 ? 122 GLY A CA  1 
ATOM   938  C C   . GLY A 1 122 ? 9.466   2.372   4.384   1.00 35.85 ? 122 GLY A C   1 
ATOM   939  O O   . GLY A 1 122 ? 10.650  2.034   4.387   1.00 36.16 ? 122 GLY A O   1 
ATOM   940  N N   . THR A 1 123 ? 8.968   3.261   3.532   1.00 36.27 ? 123 THR A N   1 
ATOM   941  C CA  . THR A 1 123 ? 9.801   3.925   2.538   1.00 38.23 ? 123 THR A CA  1 
ATOM   942  C C   . THR A 1 123 ? 9.470   5.410   2.514   1.00 38.03 ? 123 THR A C   1 
ATOM   943  O O   . THR A 1 123 ? 8.306   5.794   2.409   1.00 37.37 ? 123 THR A O   1 
ATOM   944  C CB  . THR A 1 123 ? 9.563   3.359   1.126   1.00 38.68 ? 123 THR A CB  1 
ATOM   945  O OG1 . THR A 1 123 ? 9.773   1.945   1.140   1.00 43.62 ? 123 THR A OG1 1 
ATOM   946  C CG2 . THR A 1 123 ? 10.529  3.985   0.137   1.00 39.46 ? 123 THR A CG2 1 
ATOM   947  N N   . GLN A 1 124 ? 10.496  6.244   2.613   1.00 38.52 ? 124 GLN A N   1 
ATOM   948  C CA  . GLN A 1 124 ? 10.292  7.685   2.595   1.00 38.88 ? 124 GLN A CA  1 
ATOM   949  C C   . GLN A 1 124 ? 10.024  8.175   1.179   1.00 38.45 ? 124 GLN A C   1 
ATOM   950  O O   . GLN A 1 124 ? 10.659  7.733   0.224   1.00 38.59 ? 124 GLN A O   1 
ATOM   951  C CB  . GLN A 1 124 ? 11.523  8.405   3.152   1.00 39.65 ? 124 GLN A CB  1 
ATOM   952  C CG  . GLN A 1 124 ? 11.431  9.926   3.094   1.00 40.43 ? 124 GLN A CG  1 
ATOM   953  C CD  . GLN A 1 124 ? 10.446  10.494  4.097   1.00 40.46 ? 124 GLN A CD  1 
ATOM   954  O OE1 . GLN A 1 124 ? 9.512   11.210  3.733   1.00 41.14 ? 124 GLN A OE1 1 
ATOM   955  N NE2 . GLN A 1 124 ? 10.655  10.182  5.370   1.00 41.00 ? 124 GLN A NE2 1 
ATOM   956  N N   . VAL A 1 125 ? 9.063   9.079   1.052   1.00 39.15 ? 125 VAL A N   1 
ATOM   957  C CA  . VAL A 1 125 ? 8.723   9.669   -0.235  1.00 40.27 ? 125 VAL A CA  1 
ATOM   958  C C   . VAL A 1 125 ? 8.734   11.178  -0.035  1.00 41.80 ? 125 VAL A C   1 
ATOM   959  O O   . VAL A 1 125 ? 7.947   11.715  0.744   1.00 41.85 ? 125 VAL A O   1 
ATOM   960  C CB  . VAL A 1 125 ? 7.329   9.231   -0.724  1.00 39.87 ? 125 VAL A CB  1 
ATOM   961  C CG1 . VAL A 1 125 ? 6.955   10.005  -1.984  1.00 39.93 ? 125 VAL A CG1 1 
ATOM   962  C CG2 . VAL A 1 125 ? 7.326   7.739   -1.015  1.00 38.92 ? 125 VAL A CG2 1 
ATOM   963  N N   . THR A 1 126 ? 9.641   11.858  -0.729  1.00 43.76 ? 126 THR A N   1 
ATOM   964  C CA  . THR A 1 126 ? 9.757   13.306  -0.615  1.00 45.33 ? 126 THR A CA  1 
ATOM   965  C C   . THR A 1 126 ? 9.533   13.982  -1.958  1.00 46.11 ? 126 THR A C   1 
ATOM   966  O O   . THR A 1 126 ? 10.130  13.607  -2.966  1.00 46.39 ? 126 THR A O   1 
ATOM   967  C CB  . THR A 1 126 ? 11.147  13.715  -0.082  1.00 45.35 ? 126 THR A CB  1 
ATOM   968  O OG1 . THR A 1 126 ? 11.373  13.093  1.190   1.00 44.87 ? 126 THR A OG1 1 
ATOM   969  C CG2 . THR A 1 126 ? 11.229  15.232  0.082   1.00 45.48 ? 126 THR A CG2 1 
ATOM   970  N N   . VAL A 1 127 ? 8.667   14.987  -1.959  1.00 47.42 ? 127 VAL A N   1 
ATOM   971  C CA  . VAL A 1 127 ? 8.350   15.723  -3.175  1.00 48.92 ? 127 VAL A CA  1 
ATOM   972  C C   . VAL A 1 127 ? 8.505   17.231  -2.963  1.00 49.52 ? 127 VAL A C   1 
ATOM   973  O O   . VAL A 1 127 ? 9.256   17.858  -3.742  1.00 51.06 ? 127 VAL A O   1 
ATOM   974  C CB  . VAL A 1 127 ? 6.913   15.396  -3.640  1.00 48.70 ? 127 VAL A CB  1 
ATOM   975  C CG1 . VAL A 1 127 ? 5.968   15.457  -2.459  1.00 48.86 ? 127 VAL A CG1 1 
ATOM   976  C CG2 . VAL A 1 127 ? 6.478   16.360  -4.732  1.00 48.63 ? 127 VAL A CG2 1 
ATOM   977  O OXT . VAL A 1 127 ? 7.880   17.766  -2.022  1.00 49.29 ? 127 VAL A OXT 1 
HETATM 978  S S   . SO4 B 2 .   ? 4.287   4.708   14.493  1.00 97.52 ? 402 SO4 A S   1 
HETATM 979  O O1  . SO4 B 2 .   ? 4.049   5.986   15.464  1.00 97.49 ? 402 SO4 A O1  1 
HETATM 980  O O2  . SO4 B 2 .   ? 3.192   4.745   13.550  1.00 97.37 ? 402 SO4 A O2  1 
HETATM 981  O O3  . SO4 B 2 .   ? 5.455   4.836   13.898  1.00 97.26 ? 402 SO4 A O3  1 
HETATM 982  O O4  . SO4 B 2 .   ? 4.136   3.577   15.374  1.00 97.52 ? 402 SO4 A O4  1 
HETATM 983  O O89 . RR1 C 3 .   ? -15.934 -2.288  0.805   1.00 27.01 ? 401 RR1 A O89 1 
HETATM 984  O O90 . RR1 C 3 .   ? -17.408 -3.243  2.332   1.00 25.28 ? 401 RR1 A O90 1 
HETATM 985  O O92 . RR1 C 3 .   ? -17.871 -1.164  1.393   1.00 28.14 ? 401 RR1 A O92 1 
HETATM 986  S S85 . RR1 C 3 .   ? -16.841 -2.018  1.862   1.00 27.11 ? 401 RR1 A S85 1 
HETATM 987  C C10 . RR1 C 3 .   ? -15.938 -1.192  3.290   1.00 25.97 ? 401 RR1 A C10 1 
HETATM 988  C C11 . RR1 C 3 .   ? -16.395 0.047   3.801   1.00 27.50 ? 401 RR1 A C11 1 
HETATM 989  C C12 . RR1 C 3 .   ? -15.710 0.664   4.874   1.00 27.23 ? 401 RR1 A C12 1 
HETATM 990  C C13 . RR1 C 3 .   ? -14.573 0.046   5.438   1.00 27.03 ? 401 RR1 A C13 1 
HETATM 991  C C14 . RR1 C 3 .   ? -14.111 -1.195  4.927   1.00 25.24 ? 401 RR1 A C14 1 
HETATM 992  C C4  . RR1 C 3 .   ? -14.795 -1.818  3.851   1.00 24.49 ? 401 RR1 A C4  1 
HETATM 993  C C5  . RR1 C 3 .   ? -13.552 -5.729  2.334   1.00 19.93 ? 401 RR1 A C5  1 
HETATM 994  C C3  . RR1 C 3 .   ? -12.788 -4.898  3.167   1.00 20.30 ? 401 RR1 A C3  1 
HETATM 995  C C9  . RR1 C 3 .   ? -11.446 -5.224  3.426   1.00 18.33 ? 401 RR1 A C9  1 
HETATM 996  C C8  . RR1 C 3 .   ? -10.846 -6.351  2.888   1.00 16.13 ? 401 RR1 A C8  1 
HETATM 997  C C7  . RR1 C 3 .   ? -11.587 -7.191  2.052   1.00 18.48 ? 401 RR1 A C7  1 
HETATM 998  C C6  . RR1 C 3 .   ? -12.950 -6.885  1.763   1.00 18.50 ? 401 RR1 A C6  1 
HETATM 999  C C15 . RR1 C 3 .   ? -13.657 -7.687  0.923   1.00 18.26 ? 401 RR1 A C15 1 
HETATM 1000 C C16 . RR1 C 3 .   ? -13.071 -8.848  0.377   1.00 17.67 ? 401 RR1 A C16 1 
HETATM 1001 C C17 . RR1 C 3 .   ? -11.735 -9.135  0.678   1.00 18.75 ? 401 RR1 A C17 1 
HETATM 1002 C C18 . RR1 C 3 .   ? -10.994 -8.287  1.510   1.00 16.12 ? 401 RR1 A C18 1 
HETATM 1003 O O28 . RR1 C 3 .   ? -14.848 -5.397  2.082   1.00 20.46 ? 401 RR1 A O28 1 
HETATM 1004 O O37 . RR1 C 3 .   ? -10.339 -10.033 -1.151  1.00 23.49 ? 401 RR1 A O37 1 
HETATM 1005 O O38 . RR1 C 3 .   ? -11.751 -11.481 -0.656  1.00 26.66 ? 401 RR1 A O38 1 
HETATM 1006 O O41 . RR1 C 3 .   ? -9.834  -11.025 0.788   1.00 18.32 ? 401 RR1 A O41 1 
HETATM 1007 S S36 . RR1 C 3 .   ? -10.924 -10.573 0.023   1.00 18.24 ? 401 RR1 A S36 1 
HETATM 1008 O O39 . RR1 C 3 .   ? -11.108 -3.885  5.756   1.00 16.12 ? 401 RR1 A O39 1 
HETATM 1009 O O40 . RR1 C 3 .   ? -9.167  -4.678  4.691   1.00 16.34 ? 401 RR1 A O40 1 
HETATM 1010 O O42 . RR1 C 3 .   ? -10.314 -2.867  3.785   1.00 16.84 ? 401 RR1 A O42 1 
HETATM 1011 S S35 . RR1 C 3 .   ? -10.440 -4.094  4.500   1.00 17.36 ? 401 RR1 A S35 1 
HETATM 1012 N N1  . RR1 C 3 .   ? -14.310 -3.105  3.292   1.00 23.99 ? 401 RR1 A N1  1 
HETATM 1013 N N2  . RR1 C 3 .   ? -13.349 -3.662  3.772   1.00 22.01 ? 401 RR1 A N2  1 
HETATM 1014 N N19 . RR1 C 3 .   ? -15.016 -7.250  0.643   1.00 19.82 ? 401 RR1 A N19 1 
HETATM 1015 C C20 . RR1 C 3 .   ? -15.888 -7.752  -0.332  1.00 17.45 ? 401 RR1 A C20 1 
HETATM 1016 N N21 . RR1 C 3 .   ? -17.141 -7.155  -0.405  1.00 18.22 ? 401 RR1 A N21 1 
HETATM 1017 C C22 . RR1 C 3 .   ? -18.060 -7.535  -1.366  1.00 17.61 ? 401 RR1 A C22 1 
HETATM 1018 N N23 . RR1 C 3 .   ? -17.728 -8.558  -2.319  1.00 17.05 ? 401 RR1 A N23 1 
HETATM 1019 C C24 . RR1 C 3 .   ? -16.418 -9.189  -2.258  1.00 18.25 ? 401 RR1 A C24 1 
HETATM 1020 N N25 . RR1 C 3 .   ? -15.494 -8.776  -1.255  1.00 18.18 ? 401 RR1 A N25 1 
HETATM 1021 N NL1 . RR1 C 3 .   ? -16.043 -10.159 -3.180  1.00 18.08 ? 401 RR1 A NL1 1 
HETATM 1022 N NL2 . RR1 C 3 .   ? -19.295 -6.914  -1.389  1.00 17.72 ? 401 RR1 A NL2 1 
HETATM 1023 O O   . HOH D 4 .   ? -7.075  -12.659 -12.284 1.00 41.42 ? 201 HOH A O   1 
HETATM 1024 O O   . HOH D 4 .   ? -12.875 2.711   -3.019  1.00 22.72 ? 202 HOH A O   1 
HETATM 1025 O O   . HOH D 4 .   ? -15.495 -12.309 5.159   1.00 21.22 ? 203 HOH A O   1 
HETATM 1026 O O   . HOH D 4 .   ? -14.212 -1.882  8.319   1.00 34.59 ? 204 HOH A O   1 
HETATM 1027 O O   . HOH D 4 .   ? -18.103 -9.784  3.214   1.00 55.73 ? 205 HOH A O   1 
HETATM 1028 O O   . HOH D 4 .   ? 7.753   -14.766 7.676   1.00 47.78 ? 206 HOH A O   1 
HETATM 1029 O O   . HOH D 4 .   ? -13.129 -8.095  -13.154 1.00 27.31 ? 207 HOH A O   1 
HETATM 1030 O O   . HOH D 4 .   ? -0.731  -0.352  -9.080  1.00 30.92 ? 208 HOH A O   1 
HETATM 1031 O O   . HOH D 4 .   ? -7.344  -5.857  -9.520  1.00 27.46 ? 209 HOH A O   1 
HETATM 1032 O O   . HOH D 4 .   ? -12.273 -15.040 -5.698  1.00 16.71 ? 210 HOH A O   1 
HETATM 1033 O O   . HOH D 4 .   ? -8.518  -0.042  -8.375  1.00 37.61 ? 211 HOH A O   1 
HETATM 1034 O O   . HOH D 4 .   ? -5.966  -16.011 3.968   1.00 12.90 ? 212 HOH A O   1 
HETATM 1035 O O   . HOH D 4 .   ? -4.402  -13.201 -3.667  1.00 17.24 ? 213 HOH A O   1 
HETATM 1036 O O   . HOH D 4 .   ? 9.021   -13.969 -5.044  1.00 49.11 ? 214 HOH A O   1 
HETATM 1037 O O   . HOH D 4 .   ? 5.943   5.908   -11.797 1.00 46.48 ? 215 HOH A O   1 
HETATM 1038 O O   . HOH D 4 .   ? 8.125   -20.885 4.177   1.00 60.78 ? 216 HOH A O   1 
HETATM 1039 O O   . HOH D 4 .   ? 10.289  -9.160  1.886   1.00 26.98 ? 217 HOH A O   1 
HETATM 1040 O O   . HOH D 4 .   ? -9.802  10.212  3.444   1.00 41.42 ? 218 HOH A O   1 
HETATM 1041 O O   . HOH D 4 .   ? 7.002   10.467  8.774   1.00 41.83 ? 219 HOH A O   1 
HETATM 1042 O O   . HOH D 4 .   ? -14.193 4.555   5.476   1.00 31.79 ? 220 HOH A O   1 
HETATM 1043 O O   . HOH D 4 .   ? -10.328 -3.121  -10.738 1.00 58.77 ? 221 HOH A O   1 
HETATM 1044 O O   . HOH D 4 .   ? -6.961  -6.066  -12.179 1.00 53.87 ? 222 HOH A O   1 
HETATM 1045 O O   . HOH D 4 .   ? -22.531 -1.784  3.386   1.00 47.05 ? 223 HOH A O   1 
HETATM 1046 O O   . HOH D 4 .   ? -3.623  -7.947  14.357  1.00 51.13 ? 224 HOH A O   1 
HETATM 1047 O O   . HOH D 4 .   ? -7.714  7.346   5.398   1.00 28.37 ? 225 HOH A O   1 
HETATM 1048 O O   . HOH D 4 .   ? -10.958 7.794   4.197   1.00 38.53 ? 226 HOH A O   1 
HETATM 1049 O O   . HOH D 4 .   ? 1.044   -4.878  -9.762  1.00 42.90 ? 227 HOH A O   1 
HETATM 1050 O O   . HOH D 4 .   ? 1.849   0.285   13.883  1.00 47.19 ? 228 HOH A O   1 
HETATM 1051 O O   . HOH D 4 .   ? -1.636  -14.226 9.737   1.00 18.97 ? 229 HOH A O   1 
HETATM 1052 O O   . HOH D 4 .   ? -8.516  -14.879 8.074   1.00 18.12 ? 230 HOH A O   1 
HETATM 1053 O O   . HOH D 4 .   ? -2.262  0.371   -11.129 1.00 47.47 ? 231 HOH A O   1 
HETATM 1054 O O   . HOH D 4 .   ? -9.001  -6.839  10.796  1.00 24.05 ? 232 HOH A O   1 
HETATM 1055 O O   . HOH D 4 .   ? -10.723 -13.876 6.138   1.00 20.14 ? 233 HOH A O   1 
HETATM 1056 O O   . HOH D 4 .   ? -13.844 -3.618  -4.799  1.00 17.54 ? 234 HOH A O   1 
HETATM 1057 O O   . HOH D 4 .   ? 8.538   19.212  -5.904  1.00 40.86 ? 235 HOH A O   1 
HETATM 1058 O O   . HOH D 4 .   ? -14.842 4.461   -1.512  1.00 34.82 ? 236 HOH A O   1 
HETATM 1059 O O   . HOH D 4 .   ? -14.591 -15.034 5.053   1.00 26.13 ? 237 HOH A O   1 
HETATM 1060 O O   . HOH D 4 .   ? 6.720   -9.028  9.624   1.00 28.89 ? 238 HOH A O   1 
HETATM 1061 O O   . HOH D 4 .   ? -0.221  4.946   13.419  1.00 41.98 ? 239 HOH A O   1 
HETATM 1062 O O   . HOH D 4 .   ? 17.765  11.382  -4.746  1.00 44.00 ? 240 HOH A O   1 
HETATM 1063 O O   . HOH D 4 .   ? 5.536   -13.956 -12.741 1.00 42.55 ? 241 HOH A O   1 
HETATM 1064 O O   . HOH D 4 .   ? -8.332  4.863   -7.293  1.00 37.16 ? 242 HOH A O   1 
HETATM 1065 O O   . HOH D 4 .   ? -18.004 -5.868  1.733   1.00 25.40 ? 243 HOH A O   1 
HETATM 1066 O O   . HOH D 4 .   ? -3.204  14.730  -0.143  1.00 55.12 ? 244 HOH A O   1 
HETATM 1067 O O   . HOH D 4 .   ? 0.250   -12.912 -10.422 1.00 38.46 ? 245 HOH A O   1 
HETATM 1068 O O   . HOH D 4 .   ? 6.654   -1.069  10.808  1.00 42.58 ? 246 HOH A O   1 
HETATM 1069 O O   . HOH D 4 .   ? 9.894   -3.917  -2.332  1.00 29.25 ? 247 HOH A O   1 
HETATM 1070 O O   . HOH D 4 .   ? 9.353   1.502   10.518  1.00 49.97 ? 248 HOH A O   1 
HETATM 1071 O O   . HOH D 4 .   ? -12.097 0.121   8.071   1.00 18.80 ? 249 HOH A O   1 
HETATM 1072 O O   . HOH D 4 .   ? -1.924  -11.492 -8.974  1.00 32.97 ? 250 HOH A O   1 
HETATM 1073 O O   . HOH D 4 .   ? -16.675 4.223   5.539   1.00 51.83 ? 251 HOH A O   1 
HETATM 1074 O O   . HOH D 4 .   ? -6.436  12.671  -4.663  1.00 42.28 ? 252 HOH A O   1 
HETATM 1075 O O   . HOH D 4 .   ? 13.221  2.092   -7.684  1.00 68.23 ? 253 HOH A O   1 
HETATM 1076 O O   . HOH D 4 .   ? 7.322   -7.213  7.900   1.00 20.84 ? 254 HOH A O   1 
HETATM 1077 O O   . HOH D 4 .   ? 13.894  0.341   -5.928  1.00 51.30 ? 255 HOH A O   1 
HETATM 1078 O O   . HOH D 4 .   ? 8.323   -0.099  -7.640  1.00 37.13 ? 256 HOH A O   1 
HETATM 1079 O O   . HOH D 4 .   ? 15.729  9.530   -4.136  1.00 35.28 ? 257 HOH A O   1 
HETATM 1080 O O   . HOH D 4 .   ? 6.290   -18.939 0.490   1.00 47.57 ? 258 HOH A O   1 
HETATM 1081 O O   . HOH D 4 .   ? 5.850   -18.098 -2.034  1.00 49.54 ? 259 HOH A O   1 
HETATM 1082 O O   . HOH D 4 .   ? 1.215   -15.384 -3.596  1.00 32.91 ? 260 HOH A O   1 
HETATM 1083 O O   . HOH D 4 .   ? -5.080  6.322   11.177  1.00 29.49 ? 261 HOH A O   1 
HETATM 1084 O O   . HOH D 4 .   ? -6.212  8.856   11.853  1.00 48.25 ? 262 HOH A O   1 
HETATM 1085 O O   . HOH D 4 .   ? 3.709   -1.167  14.828  1.00 66.77 ? 263 HOH A O   1 
HETATM 1086 O O   . HOH D 4 .   ? 9.024   4.522   12.192  1.00 53.07 ? 264 HOH A O   1 
HETATM 1087 O O   . HOH D 4 .   ? -5.444  8.989   3.433   1.00 33.67 ? 265 HOH A O   1 
HETATM 1088 O O   . HOH D 4 .   ? -8.351  6.952   7.894   1.00 39.39 ? 266 HOH A O   1 
HETATM 1089 O O   . HOH D 4 .   ? -13.134 -10.890 -3.073  1.00 17.69 ? 267 HOH A O   1 
HETATM 1090 O O   . HOH D 4 .   ? -4.108  -6.521  -9.572  1.00 27.59 ? 268 HOH A O   1 
HETATM 1091 O O   . HOH D 4 .   ? 1.698   0.010   -10.143 1.00 38.01 ? 269 HOH A O   1 
HETATM 1092 O O   . HOH D 4 .   ? -5.404  -11.386 10.118  1.00 31.76 ? 270 HOH A O   1 
HETATM 1093 O O   . HOH D 4 .   ? -6.240  -9.807  12.227  1.00 24.45 ? 271 HOH A O   1 
HETATM 1094 O O   . HOH D 4 .   ? -7.878  -7.071  13.994  1.00 30.77 ? 272 HOH A O   1 
HETATM 1095 O O   . HOH D 4 .   ? -16.294 -8.079  4.143   1.00 37.70 ? 273 HOH A O   1 
HETATM 1096 O O   . HOH D 4 .   ? -7.448  0.892   17.403  1.00 38.14 ? 274 HOH A O   1 
HETATM 1097 O O   . HOH D 4 .   ? -6.187  3.683   15.400  1.00 29.64 ? 275 HOH A O   1 
HETATM 1098 O O   . HOH D 4 .   ? -8.052  4.774   12.638  1.00 44.56 ? 276 HOH A O   1 
HETATM 1099 O O   . HOH D 4 .   ? 5.554   -6.475  11.400  1.00 40.66 ? 277 HOH A O   1 
HETATM 1100 O O   . HOH D 4 .   ? -5.080  -6.388  15.678  1.00 37.61 ? 278 HOH A O   1 
HETATM 1101 O O   . HOH D 4 .   ? -17.089 3.755   3.010   1.00 35.40 ? 279 HOH A O   1 
HETATM 1102 O O   . HOH D 4 .   ? -20.203 1.043   4.345   1.00 54.34 ? 280 HOH A O   1 
HETATM 1103 O O   . HOH D 4 .   ? -16.259 2.223   7.915   1.00 58.92 ? 281 HOH A O   1 
HETATM 1104 O O   . HOH D 4 .   ? -11.537 8.092   7.627   1.00 57.11 ? 282 HOH A O   1 
HETATM 1105 O O   . HOH D 4 .   ? -0.450  -6.558  -11.347 1.00 38.85 ? 283 HOH A O   1 
HETATM 1106 O O   . HOH D 4 .   ? 0.245   2.180   13.663  1.00 45.49 ? 284 HOH A O   1 
HETATM 1107 O O   . HOH D 4 .   ? -2.685  4.854   -12.131 1.00 38.47 ? 285 HOH A O   1 
HETATM 1108 O O   . HOH D 4 .   ? -14.596 -1.430  -6.605  1.00 53.66 ? 286 HOH A O   1 
HETATM 1109 O O   . HOH D 4 .   ? -11.470 -3.633  -7.608  1.00 26.83 ? 287 HOH A O   1 
HETATM 1110 O O   . HOH D 4 .   ? -14.006 -3.428  -8.024  1.00 30.60 ? 288 HOH A O   1 
HETATM 1111 O O   . HOH D 4 .   ? -15.279 4.550   1.275   1.00 32.69 ? 289 HOH A O   1 
HETATM 1112 O O   . HOH D 4 .   ? 3.946   -6.992  13.390  1.00 54.21 ? 290 HOH A O   1 
HETATM 1113 O O   . HOH D 4 .   ? 10.582  -6.420  7.795   1.00 37.34 ? 291 HOH A O   1 
HETATM 1114 O O   . HOH D 4 .   ? 19.269  13.735  -3.872  1.00 37.06 ? 292 HOH A O   1 
HETATM 1115 O O   . HOH D 4 .   ? -1.245  -16.813 7.915   1.00 31.38 ? 293 HOH A O   1 
HETATM 1116 O O   . HOH D 4 .   ? -10.949 3.769   -7.880  1.00 34.70 ? 294 HOH A O   1 
HETATM 1117 O O   . HOH D 4 .   ? 11.741  -8.707  4.003   1.00 37.04 ? 295 HOH A O   1 
HETATM 1118 O O   . HOH D 4 .   ? -11.439 0.417   10.812  1.00 35.23 ? 296 HOH A O   1 
HETATM 1119 O O   . HOH D 4 .   ? 5.527   -2.507  12.900  1.00 58.09 ? 297 HOH A O   1 
HETATM 1120 O O   . HOH D 4 .   ? 10.777  -0.910  -6.479  1.00 41.04 ? 298 HOH A O   1 
HETATM 1121 O O   . HOH D 4 .   ? -3.582  -12.208 -11.023 1.00 49.46 ? 299 HOH A O   1 
HETATM 1122 O O   . HOH D 4 .   ? 13.703  1.611   -3.618  1.00 52.41 ? 300 HOH A O   1 
HETATM 1123 O O   . HOH D 4 .   ? 7.641   -16.818 -0.356  1.00 55.75 ? 301 HOH A O   1 
HETATM 1124 O O   . HOH D 4 .   ? -6.198  5.462   8.953   1.00 28.52 ? 302 HOH A O   1 
HETATM 1125 O O   . HOH D 4 .   ? -4.923  5.587   14.036  1.00 39.26 ? 303 HOH A O   1 
HETATM 1126 O O   . HOH D 4 .   ? -14.535 -12.790 1.050   1.00 30.00 ? 304 HOH A O   1 
HETATM 1127 O O   . HOH D 4 .   ? 10.079  -14.238 6.619   1.00 47.14 ? 305 HOH A O   1 
HETATM 1128 O O   . HOH D 4 .   ? 9.847   -12.731 -2.069  1.00 38.31 ? 306 HOH A O   1 
HETATM 1129 O O   . HOH D 4 .   ? 4.176   -11.609 -12.525 1.00 53.54 ? 307 HOH A O   1 
HETATM 1130 O O   . HOH D 4 .   ? 1.414   12.717  2.850   1.00 61.35 ? 308 HOH A O   1 
HETATM 1131 O O   . HOH D 4 .   ? -6.080  -8.717  -11.904 1.00 49.45 ? 309 HOH A O   1 
HETATM 1132 O O   . HOH D 4 .   ? -12.434 2.670   -6.042  1.00 34.40 ? 310 HOH A O   1 
HETATM 1133 O O   . HOH D 4 .   ? -12.281 0.088   -6.229  1.00 33.00 ? 311 HOH A O   1 
HETATM 1134 O O   . HOH D 4 .   ? -7.432  4.865   -9.815  1.00 53.23 ? 312 HOH A O   1 
HETATM 1135 O O   . HOH D 4 .   ? -12.906 3.709   1.732   1.00 34.51 ? 313 HOH A O   1 
HETATM 1136 O O   . HOH D 4 .   ? -17.611 -13.479 6.622   1.00 45.80 ? 314 HOH A O   1 
HETATM 1137 O O   . HOH D 4 .   ? -15.979 -10.756 1.755   1.00 41.53 ? 315 HOH A O   1 
HETATM 1138 O O   . HOH D 4 .   ? -14.899 -2.419  10.596  1.00 44.23 ? 316 HOH A O   1 
HETATM 1139 O O   . HOH D 4 .   ? -19.421 -9.896  0.706   1.00 52.66 ? 317 HOH A O   1 
HETATM 1140 O O   . HOH D 4 .   ? 7.989   -13.307 9.870   1.00 69.75 ? 318 HOH A O   1 
HETATM 1141 O O   . HOH D 4 .   ? 8.612   -18.626 6.902   1.00 45.18 ? 319 HOH A O   1 
HETATM 1142 O O   . HOH D 4 .   ? 4.892   -17.924 7.498   1.00 29.30 ? 320 HOH A O   1 
HETATM 1143 O O   . HOH D 4 .   ? -3.616  -8.575  -11.196 1.00 51.02 ? 321 HOH A O   1 
HETATM 1144 O O   . HOH D 4 .   ? -5.449  -0.657  -9.835  1.00 44.20 ? 322 HOH A O   1 
HETATM 1145 O O   . HOH D 4 .   ? 8.258   -20.195 1.664   1.00 48.55 ? 323 HOH A O   1 
HETATM 1146 O O   . HOH D 4 .   ? 5.128   -21.001 11.573  1.00 48.96 ? 324 HOH A O   1 
HETATM 1147 O O   . HOH D 4 .   ? 10.921  -8.369  6.281   1.00 73.30 ? 325 HOH A O   1 
HETATM 1148 O O   . HOH D 4 .   ? 12.097  -5.396  -2.224  1.00 49.36 ? 326 HOH A O   1 
HETATM 1149 O O   . HOH D 4 .   ? -7.460  10.261  4.299   1.00 44.21 ? 327 HOH A O   1 
HETATM 1150 O O   . HOH D 4 .   ? -11.755 5.365   4.065   1.00 38.69 ? 328 HOH A O   1 
HETATM 1151 O O   . HOH D 4 .   ? 9.336   11.269  7.919   1.00 45.00 ? 329 HOH A O   1 
HETATM 1152 O O   . HOH D 4 .   ? 8.058   12.209  5.904   1.00 49.42 ? 330 HOH A O   1 
HETATM 1153 O O   . HOH D 4 .   ? -13.668 2.570   7.596   1.00 38.48 ? 331 HOH A O   1 
HETATM 1154 O O   . HOH D 4 .   ? -10.804 6.269   9.327   1.00 57.98 ? 332 HOH A O   1 
HETATM 1155 O O   . HOH D 4 .   ? -11.618 -2.729  -14.119 1.00 62.22 ? 333 HOH A O   1 
HETATM 1156 O O   . HOH D 4 .   ? -11.335 -4.943  -15.409 1.00 55.07 ? 334 HOH A O   1 
HETATM 1157 O O   . HOH D 4 .   ? -22.992 -4.320  2.869   1.00 56.68 ? 335 HOH A O   1 
HETATM 1158 O O   . HOH D 4 .   ? -20.074 -1.509  3.948   1.00 55.55 ? 336 HOH A O   1 
HETATM 1159 O O   . HOH D 4 .   ? 5.492   -6.381  -9.376  1.00 40.55 ? 337 HOH A O   1 
HETATM 1160 O O   . HOH D 4 .   ? 8.210   -6.902  -9.125  1.00 46.15 ? 338 HOH A O   1 
HETATM 1161 O O   . HOH D 4 .   ? 8.218   20.347  -3.656  1.00 49.13 ? 339 HOH A O   1 
HETATM 1162 O O   . HOH D 4 .   ? -15.794 -14.812 1.844   1.00 66.18 ? 340 HOH A O   1 
HETATM 1163 O O   . HOH D 4 .   ? -2.298  4.843   14.963  1.00 55.38 ? 341 HOH A O   1 
HETATM 1164 O O   . HOH D 4 .   ? 4.111   -16.640 -13.096 1.00 54.77 ? 342 HOH A O   1 
HETATM 1165 O O   . HOH D 4 .   ? -3.112  10.805  4.189   1.00 39.45 ? 343 HOH A O   1 
HETATM 1166 O O   . HOH D 4 .   ? -4.685  13.711  -1.897  1.00 48.79 ? 344 HOH A O   1 
HETATM 1167 O O   . HOH D 4 .   ? -3.089  -14.251 -12.533 1.00 50.67 ? 345 HOH A O   1 
HETATM 1168 O O   . HOH D 4 .   ? -11.198 2.938   11.787  1.00 42.95 ? 346 HOH A O   1 
HETATM 1169 O O   . HOH D 4 .   ? -11.137 0.870   14.738  1.00 46.11 ? 347 HOH A O   1 
HETATM 1170 O O   . HOH D 4 .   ? -11.624 -1.781  14.196  1.00 41.27 ? 348 HOH A O   1 
HETATM 1171 O O   . HOH D 4 .   ? -13.012 -1.300  12.199  1.00 48.71 ? 349 HOH A O   1 
HETATM 1172 O O   . HOH D 4 .   ? -5.647  15.767  -4.222  1.00 53.86 ? 350 HOH A O   1 
HETATM 1173 O O   . HOH D 4 .   ? -2.899  15.952  -5.119  1.00 61.89 ? 351 HOH A O   1 
HETATM 1174 O O   . HOH D 4 .   ? 9.228   4.228   -7.837  1.00 48.98 ? 352 HOH A O   1 
HETATM 1175 O O   . HOH D 4 .   ? 8.067   -21.455 -1.490  1.00 56.44 ? 353 HOH A O   1 
HETATM 1176 O O   . HOH D 4 .   ? -13.008 3.573   9.853   1.00 51.33 ? 354 HOH A O   1 
HETATM 1177 O O   . HOH D 4 .   ? 12.528  2.890   -1.772  1.00 48.96 ? 355 HOH A O   1 
HETATM 1178 O O   . HOH D 4 .   ? -9.142  -2.545  -8.584  1.00 74.47 ? 356 HOH A O   1 
HETATM 1179 O O   . HOH D 4 .   ? 14.278  4.887   -1.186  1.00 48.01 ? 357 HOH A O   1 
HETATM 1180 O O   . HOH D 4 .   ? 5.246   3.453   -13.258 1.00 45.76 ? 358 HOH A O   1 
HETATM 1181 O O   . HOH D 4 .   ? -11.885 5.855   -9.145  1.00 42.99 ? 359 HOH A O   1 
HETATM 1182 O O   . HOH D 4 .   ? 9.185   -4.967  9.767   1.00 46.63 ? 360 HOH A O   1 
HETATM 1183 O O   . HOH D 4 .   ? 5.117   13.993  5.946   1.00 40.15 ? 361 HOH A O   1 
HETATM 1184 O O   . HOH D 4 .   ? 10.177  21.864  -4.102  1.00 56.95 ? 362 HOH A O   1 
HETATM 1185 O O   . HOH D 4 .   ? -4.353  18.797  -5.537  1.00 57.00 ? 363 HOH A O   1 
HETATM 1186 O O   . HOH D 4 .   ? -2.197  16.476  -7.583  1.00 51.44 ? 364 HOH A O   1 
# 
